data_8Y5H
#
_entry.id   8Y5H
#
_cell.length_a   1.00
_cell.length_b   1.00
_cell.length_c   1.00
_cell.angle_alpha   90.00
_cell.angle_beta   90.00
_cell.angle_gamma   90.00
#
_symmetry.space_group_name_H-M   'P 1'
#
loop_
_entity.id
_entity.type
_entity.pdbx_description
1 polymer 'Spermidine/putrescine import ATP-binding protein PotA'
2 polymer 'Spermidine/putrescine ABC transporter membrane protein'
3 polymer 'Spermidine/putrescine transport system permease protein PotC'
4 polymer 'Spermidine/putrescine-binding periplasmic protein'
5 non-polymer SPERMIDINE
6 water water
#
loop_
_entity_poly.entity_id
_entity_poly.type
_entity_poly.pdbx_seq_one_letter_code
_entity_poly.pdbx_strand_id
1 'polypeptide(L)'
;MGQSKKLNKQPSSLSPLVQLAGIRKCFDGKEVIPQLDLTINNGEFLTLLGPSGCGKTTVLRLIAGLETVDSGRIMLDNED
ITHVPAENRYVNTVFQSYALFPHMTVFENVAFGLRMQKTPAAEITPRVMEALRMVQLETFAQRKPHQLSGGQQQRVAIAR
AVVNKPRLLLLDQSLSALDYKLRKQMQNELKALQRKLGITFVFVTHDQEEALTMSDRIVVMRDGRIEQDGTPREIYEEPK
NLFVAGFIGEINMFNATVIERLDEQRVRANVEGRECNIYVNFAVEPGQKLHVLLRPEDLRVEEINDDNHAEGLIGYVRER
NYKGMTLESVVELENGKMVMVSEFFNEDDPDFDHSLDQKMAINWVESWEVVLADEEHK
;
A,D
2 'polypeptide(L)'
;MKNTSKFQNVVIVTIVGWLVLFVFLPNLMIIGTSFLTRDDASFVKMVFTLDNYTRLLDPLYFEVLLHSLNMALIATLACL
VLGYPFAWFLAKLPHKVRPLLLFLLIVPFWTNSLIRIYGLKIFLSTKGYLNEFLLWLGVIDTPIRIMFTPSAVIIGLVYI
LLPFMVMPLYSSIEKLDKPLLEAARDLGASKLQTFIRIIIPLTMPGIIAGCLLVMLPAMGLFYVSDLMGGAKNLLIGNVI
KVQFLNIRDWPFGAATSITLTIVMGLMLLVYWRASRLLNKKVELE
;
B
3 'polypeptide(L)'
;MIGRLLRGGFMTAIYAYLYIPIIILIVNSFNSSRFGINWQGFTTKWYSLLMNNDSLLQAAQHSLTMAVFSATFATLIGSL
TAVALYRYRFRGKPFVSGMLFVVMMSPDIVMAISLLVLFMLLGIQLGFWSLLFSHITFCLPFVVVTVYSRLKGFDVRMLE
AAKDLGASEFTILRKIILPLAMPAVAAGWVLSFTLSMDDVVVSSFVTGPSYEILPLKIYSMVKVGVSPEVNALATILLVL
SLVMVIASQLIARDKTKGNTGDVK
;
C
4 'polypeptide(L)'
;MKKWSRHLLAAGALALGMSAAHADDNNTLYFYNWTEYVPPGLLEQFTKETGIKVIYSTYESNETMYAKLKTYKDGAYDLV
VPSTYYVDKMRKEGMIQKIDKSKLTNFSNLDPDMLNKPFDPNNDYSIPYIWGATAIGVNGDAVDPKSVTSWADLWKPEYK
GSLLLTDDAREVFQMALRKLGYSGNTTDPKEIEAAYNELKKLMPNVAAFNSDNPANPYMEGEVNLGMIWNGSAFVARQAG
TPIDVVWPKEGGIFWMDSLAIPANAKNKEGALKLINFLLRPDVAKQVAETIGYPTPNLAARKLLSPEVANDKTLYPDAET
IKNGEWQNDVGAASSIYEEYYQKLKAGR
;
E
#
loop_
_chem_comp.id
_chem_comp.type
_chem_comp.name
_chem_comp.formula
SPD non-polymer SPERMIDINE 'C7 H19 N3'
#
# COMPACT_ATOMS: atom_id res chain seq x y z
N SER A 15 46.36 -29.27 -2.19
CA SER A 15 46.87 -28.11 -2.90
C SER A 15 46.09 -26.85 -2.52
N PRO A 16 46.82 -25.81 -2.10
CA PRO A 16 46.15 -24.59 -1.64
C PRO A 16 45.39 -23.89 -2.76
N LEU A 17 44.15 -23.51 -2.47
CA LEU A 17 43.38 -22.63 -3.36
C LEU A 17 42.93 -21.36 -2.68
N VAL A 18 42.33 -21.45 -1.50
CA VAL A 18 41.91 -20.29 -0.72
C VAL A 18 42.55 -20.39 0.65
N GLN A 19 43.07 -19.28 1.15
CA GLN A 19 43.73 -19.25 2.45
C GLN A 19 43.26 -18.04 3.23
N LEU A 20 42.55 -18.27 4.32
CA LEU A 20 42.15 -17.24 5.25
C LEU A 20 43.13 -17.24 6.42
N ALA A 21 43.87 -16.15 6.59
CA ALA A 21 44.90 -16.05 7.62
C ALA A 21 44.64 -14.81 8.46
N GLY A 22 43.95 -15.00 9.58
CA GLY A 22 43.76 -13.91 10.51
C GLY A 22 42.68 -12.92 10.14
N ILE A 23 41.48 -13.40 9.81
CA ILE A 23 40.40 -12.51 9.43
C ILE A 23 39.69 -11.98 10.66
N ARG A 24 39.36 -10.69 10.65
CA ARG A 24 38.70 -10.00 11.75
C ARG A 24 37.57 -9.16 11.18
N LYS A 25 36.39 -9.25 11.78
CA LYS A 25 35.23 -8.54 11.23
C LYS A 25 34.26 -8.19 12.34
N CYS A 26 33.76 -6.95 12.32
CA CYS A 26 32.77 -6.47 13.28
C CYS A 26 31.65 -5.78 12.53
N PHE A 27 30.43 -5.87 13.07
CA PHE A 27 29.27 -5.24 12.43
C PHE A 27 28.38 -4.65 13.52
N ASP A 28 28.09 -3.36 13.40
CA ASP A 28 27.29 -2.63 14.38
C ASP A 28 27.89 -2.79 15.78
N GLY A 29 29.19 -2.59 15.89
CA GLY A 29 29.87 -2.62 17.16
C GLY A 29 29.93 -3.97 17.85
N LYS A 30 29.52 -5.04 17.17
CA LYS A 30 29.57 -6.38 17.74
C LYS A 30 30.58 -7.21 16.96
N GLU A 31 31.30 -8.06 17.65
CA GLU A 31 32.34 -8.90 17.05
C GLU A 31 31.70 -10.19 16.58
N VAL A 32 31.69 -10.41 15.26
CA VAL A 32 31.06 -11.61 14.72
C VAL A 32 32.10 -12.68 14.41
N ILE A 33 33.24 -12.30 13.85
CA ILE A 33 34.31 -13.26 13.62
C ILE A 33 35.48 -12.86 14.51
N PRO A 34 35.68 -13.51 15.64
CA PRO A 34 36.80 -13.17 16.51
C PRO A 34 38.14 -13.32 15.81
N GLN A 35 38.46 -14.53 15.39
CA GLN A 35 39.76 -14.80 14.80
C GLN A 35 39.69 -16.16 14.13
N LEU A 36 39.88 -16.20 12.81
CA LEU A 36 39.61 -17.40 12.04
C LEU A 36 40.79 -17.71 11.15
N ASP A 37 41.29 -18.94 11.22
CA ASP A 37 42.33 -19.45 10.35
C ASP A 37 41.80 -20.70 9.67
N LEU A 38 41.85 -20.72 8.35
CA LEU A 38 41.22 -21.79 7.59
C LEU A 38 41.92 -21.93 6.26
N THR A 39 41.92 -23.14 5.73
CA THR A 39 42.52 -23.42 4.44
C THR A 39 41.56 -24.27 3.63
N ILE A 40 41.44 -23.94 2.34
CA ILE A 40 40.55 -24.65 1.42
C ILE A 40 41.40 -25.27 0.34
N ASN A 41 41.18 -26.56 0.09
CA ASN A 41 41.95 -27.27 -0.91
C ASN A 41 41.29 -27.18 -2.28
N ASN A 42 41.90 -27.82 -3.27
CA ASN A 42 41.40 -27.83 -4.63
C ASN A 42 40.83 -29.20 -4.96
N GLY A 43 39.64 -29.22 -5.53
CA GLY A 43 39.00 -30.44 -5.95
C GLY A 43 38.07 -31.08 -4.95
N GLU A 44 37.77 -30.40 -3.84
CA GLU A 44 37.06 -31.02 -2.74
C GLU A 44 35.68 -30.40 -2.60
N PHE A 45 34.97 -30.84 -1.55
CA PHE A 45 33.59 -30.45 -1.28
C PHE A 45 33.48 -30.16 0.21
N LEU A 46 33.46 -28.88 0.56
CA LEU A 46 33.54 -28.45 1.95
C LEU A 46 32.20 -27.91 2.40
N THR A 47 31.85 -28.16 3.65
CA THR A 47 30.59 -27.74 4.21
C THR A 47 30.83 -27.00 5.52
N LEU A 48 30.22 -25.83 5.66
CA LEU A 48 30.26 -25.06 6.89
C LEU A 48 28.90 -25.19 7.57
N LEU A 49 28.90 -25.66 8.81
CA LEU A 49 27.67 -26.02 9.50
C LEU A 49 27.65 -25.39 10.88
N GLY A 50 26.48 -25.01 11.35
CA GLY A 50 26.34 -24.43 12.67
C GLY A 50 24.93 -23.97 12.96
N PRO A 51 24.74 -23.39 14.14
CA PRO A 51 23.43 -22.84 14.48
C PRO A 51 23.15 -21.58 13.69
N SER A 52 21.90 -21.16 13.71
CA SER A 52 21.51 -19.95 13.00
C SER A 52 22.29 -18.76 13.53
N GLY A 53 22.84 -17.96 12.63
CA GLY A 53 23.57 -16.78 13.01
C GLY A 53 24.87 -17.01 13.73
N CYS A 54 25.66 -18.01 13.32
CA CYS A 54 27.00 -18.21 13.88
C CYS A 54 28.09 -17.63 12.99
N GLY A 55 27.74 -16.92 11.94
CA GLY A 55 28.70 -16.26 11.10
C GLY A 55 29.15 -16.99 9.86
N LYS A 56 28.50 -18.08 9.49
CA LYS A 56 28.82 -18.74 8.23
C LYS A 56 28.57 -17.80 7.06
N THR A 57 27.43 -17.10 7.09
CA THR A 57 27.05 -16.23 6.00
C THR A 57 28.08 -15.14 5.79
N THR A 58 28.60 -14.57 6.87
CA THR A 58 29.58 -13.51 6.75
C THR A 58 30.87 -14.03 6.14
N VAL A 59 31.30 -15.25 6.50
CA VAL A 59 32.50 -15.83 5.89
C VAL A 59 32.29 -16.00 4.39
N LEU A 60 31.13 -16.53 4.02
CA LEU A 60 30.83 -16.75 2.61
C LEU A 60 30.85 -15.43 1.84
N ARG A 61 30.28 -14.38 2.44
CA ARG A 61 30.27 -13.09 1.78
C ARG A 61 31.67 -12.50 1.66
N LEU A 62 32.48 -12.67 2.70
CA LEU A 62 33.86 -12.17 2.64
C LEU A 62 34.63 -12.83 1.52
N ILE A 63 34.46 -14.13 1.35
CA ILE A 63 35.11 -14.79 0.21
C ILE A 63 34.57 -14.23 -1.09
N ALA A 64 33.24 -14.10 -1.20
CA ALA A 64 32.63 -13.71 -2.46
C ALA A 64 33.03 -12.32 -2.91
N GLY A 65 33.09 -11.36 -1.99
CA GLY A 65 33.45 -10.00 -2.31
C GLY A 65 32.41 -8.97 -1.98
N LEU A 66 31.32 -9.34 -1.32
CA LEU A 66 30.25 -8.42 -0.99
C LEU A 66 30.46 -7.71 0.35
N GLU A 67 31.54 -8.02 1.06
CA GLU A 67 31.93 -7.31 2.26
C GLU A 67 33.45 -7.34 2.36
N THR A 68 34.00 -6.35 3.07
CA THR A 68 35.44 -6.19 3.16
C THR A 68 35.91 -6.37 4.60
N VAL A 69 37.10 -6.92 4.74
CA VAL A 69 37.63 -7.31 6.05
C VAL A 69 38.19 -6.10 6.75
N ASP A 70 38.52 -6.27 8.04
CA ASP A 70 39.18 -5.23 8.81
C ASP A 70 40.66 -5.51 9.02
N SER A 71 41.05 -6.73 9.34
CA SER A 71 42.46 -7.08 9.43
C SER A 71 42.64 -8.52 8.96
N GLY A 72 43.73 -8.75 8.25
CA GLY A 72 44.03 -10.06 7.70
C GLY A 72 44.02 -10.04 6.19
N ARG A 73 44.47 -11.15 5.61
CA ARG A 73 44.59 -11.25 4.16
C ARG A 73 43.95 -12.54 3.67
N ILE A 74 43.35 -12.48 2.48
CA ILE A 74 42.67 -13.60 1.85
C ILE A 74 43.39 -13.88 0.53
N MET A 75 43.78 -15.12 0.32
CA MET A 75 44.68 -15.46 -0.76
C MET A 75 44.05 -16.47 -1.70
N LEU A 76 44.26 -16.25 -2.99
CA LEU A 76 43.71 -17.11 -4.05
C LEU A 76 44.81 -17.39 -5.05
N ASP A 77 45.35 -18.60 -5.02
CA ASP A 77 46.41 -19.03 -5.93
C ASP A 77 47.63 -18.12 -5.85
N ASN A 78 48.08 -17.85 -4.62
CA ASN A 78 49.29 -17.09 -4.36
C ASN A 78 49.20 -15.66 -4.87
N GLU A 79 47.99 -15.11 -4.95
CA GLU A 79 47.77 -13.72 -5.30
C GLU A 79 46.84 -13.10 -4.28
N ASP A 80 47.28 -12.00 -3.67
CA ASP A 80 46.47 -11.34 -2.66
C ASP A 80 45.25 -10.72 -3.32
N ILE A 81 44.06 -10.98 -2.76
CA ILE A 81 42.83 -10.49 -3.34
C ILE A 81 41.99 -9.79 -2.27
N THR A 82 42.64 -9.36 -1.18
CA THR A 82 41.89 -8.82 -0.07
C THR A 82 41.15 -7.55 -0.46
N HIS A 83 41.64 -6.83 -1.46
CA HIS A 83 41.01 -5.59 -1.90
C HIS A 83 40.76 -5.56 -3.40
N VAL A 84 40.53 -6.71 -4.01
CA VAL A 84 40.00 -6.77 -5.38
C VAL A 84 38.49 -6.86 -5.30
N PRO A 85 37.74 -5.99 -5.99
CA PRO A 85 36.29 -5.95 -5.80
C PRO A 85 35.61 -7.24 -6.23
N ALA A 86 34.31 -7.32 -5.98
CA ALA A 86 33.56 -8.52 -6.36
C ALA A 86 33.19 -8.45 -7.83
N GLU A 87 34.18 -8.13 -8.66
CA GLU A 87 33.98 -8.05 -10.09
C GLU A 87 35.16 -8.62 -10.86
N ASN A 88 36.30 -8.84 -10.21
CA ASN A 88 37.47 -9.40 -10.85
C ASN A 88 37.92 -10.72 -10.23
N ARG A 89 37.37 -11.09 -9.08
CA ARG A 89 37.64 -12.40 -8.52
C ARG A 89 37.03 -13.48 -9.39
N TYR A 90 37.65 -14.65 -9.38
CA TYR A 90 37.11 -15.80 -10.08
C TYR A 90 36.25 -16.66 -9.16
N VAL A 91 35.28 -16.03 -8.49
CA VAL A 91 34.38 -16.71 -7.57
C VAL A 91 32.95 -16.32 -7.94
N ASN A 92 32.06 -17.30 -7.96
CA ASN A 92 30.64 -17.08 -8.22
C ASN A 92 29.81 -17.68 -7.10
N THR A 93 28.59 -17.18 -6.93
CA THR A 93 27.78 -17.48 -5.77
C THR A 93 26.34 -17.79 -6.17
N VAL A 94 25.70 -18.68 -5.42
CA VAL A 94 24.28 -19.01 -5.58
C VAL A 94 23.57 -18.60 -4.30
N PHE A 95 22.49 -17.85 -4.44
CA PHE A 95 21.79 -17.25 -3.30
C PHE A 95 20.67 -18.16 -2.82
N GLN A 96 19.82 -17.61 -1.96
CA GLN A 96 18.80 -18.43 -1.31
C GLN A 96 17.41 -18.16 -1.84
N SER A 97 17.14 -16.94 -2.30
CA SER A 97 15.89 -16.61 -2.95
C SER A 97 15.99 -16.71 -4.47
N TYR A 98 17.10 -17.25 -4.97
CA TYR A 98 17.46 -17.51 -6.35
C TYR A 98 17.80 -16.24 -7.11
N ALA A 99 17.53 -15.05 -6.57
CA ALA A 99 17.97 -13.77 -7.14
C ALA A 99 17.90 -13.74 -8.65
N LEU A 100 16.70 -13.94 -9.18
CA LEU A 100 16.49 -14.01 -10.63
C LEU A 100 15.94 -12.69 -11.14
N PHE A 101 16.35 -12.32 -12.34
CA PHE A 101 15.78 -11.14 -12.98
C PHE A 101 14.46 -11.52 -13.64
N PRO A 102 13.34 -10.97 -13.21
CA PRO A 102 12.05 -11.47 -13.69
C PRO A 102 11.69 -11.04 -15.09
N HIS A 103 12.35 -10.02 -15.66
CA HIS A 103 11.98 -9.54 -16.98
C HIS A 103 12.78 -10.18 -18.11
N MET A 104 13.93 -10.75 -17.82
CA MET A 104 14.75 -11.38 -18.84
C MET A 104 14.35 -12.85 -19.00
N THR A 105 14.65 -13.40 -20.18
CA THR A 105 14.40 -14.80 -20.43
C THR A 105 15.50 -15.63 -19.77
N VAL A 106 15.31 -16.95 -19.72
CA VAL A 106 16.32 -17.83 -19.14
C VAL A 106 17.65 -17.65 -19.86
N PHE A 107 17.60 -17.52 -21.18
CA PHE A 107 18.81 -17.36 -21.97
C PHE A 107 19.58 -16.11 -21.56
N GLU A 108 18.85 -14.99 -21.39
CA GLU A 108 19.52 -13.76 -21.01
C GLU A 108 20.07 -13.84 -19.60
N ASN A 109 19.32 -14.50 -18.70
CA ASN A 109 19.81 -14.68 -17.34
C ASN A 109 21.16 -15.39 -17.35
N VAL A 110 21.29 -16.44 -18.16
CA VAL A 110 22.56 -17.16 -18.19
C VAL A 110 23.63 -16.34 -18.88
N ALA A 111 23.30 -15.66 -19.98
CA ALA A 111 24.30 -14.96 -20.78
C ALA A 111 24.73 -13.63 -20.19
N PHE A 112 24.08 -13.17 -19.12
CA PHE A 112 24.45 -11.90 -18.51
C PHE A 112 25.92 -11.85 -18.14
N GLY A 113 26.39 -12.88 -17.43
CA GLY A 113 27.77 -12.88 -16.98
C GLY A 113 28.75 -12.83 -18.12
N LEU A 114 28.45 -13.53 -19.21
CA LEU A 114 29.30 -13.47 -20.39
C LEU A 114 29.31 -12.08 -20.99
N ARG A 115 28.14 -11.45 -21.07
CA ARG A 115 28.08 -10.14 -21.69
C ARG A 115 28.86 -9.11 -20.89
N MET A 116 28.84 -9.22 -19.57
CA MET A 116 29.57 -8.24 -18.78
C MET A 116 31.09 -8.38 -18.89
N GLN A 117 31.59 -9.46 -19.49
CA GLN A 117 33.02 -9.68 -19.63
C GLN A 117 33.51 -9.49 -21.06
N LYS A 118 32.66 -8.97 -21.95
CA LYS A 118 33.03 -8.66 -23.33
C LYS A 118 33.45 -9.91 -24.11
N THR A 119 32.60 -10.91 -24.06
CA THR A 119 32.82 -12.11 -24.85
C THR A 119 32.46 -11.84 -26.32
N PRO A 120 33.23 -12.36 -27.27
CA PRO A 120 32.84 -12.22 -28.68
C PRO A 120 31.46 -12.80 -28.94
N ALA A 121 30.71 -12.13 -29.81
CA ALA A 121 29.32 -12.49 -30.02
C ALA A 121 29.15 -13.90 -30.58
N ALA A 122 30.15 -14.42 -31.29
CA ALA A 122 30.01 -15.74 -31.88
C ALA A 122 30.12 -16.87 -30.87
N GLU A 123 30.72 -16.62 -29.71
CA GLU A 123 30.97 -17.68 -28.74
C GLU A 123 29.90 -17.76 -27.65
N ILE A 124 28.90 -16.88 -27.68
CA ILE A 124 27.94 -16.83 -26.58
C ILE A 124 27.02 -18.04 -26.61
N THR A 125 26.33 -18.25 -27.73
CA THR A 125 25.23 -19.20 -27.76
C THR A 125 25.65 -20.64 -27.44
N PRO A 126 26.72 -21.19 -28.02
CA PRO A 126 27.08 -22.58 -27.67
C PRO A 126 27.37 -22.77 -26.18
N ARG A 127 28.06 -21.82 -25.55
CA ARG A 127 28.34 -21.95 -24.12
C ARG A 127 27.07 -21.90 -23.29
N VAL A 128 26.17 -20.99 -23.63
CA VAL A 128 24.92 -20.89 -22.88
C VAL A 128 24.11 -22.16 -23.02
N MET A 129 24.08 -22.73 -24.23
CA MET A 129 23.32 -23.95 -24.42
C MET A 129 23.96 -25.11 -23.68
N GLU A 130 25.29 -25.18 -23.64
CA GLU A 130 25.96 -26.20 -22.86
C GLU A 130 25.61 -26.07 -21.39
N ALA A 131 25.65 -24.84 -20.85
CA ALA A 131 25.36 -24.65 -19.44
C ALA A 131 23.91 -25.02 -19.13
N LEU A 132 23.00 -24.76 -20.06
CA LEU A 132 21.62 -25.19 -19.86
C LEU A 132 21.51 -26.70 -19.94
N ARG A 133 22.39 -27.34 -20.71
CA ARG A 133 22.30 -28.78 -20.90
C ARG A 133 22.84 -29.55 -19.71
N MET A 134 23.90 -29.06 -19.06
CA MET A 134 24.45 -29.77 -17.90
C MET A 134 23.42 -29.90 -16.79
N VAL A 135 22.36 -29.12 -16.87
CA VAL A 135 21.37 -28.96 -15.82
C VAL A 135 19.97 -29.36 -16.32
N GLN A 136 19.87 -29.79 -17.57
CA GLN A 136 18.63 -30.28 -18.19
C GLN A 136 17.58 -29.17 -18.31
N LEU A 137 17.94 -28.13 -19.07
CA LEU A 137 17.01 -27.06 -19.44
C LEU A 137 17.21 -26.68 -20.90
N GLU A 138 17.41 -27.68 -21.76
CA GLU A 138 17.58 -27.44 -23.19
C GLU A 138 16.35 -26.80 -23.80
N THR A 139 15.16 -27.25 -23.43
CA THR A 139 13.94 -26.85 -24.11
C THR A 139 13.30 -25.59 -23.52
N PHE A 140 13.62 -25.21 -22.28
CA PHE A 140 13.04 -24.04 -21.65
C PHE A 140 13.92 -22.81 -21.83
N ALA A 141 14.66 -22.74 -22.94
CA ALA A 141 15.62 -21.66 -23.11
C ALA A 141 14.93 -20.32 -23.28
N GLN A 142 13.76 -20.31 -23.92
CA GLN A 142 13.09 -19.06 -24.28
C GLN A 142 11.85 -18.81 -23.44
N ARG A 143 11.79 -19.33 -22.22
CA ARG A 143 10.64 -19.13 -21.35
C ARG A 143 11.06 -18.34 -20.11
N LYS A 144 10.38 -17.23 -19.87
CA LYS A 144 10.73 -16.35 -18.76
C LYS A 144 10.37 -17.00 -17.44
N PRO A 145 11.02 -16.60 -16.34
CA PRO A 145 10.61 -17.10 -15.01
C PRO A 145 9.18 -16.70 -14.71
N HIS A 146 8.63 -17.22 -13.61
CA HIS A 146 7.22 -17.24 -13.27
C HIS A 146 6.43 -18.21 -14.15
N GLN A 147 7.05 -18.80 -15.17
CA GLN A 147 6.51 -19.96 -15.86
C GLN A 147 7.29 -21.21 -15.54
N LEU A 148 8.21 -21.12 -14.59
CA LEU A 148 9.05 -22.24 -14.17
C LEU A 148 8.69 -22.60 -12.74
N SER A 149 8.91 -23.86 -12.37
CA SER A 149 8.66 -24.29 -11.00
C SER A 149 9.82 -23.84 -10.11
N GLY A 150 9.73 -24.17 -8.81
CA GLY A 150 10.80 -23.79 -7.90
C GLY A 150 12.10 -24.49 -8.22
N GLY A 151 12.04 -25.79 -8.47
CA GLY A 151 13.25 -26.53 -8.82
C GLY A 151 13.91 -25.97 -10.06
N GLN A 152 13.11 -25.53 -11.02
CA GLN A 152 13.70 -25.03 -12.25
C GLN A 152 14.34 -23.67 -12.04
N GLN A 153 13.79 -22.85 -11.14
CA GLN A 153 14.47 -21.59 -10.80
C GLN A 153 15.81 -21.86 -10.13
N GLN A 154 15.85 -22.85 -9.23
CA GLN A 154 17.13 -23.23 -8.63
C GLN A 154 18.12 -23.68 -9.68
N ARG A 155 17.67 -24.50 -10.62
CA ARG A 155 18.53 -24.96 -11.70
C ARG A 155 19.07 -23.81 -12.53
N VAL A 156 18.20 -22.85 -12.86
CA VAL A 156 18.65 -21.71 -13.68
C VAL A 156 19.68 -20.89 -12.92
N ALA A 157 19.50 -20.73 -11.61
CA ALA A 157 20.49 -20.01 -10.82
C ALA A 157 21.84 -20.70 -10.86
N ILE A 158 21.86 -22.03 -10.71
CA ILE A 158 23.13 -22.76 -10.78
C ILE A 158 23.78 -22.60 -12.15
N ALA A 159 22.99 -22.73 -13.20
CA ALA A 159 23.53 -22.58 -14.55
C ALA A 159 24.10 -21.19 -14.77
N ARG A 160 23.40 -20.16 -14.28
CA ARG A 160 23.90 -18.79 -14.36
C ARG A 160 25.23 -18.65 -13.65
N ALA A 161 25.38 -19.37 -12.55
CA ALA A 161 26.63 -19.30 -11.80
C ALA A 161 27.78 -19.94 -12.57
N VAL A 162 27.58 -21.14 -13.12
CA VAL A 162 28.72 -21.95 -13.56
C VAL A 162 29.28 -21.56 -14.92
N VAL A 163 28.50 -20.91 -15.79
CA VAL A 163 28.94 -20.72 -17.17
C VAL A 163 30.19 -19.86 -17.28
N ASN A 164 30.45 -18.98 -16.32
CA ASN A 164 31.61 -18.11 -16.34
C ASN A 164 32.91 -18.85 -16.08
N LYS A 165 32.84 -20.13 -15.71
CA LYS A 165 33.99 -20.93 -15.32
C LYS A 165 34.71 -20.31 -14.13
N PRO A 166 34.13 -20.38 -12.94
CA PRO A 166 34.80 -19.88 -11.74
C PRO A 166 35.85 -20.85 -11.25
N ARG A 167 36.59 -20.42 -10.23
CA ARG A 167 37.51 -21.30 -9.53
C ARG A 167 36.92 -21.86 -8.24
N LEU A 168 35.76 -21.37 -7.82
CA LEU A 168 35.18 -21.76 -6.54
C LEU A 168 33.72 -21.37 -6.58
N LEU A 169 32.82 -22.34 -6.41
CA LEU A 169 31.39 -22.08 -6.47
C LEU A 169 30.80 -22.14 -5.07
N LEU A 170 30.49 -20.99 -4.51
CA LEU A 170 29.92 -20.89 -3.17
C LEU A 170 28.41 -21.07 -3.27
N LEU A 171 27.83 -21.81 -2.34
CA LEU A 171 26.39 -21.97 -2.24
C LEU A 171 25.93 -21.61 -0.84
N ASP A 172 24.72 -21.07 -0.73
CA ASP A 172 24.22 -20.53 0.54
C ASP A 172 22.82 -21.09 0.84
N GLN A 173 22.76 -22.23 1.52
CA GLN A 173 21.51 -22.86 1.90
C GLN A 173 20.60 -23.08 0.70
N SER A 174 21.21 -23.63 -0.36
CA SER A 174 20.60 -23.58 -1.68
C SER A 174 19.28 -24.33 -1.74
N LEU A 175 19.23 -25.53 -1.17
CA LEU A 175 18.10 -26.43 -1.40
C LEU A 175 17.12 -26.50 -0.25
N SER A 176 16.83 -25.36 0.39
CA SER A 176 16.01 -25.42 1.60
C SER A 176 14.54 -25.16 1.30
N ALA A 177 14.23 -24.43 0.25
CA ALA A 177 12.86 -24.04 -0.03
C ALA A 177 12.05 -25.13 -0.70
N LEU A 178 12.66 -26.25 -1.06
CA LEU A 178 11.98 -27.28 -1.82
C LEU A 178 11.33 -28.31 -0.88
N ASP A 179 10.76 -29.34 -1.49
CA ASP A 179 10.11 -30.43 -0.77
C ASP A 179 11.10 -31.56 -0.56
N TYR A 180 10.60 -32.73 -0.15
CA TYR A 180 11.48 -33.80 0.32
C TYR A 180 12.14 -34.56 -0.83
N LYS A 181 11.34 -35.20 -1.68
CA LYS A 181 11.91 -36.10 -2.68
C LYS A 181 12.73 -35.33 -3.71
N LEU A 182 12.31 -34.11 -4.05
CA LEU A 182 13.06 -33.34 -5.03
C LEU A 182 14.40 -32.90 -4.47
N ARG A 183 14.42 -32.55 -3.20
CA ARG A 183 15.69 -32.24 -2.54
C ARG A 183 16.60 -33.45 -2.53
N LYS A 184 16.04 -34.62 -2.22
CA LYS A 184 16.84 -35.84 -2.17
C LYS A 184 17.39 -36.20 -3.55
N GLN A 185 16.66 -35.85 -4.61
CA GLN A 185 17.18 -36.06 -5.96
C GLN A 185 18.30 -35.07 -6.28
N MET A 186 18.09 -33.80 -5.94
CA MET A 186 19.04 -32.80 -6.39
C MET A 186 20.34 -32.83 -5.60
N GLN A 187 20.34 -33.43 -4.41
CA GLN A 187 21.60 -33.63 -3.72
C GLN A 187 22.55 -34.49 -4.54
N ASN A 188 22.06 -35.64 -5.02
CA ASN A 188 22.85 -36.49 -5.89
C ASN A 188 23.21 -35.74 -7.17
N GLU A 189 22.28 -34.95 -7.70
CA GLU A 189 22.60 -34.17 -8.89
C GLU A 189 23.80 -33.27 -8.67
N LEU A 190 23.85 -32.60 -7.50
CA LEU A 190 24.96 -31.70 -7.21
C LEU A 190 26.27 -32.46 -7.04
N LYS A 191 26.25 -33.61 -6.37
CA LYS A 191 27.48 -34.38 -6.25
C LYS A 191 28.02 -34.77 -7.62
N ALA A 192 27.13 -35.21 -8.51
CA ALA A 192 27.54 -35.56 -9.86
C ALA A 192 28.14 -34.36 -10.59
N LEU A 193 27.51 -33.19 -10.46
CA LEU A 193 28.04 -32.01 -11.13
C LEU A 193 29.42 -31.67 -10.62
N GLN A 194 29.62 -31.74 -9.31
CA GLN A 194 30.92 -31.41 -8.76
C GLN A 194 31.99 -32.36 -9.25
N ARG A 195 31.65 -33.66 -9.35
CA ARG A 195 32.63 -34.60 -9.89
C ARG A 195 32.95 -34.27 -11.35
N LYS A 196 31.95 -33.89 -12.13
CA LYS A 196 32.21 -33.59 -13.54
C LYS A 196 33.08 -32.36 -13.71
N LEU A 197 32.76 -31.27 -13.01
CA LEU A 197 33.41 -29.99 -13.30
C LEU A 197 34.85 -29.96 -12.83
N GLY A 198 35.11 -30.45 -11.62
CA GLY A 198 36.44 -30.42 -11.07
C GLY A 198 36.82 -29.16 -10.33
N ILE A 199 35.87 -28.47 -9.72
CA ILE A 199 36.13 -27.25 -8.98
C ILE A 199 35.54 -27.39 -7.58
N THR A 200 36.11 -26.63 -6.65
CA THR A 200 35.73 -26.75 -5.24
C THR A 200 34.33 -26.20 -5.02
N PHE A 201 33.55 -26.90 -4.22
CA PHE A 201 32.23 -26.46 -3.81
C PHE A 201 32.24 -26.19 -2.31
N VAL A 202 31.78 -25.00 -1.91
CA VAL A 202 31.61 -24.64 -0.51
C VAL A 202 30.12 -24.45 -0.27
N PHE A 203 29.62 -25.06 0.79
CA PHE A 203 28.19 -25.22 0.99
C PHE A 203 27.84 -24.93 2.42
N VAL A 204 26.89 -24.01 2.63
CA VAL A 204 26.50 -23.55 3.96
C VAL A 204 25.12 -24.11 4.24
N THR A 205 24.96 -24.75 5.40
CA THR A 205 23.70 -25.40 5.70
C THR A 205 23.46 -25.48 7.20
N HIS A 206 22.19 -25.64 7.56
CA HIS A 206 21.78 -25.89 8.93
C HIS A 206 21.43 -27.35 9.17
N ASP A 207 21.28 -28.14 8.11
CA ASP A 207 20.82 -29.51 8.23
C ASP A 207 22.01 -30.44 8.45
N GLN A 208 21.84 -31.38 9.38
CA GLN A 208 22.89 -32.34 9.71
C GLN A 208 22.98 -33.45 8.69
N GLU A 209 21.84 -34.01 8.29
CA GLU A 209 21.84 -35.11 7.35
C GLU A 209 22.41 -34.68 6.00
N GLU A 210 22.10 -33.46 5.54
CA GLU A 210 22.62 -33.01 4.26
C GLU A 210 24.11 -32.68 4.37
N ALA A 211 24.58 -32.42 5.58
CA ALA A 211 26.01 -32.23 5.78
C ALA A 211 26.74 -33.56 5.73
N LEU A 212 26.15 -34.61 6.31
CA LEU A 212 26.82 -35.91 6.33
C LEU A 212 26.71 -36.62 4.99
N THR A 213 25.61 -36.41 4.25
CA THR A 213 25.34 -37.20 3.06
C THR A 213 26.30 -36.87 1.94
N MET A 214 26.55 -35.57 1.70
CA MET A 214 27.21 -35.17 0.48
C MET A 214 28.55 -34.48 0.66
N SER A 215 29.01 -34.24 1.88
CA SER A 215 30.24 -33.52 2.10
C SER A 215 31.45 -34.45 2.05
N ASP A 216 32.61 -33.87 1.78
CA ASP A 216 33.88 -34.57 1.92
C ASP A 216 34.76 -34.00 3.03
N ARG A 217 34.34 -32.89 3.65
CA ARG A 217 35.06 -32.27 4.75
C ARG A 217 34.13 -31.27 5.41
N ILE A 218 34.02 -31.33 6.72
CA ILE A 218 33.04 -30.56 7.48
C ILE A 218 33.76 -29.64 8.45
N VAL A 219 33.31 -28.40 8.53
CA VAL A 219 33.76 -27.43 9.51
C VAL A 219 32.55 -27.06 10.33
N VAL A 220 32.68 -27.09 11.66
CA VAL A 220 31.57 -26.78 12.54
C VAL A 220 31.89 -25.49 13.26
N MET A 221 30.99 -24.51 13.16
CA MET A 221 31.26 -23.16 13.65
C MET A 221 30.21 -22.74 14.67
N ARG A 222 30.69 -22.22 15.79
CA ARG A 222 29.82 -21.69 16.83
C ARG A 222 30.45 -20.41 17.38
N ASP A 223 29.78 -19.28 17.15
CA ASP A 223 30.25 -17.98 17.61
C ASP A 223 31.62 -17.63 17.05
N GLY A 224 31.87 -18.02 15.79
CA GLY A 224 33.04 -17.57 15.08
C GLY A 224 34.28 -18.41 15.28
N ARG A 225 34.24 -19.40 16.16
CA ARG A 225 35.38 -20.28 16.33
C ARG A 225 35.14 -21.60 15.60
N ILE A 226 36.19 -22.10 15.00
CA ILE A 226 36.19 -23.42 14.41
C ILE A 226 36.27 -24.45 15.54
N GLU A 227 35.18 -25.18 15.75
CA GLU A 227 35.17 -26.24 16.75
C GLU A 227 35.88 -27.49 16.28
N GLN A 228 35.59 -27.99 15.07
CA GLN A 228 36.26 -29.19 14.59
C GLN A 228 36.29 -29.19 13.08
N ASP A 229 37.18 -30.00 12.53
CA ASP A 229 37.41 -30.11 11.10
C ASP A 229 37.76 -31.55 10.77
N GLY A 230 37.13 -32.10 9.74
CA GLY A 230 37.53 -33.40 9.27
C GLY A 230 36.45 -34.09 8.47
N THR A 231 36.72 -35.35 8.16
CA THR A 231 35.81 -36.19 7.42
C THR A 231 34.55 -36.45 8.25
N PRO A 232 33.40 -36.68 7.60
CA PRO A 232 32.17 -36.93 8.36
C PRO A 232 32.27 -38.05 9.37
N ARG A 233 32.98 -39.13 9.04
CA ARG A 233 33.13 -40.22 10.00
C ARG A 233 33.90 -39.76 11.22
N GLU A 234 34.84 -38.84 11.04
CA GLU A 234 35.58 -38.29 12.17
C GLU A 234 34.71 -37.46 13.09
N ILE A 235 33.66 -36.83 12.57
CA ILE A 235 32.81 -35.95 13.38
C ILE A 235 31.63 -36.69 13.95
N TYR A 236 31.24 -37.82 13.35
CA TYR A 236 30.16 -38.61 13.90
C TYR A 236 30.67 -39.68 14.86
N GLU A 237 31.92 -40.12 14.71
CA GLU A 237 32.44 -41.19 15.53
C GLU A 237 33.49 -40.74 16.53
N GLU A 238 34.13 -39.59 16.30
CA GLU A 238 35.13 -39.04 17.23
C GLU A 238 34.77 -37.60 17.56
N PRO A 239 33.74 -37.38 18.37
CA PRO A 239 33.45 -36.03 18.84
C PRO A 239 34.57 -35.50 19.72
N LYS A 240 34.77 -34.19 19.68
CA LYS A 240 35.84 -33.58 20.46
C LYS A 240 35.32 -32.82 21.68
N ASN A 241 34.10 -32.31 21.65
CA ASN A 241 33.48 -31.72 22.83
C ASN A 241 32.01 -32.11 22.84
N LEU A 242 31.28 -31.59 23.82
CA LEU A 242 29.87 -31.94 23.95
C LEU A 242 29.03 -31.33 22.85
N PHE A 243 29.33 -30.10 22.44
CA PHE A 243 28.50 -29.42 21.45
C PHE A 243 28.52 -30.17 20.13
N VAL A 244 29.68 -30.61 19.69
CA VAL A 244 29.78 -31.33 18.42
C VAL A 244 29.06 -32.67 18.51
N ALA A 245 29.18 -33.34 19.65
CA ALA A 245 28.52 -34.64 19.81
C ALA A 245 27.01 -34.50 19.80
N GLY A 246 26.48 -33.48 20.47
CA GLY A 246 25.05 -33.31 20.54
C GLY A 246 24.43 -32.57 19.38
N PHE A 247 25.25 -31.96 18.51
CA PHE A 247 24.69 -31.22 17.40
C PHE A 247 24.32 -32.12 16.25
N ILE A 248 25.29 -32.81 15.66
CA ILE A 248 25.01 -33.74 14.58
C ILE A 248 24.51 -35.04 15.18
N GLY A 249 23.28 -35.39 14.88
CA GLY A 249 22.76 -36.63 15.42
C GLY A 249 22.41 -36.50 16.88
N GLU A 250 22.03 -37.63 17.46
CA GLU A 250 21.53 -37.70 18.81
C GLU A 250 22.51 -38.44 19.70
N ILE A 251 22.74 -37.90 20.89
CA ILE A 251 23.69 -38.46 21.82
C ILE A 251 23.04 -38.55 23.18
N ASN A 252 23.49 -39.50 23.98
CA ASN A 252 23.02 -39.68 25.36
C ASN A 252 24.15 -39.27 26.30
N MET A 253 23.93 -38.19 27.04
CA MET A 253 24.88 -37.71 28.02
C MET A 253 24.67 -38.43 29.35
N PHE A 254 25.72 -39.06 29.85
CA PHE A 254 25.70 -39.73 31.14
C PHE A 254 26.76 -39.12 32.05
N ASN A 255 26.49 -39.16 33.35
CA ASN A 255 27.43 -38.69 34.36
C ASN A 255 27.99 -39.87 35.12
N ALA A 256 29.31 -39.91 35.27
CA ALA A 256 29.95 -41.04 35.92
C ALA A 256 31.05 -40.55 36.85
N THR A 257 31.29 -41.32 37.91
CA THR A 257 32.33 -41.05 38.89
C THR A 257 33.27 -42.24 38.95
N VAL A 258 34.57 -41.98 39.00
CA VAL A 258 35.58 -43.02 38.86
C VAL A 258 35.98 -43.55 40.24
N ILE A 259 36.17 -44.87 40.33
CA ILE A 259 36.51 -45.55 41.57
C ILE A 259 38.00 -45.89 41.56
N GLU A 260 38.40 -46.76 40.64
CA GLU A 260 39.79 -47.18 40.51
C GLU A 260 39.99 -47.68 39.08
N ARG A 261 41.25 -48.01 38.76
CA ARG A 261 41.60 -48.55 37.46
C ARG A 261 41.57 -50.07 37.52
N LEU A 262 41.34 -50.70 36.38
CA LEU A 262 41.39 -52.16 36.30
C LEU A 262 42.65 -52.65 35.61
N ASP A 263 42.87 -52.24 34.38
CA ASP A 263 44.04 -52.64 33.61
C ASP A 263 44.47 -51.45 32.77
N GLU A 264 45.29 -51.71 31.75
CA GLU A 264 45.81 -50.63 30.92
C GLU A 264 44.74 -50.00 30.02
N GLN A 265 43.54 -50.59 29.92
CA GLN A 265 42.53 -50.05 29.03
C GLN A 265 41.12 -50.06 29.61
N ARG A 266 40.95 -50.30 30.90
CA ARG A 266 39.62 -50.35 31.50
C ARG A 266 39.65 -49.65 32.86
N VAL A 267 38.49 -49.13 33.26
CA VAL A 267 38.37 -48.34 34.48
C VAL A 267 37.01 -48.59 35.10
N ARG A 268 36.98 -48.78 36.41
CA ARG A 268 35.71 -48.89 37.12
C ARG A 268 35.05 -47.52 37.23
N ALA A 269 33.73 -47.51 37.33
CA ALA A 269 33.00 -46.26 37.45
C ALA A 269 31.64 -46.51 38.09
N ASN A 270 31.08 -45.44 38.63
CA ASN A 270 29.72 -45.44 39.14
C ASN A 270 28.88 -44.65 38.15
N VAL A 271 28.42 -45.33 37.11
CA VAL A 271 27.65 -44.70 36.04
C VAL A 271 26.16 -44.89 36.36
N GLU A 272 25.51 -43.79 36.72
CA GLU A 272 24.08 -43.76 37.00
C GLU A 272 23.68 -44.79 38.05
N GLY A 273 24.53 -44.95 39.06
CA GLY A 273 24.19 -45.70 40.26
C GLY A 273 24.74 -47.10 40.35
N ARG A 274 25.19 -47.70 39.25
CA ARG A 274 25.73 -49.06 39.29
C ARG A 274 27.16 -49.04 38.76
N GLU A 275 27.85 -50.16 38.95
CA GLU A 275 29.23 -50.31 38.52
C GLU A 275 29.30 -51.16 37.27
N CYS A 276 30.11 -50.70 36.31
CA CYS A 276 30.20 -51.34 35.00
C CYS A 276 31.57 -50.98 34.43
N ASN A 277 32.17 -51.90 33.71
CA ASN A 277 33.49 -51.68 33.15
C ASN A 277 33.38 -50.74 31.96
N ILE A 278 34.17 -49.67 31.96
CA ILE A 278 34.23 -48.73 30.85
C ILE A 278 35.66 -48.68 30.34
N TYR A 279 35.82 -48.18 29.12
CA TYR A 279 37.11 -48.06 28.46
C TYR A 279 37.49 -46.59 28.41
N VAL A 280 38.60 -46.24 29.06
CA VAL A 280 39.14 -44.89 29.02
C VAL A 280 40.61 -44.98 28.67
N ASN A 281 41.01 -44.40 27.54
CA ASN A 281 42.40 -44.50 27.11
C ASN A 281 43.32 -43.63 27.95
N PHE A 282 42.93 -42.39 28.24
CA PHE A 282 43.85 -41.46 28.86
C PHE A 282 43.95 -41.72 30.36
N ALA A 283 44.95 -41.12 30.99
CA ALA A 283 45.22 -41.35 32.40
C ALA A 283 44.11 -40.80 33.27
N VAL A 284 43.78 -41.54 34.33
CA VAL A 284 42.65 -41.23 35.19
C VAL A 284 43.06 -41.38 36.65
N GLU A 285 42.57 -40.46 37.47
CA GLU A 285 42.74 -40.48 38.91
C GLU A 285 41.37 -40.56 39.58
N PRO A 286 41.23 -41.38 40.63
CA PRO A 286 39.93 -41.55 41.26
C PRO A 286 39.26 -40.24 41.64
N GLY A 287 37.93 -40.27 41.70
CA GLY A 287 37.14 -39.18 42.23
C GLY A 287 36.80 -38.06 41.27
N GLN A 288 37.20 -38.14 40.01
CA GLN A 288 36.87 -37.07 39.08
C GLN A 288 35.62 -37.39 38.28
N LYS A 289 35.06 -36.37 37.66
CA LYS A 289 33.81 -36.48 36.94
C LYS A 289 34.08 -36.83 35.48
N LEU A 290 33.35 -37.83 34.99
CA LEU A 290 33.46 -38.27 33.61
C LEU A 290 32.11 -38.13 32.90
N HIS A 291 32.19 -37.99 31.57
CA HIS A 291 31.02 -37.93 30.71
C HIS A 291 31.06 -39.11 29.76
N VAL A 292 30.04 -39.97 29.81
CA VAL A 292 29.93 -41.13 28.94
C VAL A 292 28.87 -40.84 27.89
N LEU A 293 29.24 -40.95 26.62
CA LEU A 293 28.39 -40.54 25.51
C LEU A 293 28.06 -41.76 24.65
N LEU A 294 26.77 -42.07 24.55
CA LEU A 294 26.29 -43.18 23.75
C LEU A 294 25.23 -42.70 22.78
N ARG A 295 25.10 -43.39 21.67
CA ARG A 295 24.11 -43.06 20.66
C ARG A 295 22.95 -44.05 20.67
N PRO A 296 21.77 -43.64 20.20
CA PRO A 296 20.68 -44.60 20.07
C PRO A 296 21.00 -45.72 19.11
N GLU A 297 22.02 -45.53 18.27
CA GLU A 297 22.62 -46.60 17.50
C GLU A 297 22.90 -47.86 18.31
N ASP A 298 23.46 -47.69 19.51
CA ASP A 298 24.30 -48.71 20.12
C ASP A 298 23.69 -49.37 21.34
N LEU A 299 22.64 -48.80 21.90
CA LEU A 299 22.02 -49.40 23.06
C LEU A 299 21.17 -50.59 22.65
N ARG A 300 21.35 -51.70 23.36
CA ARG A 300 20.54 -52.89 23.21
C ARG A 300 19.65 -53.01 24.43
N VAL A 301 18.37 -53.24 24.22
CA VAL A 301 17.42 -53.25 25.31
C VAL A 301 16.64 -54.56 25.27
N GLU A 302 16.37 -55.12 26.43
CA GLU A 302 15.55 -56.31 26.55
C GLU A 302 14.48 -56.07 27.61
N GLU A 303 13.28 -56.56 27.34
CA GLU A 303 12.12 -56.28 28.19
C GLU A 303 11.97 -57.43 29.17
N ILE A 304 11.94 -57.10 30.45
CA ILE A 304 11.94 -58.10 31.51
C ILE A 304 10.55 -58.21 32.13
N ASN A 305 9.99 -59.41 32.11
CA ASN A 305 8.61 -59.61 32.51
C ASN A 305 8.45 -59.76 34.02
N ASP A 306 9.03 -60.81 34.59
CA ASP A 306 8.80 -61.15 36.00
C ASP A 306 10.12 -61.41 36.71
N ASP A 307 10.74 -60.33 37.18
CA ASP A 307 11.86 -60.36 38.11
C ASP A 307 12.95 -61.35 37.66
N ASN A 308 13.25 -61.31 36.37
CA ASN A 308 14.23 -62.19 35.78
C ASN A 308 15.17 -61.40 34.88
N HIS A 309 16.45 -61.76 34.91
CA HIS A 309 17.47 -61.13 34.07
C HIS A 309 17.47 -59.62 34.27
N ALA A 310 17.72 -59.17 35.49
CA ALA A 310 17.68 -57.76 35.85
C ALA A 310 19.07 -57.14 35.84
N GLU A 311 19.92 -57.59 34.94
CA GLU A 311 21.25 -57.02 34.79
C GLU A 311 21.17 -55.78 33.92
N GLY A 312 21.80 -54.70 34.37
CA GLY A 312 21.77 -53.44 33.67
C GLY A 312 20.91 -52.40 34.36
N LEU A 313 20.78 -51.22 33.75
CA LEU A 313 19.94 -50.18 34.29
C LEU A 313 18.48 -50.58 34.19
N ILE A 314 17.63 -49.96 34.99
CA ILE A 314 16.21 -50.26 35.01
C ILE A 314 15.42 -49.00 34.69
N GLY A 315 14.52 -49.09 33.71
CA GLY A 315 13.74 -47.94 33.29
C GLY A 315 12.39 -48.38 32.77
N TYR A 316 11.57 -47.37 32.45
CA TYR A 316 10.22 -47.60 31.97
C TYR A 316 10.01 -46.86 30.67
N VAL A 317 9.18 -47.43 29.81
CA VAL A 317 8.96 -46.86 28.47
C VAL A 317 7.87 -45.81 28.55
N ARG A 318 8.04 -44.71 27.81
CA ARG A 318 7.08 -43.62 27.78
C ARG A 318 6.53 -43.30 26.40
N GLU A 319 7.29 -43.56 25.34
CA GLU A 319 6.81 -43.34 23.99
C GLU A 319 7.35 -44.43 23.08
N ARG A 320 6.73 -44.57 21.92
CA ARG A 320 7.10 -45.56 20.93
C ARG A 320 6.75 -45.02 19.56
N ASN A 321 7.77 -44.91 18.69
CA ASN A 321 7.65 -44.17 17.44
C ASN A 321 8.09 -45.06 16.29
N TYR A 322 7.16 -45.49 15.45
CA TYR A 322 7.48 -46.41 14.37
C TYR A 322 7.77 -45.64 13.10
N LYS A 323 9.02 -45.70 12.63
CA LYS A 323 9.40 -45.07 11.39
C LYS A 323 9.57 -46.03 10.23
N GLY A 324 9.06 -47.24 10.31
CA GLY A 324 9.00 -48.12 9.16
C GLY A 324 10.19 -49.03 9.03
N MET A 325 11.37 -48.48 9.22
CA MET A 325 12.63 -49.21 9.17
C MET A 325 13.21 -49.49 10.54
N THR A 326 12.92 -48.64 11.52
CA THR A 326 13.42 -48.76 12.87
C THR A 326 12.27 -48.62 13.86
N LEU A 327 12.60 -48.46 15.12
CA LEU A 327 11.62 -48.21 16.17
C LEU A 327 12.29 -47.50 17.34
N GLU A 328 11.97 -46.24 17.52
CA GLU A 328 12.53 -45.43 18.60
C GLU A 328 11.58 -45.41 19.79
N SER A 329 12.16 -45.40 20.97
CA SER A 329 11.38 -45.40 22.20
C SER A 329 12.14 -44.61 23.24
N VAL A 330 11.46 -43.69 23.91
CA VAL A 330 12.07 -42.95 24.99
C VAL A 330 11.72 -43.69 26.27
N VAL A 331 12.74 -44.22 26.92
CA VAL A 331 12.58 -44.93 28.18
C VAL A 331 13.14 -44.06 29.28
N GLU A 332 12.39 -43.92 30.36
CA GLU A 332 12.75 -43.06 31.49
C GLU A 332 13.28 -43.92 32.61
N LEU A 333 14.45 -43.56 33.13
CA LEU A 333 15.08 -44.33 34.18
C LEU A 333 14.46 -44.01 35.53
N GLU A 334 14.83 -44.81 36.54
CA GLU A 334 14.35 -44.58 37.89
C GLU A 334 14.85 -43.25 38.42
N ASN A 335 16.04 -42.84 37.98
CA ASN A 335 16.59 -41.53 38.28
C ASN A 335 15.62 -40.44 37.86
N GLY A 336 14.98 -40.61 36.71
CA GLY A 336 14.12 -39.60 36.15
C GLY A 336 14.70 -39.06 34.87
N LYS A 337 15.62 -39.81 34.27
CA LYS A 337 16.36 -39.36 33.12
C LYS A 337 15.88 -40.04 31.85
N MET A 338 15.66 -39.24 30.82
CA MET A 338 15.10 -39.72 29.57
C MET A 338 16.22 -40.05 28.60
N VAL A 339 16.25 -41.30 28.14
CA VAL A 339 17.29 -41.79 27.25
C VAL A 339 16.63 -42.36 26.01
N MET A 340 17.27 -42.18 24.85
CA MET A 340 16.69 -42.54 23.57
C MET A 340 17.26 -43.85 23.07
N VAL A 341 16.37 -44.76 22.65
CA VAL A 341 16.73 -46.09 22.17
C VAL A 341 16.26 -46.22 20.74
N SER A 342 17.09 -46.81 19.88
CA SER A 342 16.75 -47.03 18.47
C SER A 342 17.13 -48.43 18.05
N GLU A 343 16.15 -49.24 17.71
CA GLU A 343 16.41 -50.62 17.34
C GLU A 343 15.70 -50.96 16.04
N PHE A 344 16.34 -51.81 15.25
CA PHE A 344 15.98 -52.03 13.87
C PHE A 344 15.31 -53.38 13.67
N PHE A 345 14.64 -53.51 12.52
CA PHE A 345 13.93 -54.71 12.12
C PHE A 345 14.74 -55.58 11.18
N ASN A 346 15.88 -55.07 10.68
CA ASN A 346 16.62 -55.75 9.63
C ASN A 346 17.15 -57.11 10.05
N GLU A 347 17.28 -57.37 11.35
CA GLU A 347 17.68 -58.69 11.81
C GLU A 347 16.48 -59.61 11.66
N ASP A 348 16.62 -60.88 12.06
CA ASP A 348 15.48 -61.78 12.00
C ASP A 348 14.57 -61.64 13.22
N ASP A 349 14.11 -60.41 13.45
CA ASP A 349 12.99 -60.10 14.33
C ASP A 349 11.95 -59.43 13.45
N PRO A 350 10.96 -60.18 12.97
CA PRO A 350 10.02 -59.64 11.98
C PRO A 350 9.30 -58.40 12.46
N ASP A 351 8.60 -58.48 13.59
CA ASP A 351 7.78 -57.39 14.10
C ASP A 351 7.69 -57.48 15.61
N PHE A 352 7.75 -56.33 16.27
CA PHE A 352 7.56 -56.24 17.72
C PHE A 352 7.05 -54.86 18.08
N ASP A 353 6.48 -54.75 19.28
CA ASP A 353 5.97 -53.48 19.76
C ASP A 353 5.96 -53.46 21.27
N HIS A 354 6.09 -52.29 21.86
CA HIS A 354 6.11 -52.15 23.31
C HIS A 354 4.78 -51.62 23.82
N SER A 355 4.61 -51.67 25.14
CA SER A 355 3.48 -51.13 25.87
C SER A 355 3.86 -49.76 26.41
N LEU A 356 3.03 -49.20 27.29
CA LEU A 356 3.25 -47.83 27.74
C LEU A 356 3.80 -47.75 29.15
N ASP A 357 3.93 -48.87 29.85
CA ASP A 357 4.52 -48.85 31.18
C ASP A 357 5.43 -50.05 31.36
N GLN A 358 5.83 -50.66 30.26
CA GLN A 358 6.66 -51.86 30.32
C GLN A 358 8.02 -51.54 30.93
N LYS A 359 8.55 -52.52 31.66
CA LYS A 359 9.81 -52.36 32.38
C LYS A 359 10.93 -52.99 31.57
N MET A 360 12.01 -52.24 31.38
CA MET A 360 13.05 -52.60 30.43
C MET A 360 14.42 -52.60 31.10
N ALA A 361 15.37 -53.32 30.50
CA ALA A 361 16.77 -53.32 30.90
C ALA A 361 17.62 -52.72 29.79
N ILE A 362 18.61 -51.93 30.17
CA ILE A 362 19.45 -51.18 29.22
C ILE A 362 20.87 -51.73 29.29
N ASN A 363 21.46 -51.99 28.13
CA ASN A 363 22.87 -52.39 28.04
C ASN A 363 23.49 -51.72 26.82
N TRP A 364 24.80 -51.89 26.66
CA TRP A 364 25.47 -51.38 25.47
C TRP A 364 26.67 -52.26 25.13
N VAL A 365 27.06 -52.23 23.85
CA VAL A 365 28.11 -53.11 23.37
C VAL A 365 29.46 -52.57 23.80
N GLU A 366 30.42 -53.48 23.98
CA GLU A 366 31.68 -53.13 24.58
C GLU A 366 32.56 -52.33 23.62
N SER A 367 33.29 -51.37 24.19
CA SER A 367 34.29 -50.55 23.50
C SER A 367 33.70 -49.57 22.52
N TRP A 368 32.38 -49.45 22.44
CA TRP A 368 31.73 -48.48 21.55
C TRP A 368 31.35 -47.20 22.28
N GLU A 369 31.80 -47.04 23.52
CA GLU A 369 31.51 -45.84 24.28
C GLU A 369 32.48 -44.73 23.90
N VAL A 370 32.16 -43.52 24.35
CA VAL A 370 33.06 -42.39 24.21
C VAL A 370 33.05 -41.60 25.52
N VAL A 371 34.18 -41.60 26.23
CA VAL A 371 34.29 -40.93 27.52
C VAL A 371 35.10 -39.65 27.35
N LEU A 372 34.58 -38.55 27.88
CA LEU A 372 35.25 -37.25 27.83
C LEU A 372 35.46 -36.72 29.23
N ALA A 373 36.63 -36.12 29.46
CA ALA A 373 36.94 -35.53 30.75
C ALA A 373 36.40 -34.10 30.83
N ASP A 374 36.45 -33.53 32.04
CA ASP A 374 35.96 -32.19 32.32
C ASP A 374 34.50 -32.02 31.93
N PHE B 7 24.15 10.25 -7.95
CA PHE B 7 25.15 9.39 -7.33
C PHE B 7 24.64 8.83 -6.01
N GLN B 8 25.56 8.63 -5.07
CA GLN B 8 25.17 8.01 -3.80
C GLN B 8 24.55 9.03 -2.86
N ASN B 9 25.23 10.14 -2.61
CA ASN B 9 24.79 11.08 -1.58
C ASN B 9 24.11 12.31 -2.17
N VAL B 10 24.32 12.59 -3.46
CA VAL B 10 23.69 13.74 -4.09
C VAL B 10 22.17 13.62 -4.04
N VAL B 11 21.65 12.42 -4.28
CA VAL B 11 20.20 12.22 -4.25
C VAL B 11 19.64 12.51 -2.87
N ILE B 12 20.31 12.05 -1.82
CA ILE B 12 19.82 12.29 -0.47
C ILE B 12 19.98 13.76 -0.10
N VAL B 13 21.07 14.39 -0.52
CA VAL B 13 21.30 15.80 -0.19
C VAL B 13 20.25 16.69 -0.83
N THR B 14 19.93 16.46 -2.11
CA THR B 14 18.99 17.33 -2.81
C THR B 14 17.58 17.20 -2.24
N ILE B 15 17.16 15.98 -1.90
CA ILE B 15 15.81 15.81 -1.39
C ILE B 15 15.65 16.47 -0.03
N VAL B 16 16.70 16.45 0.80
CA VAL B 16 16.59 17.12 2.10
C VAL B 16 16.82 18.61 1.95
N GLY B 17 17.58 19.01 0.93
CA GLY B 17 17.70 20.43 0.63
C GLY B 17 16.42 21.04 0.14
N TRP B 18 15.65 20.29 -0.65
CA TRP B 18 14.38 20.81 -1.15
C TRP B 18 13.36 20.92 -0.03
N LEU B 19 13.29 19.94 0.86
CA LEU B 19 12.27 19.95 1.89
C LEU B 19 12.55 21.03 2.92
N VAL B 20 13.82 21.30 3.21
CA VAL B 20 14.15 22.30 4.22
C VAL B 20 13.82 23.69 3.71
N LEU B 21 14.10 23.95 2.43
CA LEU B 21 13.91 25.29 1.90
C LEU B 21 12.45 25.56 1.57
N PHE B 22 11.70 24.54 1.16
CA PHE B 22 10.38 24.74 0.59
C PHE B 22 9.24 24.26 1.47
N VAL B 23 9.50 23.50 2.52
CA VAL B 23 8.40 22.98 3.33
C VAL B 23 8.53 23.40 4.79
N PHE B 24 9.65 23.08 5.43
CA PHE B 24 9.72 23.19 6.88
C PHE B 24 10.11 24.58 7.33
N LEU B 25 11.10 25.19 6.70
CA LEU B 25 11.48 26.56 7.06
C LEU B 25 10.36 27.58 6.84
N PRO B 26 9.61 27.56 5.73
CA PRO B 26 8.50 28.52 5.61
C PRO B 26 7.41 28.36 6.66
N ASN B 27 7.13 27.17 7.16
CA ASN B 27 6.16 27.07 8.24
C ASN B 27 6.64 27.81 9.47
N LEU B 28 7.94 27.74 9.77
CA LEU B 28 8.50 28.52 10.86
C LEU B 28 8.44 30.01 10.56
N MET B 29 8.47 30.41 9.30
CA MET B 29 8.27 31.81 8.96
C MET B 29 6.85 32.26 9.29
N ILE B 30 5.86 31.43 9.02
CA ILE B 30 4.48 31.78 9.34
C ILE B 30 4.26 31.86 10.84
N ILE B 31 4.79 30.89 11.59
CA ILE B 31 4.66 30.93 13.04
C ILE B 31 5.39 32.15 13.60
N GLY B 32 6.51 32.51 12.99
CA GLY B 32 7.21 33.71 13.41
C GLY B 32 6.43 34.97 13.14
N THR B 33 5.81 35.06 11.96
CA THR B 33 5.06 36.26 11.60
C THR B 33 3.70 36.34 12.27
N SER B 34 3.32 35.34 13.02
CA SER B 34 2.07 35.43 13.72
C SER B 34 2.23 36.35 14.91
N PHE B 35 3.34 37.09 14.99
CA PHE B 35 3.72 37.73 16.23
C PHE B 35 4.21 39.13 15.98
N LEU B 36 4.49 39.46 14.75
CA LEU B 36 4.97 40.79 14.42
C LEU B 36 3.87 41.82 14.33
N THR B 37 4.27 43.06 14.08
CA THR B 37 3.30 44.15 13.96
C THR B 37 3.06 44.48 12.52
N ARG B 38 1.88 45.02 12.25
CA ARG B 38 1.49 45.39 10.91
C ARG B 38 2.25 46.60 10.42
N ASP B 39 2.36 46.72 9.10
CA ASP B 39 3.04 47.85 8.49
C ASP B 39 2.59 47.93 7.04
N ASP B 40 2.51 49.15 6.54
CA ASP B 40 1.98 49.38 5.21
C ASP B 40 3.06 49.36 4.13
N ALA B 41 4.33 49.25 4.50
CA ALA B 41 5.43 49.25 3.53
C ALA B 41 5.95 47.85 3.23
N SER B 42 6.43 47.14 4.25
CA SER B 42 6.99 45.82 4.07
C SER B 42 6.04 44.70 4.49
N PHE B 43 4.78 45.03 4.78
CA PHE B 43 3.75 44.10 5.21
C PHE B 43 4.00 43.62 6.64
N VAL B 44 5.19 43.90 7.17
CA VAL B 44 5.54 43.55 8.54
C VAL B 44 6.48 44.62 9.07
N LYS B 45 6.61 44.67 10.39
CA LYS B 45 7.55 45.54 11.07
C LYS B 45 8.04 44.81 12.30
N MET B 46 9.36 44.78 12.48
CA MET B 46 9.97 43.85 13.44
C MET B 46 9.70 44.34 14.85
N VAL B 47 8.48 44.06 15.33
CA VAL B 47 8.05 44.44 16.67
C VAL B 47 7.12 43.34 17.17
N PHE B 48 7.29 42.94 18.42
CA PHE B 48 6.63 41.75 18.96
C PHE B 48 5.38 42.17 19.72
N THR B 49 4.23 41.59 19.36
CA THR B 49 2.96 41.86 20.03
C THR B 49 2.16 40.57 20.18
N LEU B 50 1.33 40.52 21.22
CA LEU B 50 0.30 39.50 21.38
C LEU B 50 -1.08 40.00 20.98
N ASP B 51 -1.16 41.19 20.38
CA ASP B 51 -2.45 41.75 20.03
C ASP B 51 -3.17 40.88 19.00
N ASN B 52 -2.42 40.22 18.13
CA ASN B 52 -3.02 39.39 17.09
C ASN B 52 -3.79 38.23 17.68
N TYR B 53 -3.26 37.61 18.74
CA TYR B 53 -3.91 36.43 19.29
C TYR B 53 -5.10 36.80 20.15
N THR B 54 -5.09 37.98 20.77
CA THR B 54 -6.22 38.40 21.58
C THR B 54 -7.45 38.69 20.74
N ARG B 55 -7.28 39.19 19.52
CA ARG B 55 -8.40 39.47 18.63
C ARG B 55 -9.13 38.21 18.21
N LEU B 56 -8.47 37.05 18.27
CA LEU B 56 -9.12 35.82 17.87
C LEU B 56 -10.17 35.38 18.86
N LEU B 57 -9.98 35.68 20.15
CA LEU B 57 -10.96 35.28 21.16
C LEU B 57 -12.15 36.20 21.23
N ASP B 58 -12.15 37.30 20.47
CA ASP B 58 -13.34 38.12 20.35
C ASP B 58 -14.48 37.30 19.77
N PRO B 59 -15.65 37.28 20.39
CA PRO B 59 -16.77 36.54 19.82
C PRO B 59 -17.08 36.89 18.37
N LEU B 60 -16.66 38.06 17.90
CA LEU B 60 -16.88 38.40 16.50
C LEU B 60 -16.10 37.47 15.58
N TYR B 61 -14.80 37.32 15.82
CA TYR B 61 -13.93 36.51 14.97
C TYR B 61 -13.72 35.10 15.50
N PHE B 62 -14.52 34.67 16.47
CA PHE B 62 -14.40 33.35 17.06
C PHE B 62 -15.56 32.42 16.72
N GLU B 63 -16.77 32.96 16.58
CA GLU B 63 -17.89 32.14 16.15
C GLU B 63 -17.73 31.68 14.72
N VAL B 64 -16.93 32.38 13.91
CA VAL B 64 -16.68 31.96 12.55
C VAL B 64 -15.86 30.68 12.51
N LEU B 65 -14.85 30.58 13.38
CA LEU B 65 -14.06 29.36 13.43
C LEU B 65 -14.88 28.16 13.87
N LEU B 66 -15.77 28.36 14.86
CA LEU B 66 -16.60 27.25 15.32
C LEU B 66 -17.57 26.79 14.22
N HIS B 67 -18.17 27.71 13.50
CA HIS B 67 -19.05 27.28 12.41
C HIS B 67 -18.26 26.68 11.26
N SER B 68 -17.04 27.13 11.04
CA SER B 68 -16.22 26.53 10.01
C SER B 68 -15.77 25.12 10.40
N LEU B 69 -15.80 24.81 11.69
CA LEU B 69 -15.36 23.49 12.13
C LEU B 69 -16.51 22.49 12.17
N ASN B 70 -17.72 22.95 12.47
CA ASN B 70 -18.87 22.06 12.40
C ASN B 70 -19.10 21.58 10.98
N MET B 71 -18.96 22.47 10.00
CA MET B 71 -19.20 22.09 8.62
C MET B 71 -18.11 21.19 8.07
N ALA B 72 -16.97 21.08 8.74
CA ALA B 72 -15.92 20.20 8.27
C ALA B 72 -16.03 18.80 8.87
N LEU B 73 -16.47 18.72 10.12
CA LEU B 73 -16.73 17.40 10.70
C LEU B 73 -17.84 16.67 9.96
N ILE B 74 -18.94 17.37 9.68
CA ILE B 74 -20.11 16.70 9.12
C ILE B 74 -19.81 16.17 7.73
N ALA B 75 -19.04 16.90 6.94
CA ALA B 75 -18.54 16.37 5.68
C ALA B 75 -17.69 15.13 5.90
N THR B 76 -16.89 15.13 6.97
CA THR B 76 -16.00 14.00 7.23
C THR B 76 -16.76 12.78 7.74
N LEU B 77 -17.73 12.98 8.61
CA LEU B 77 -18.57 11.85 9.03
C LEU B 77 -19.41 11.33 7.88
N ALA B 78 -19.82 12.20 6.96
CA ALA B 78 -20.56 11.72 5.80
C ALA B 78 -19.70 10.84 4.91
N CYS B 79 -18.41 11.15 4.80
CA CYS B 79 -17.54 10.34 3.94
C CYS B 79 -17.31 8.96 4.52
N LEU B 80 -17.17 8.83 5.85
CA LEU B 80 -17.01 7.53 6.47
C LEU B 80 -18.26 6.68 6.33
N VAL B 81 -19.43 7.26 6.54
CA VAL B 81 -20.68 6.49 6.51
C VAL B 81 -20.97 5.98 5.11
N LEU B 82 -20.60 6.75 4.09
CA LEU B 82 -20.90 6.37 2.73
C LEU B 82 -19.75 5.63 2.06
N GLY B 83 -18.52 5.87 2.46
CA GLY B 83 -17.40 5.32 1.75
C GLY B 83 -16.94 3.98 2.30
N TYR B 84 -17.17 3.75 3.58
CA TYR B 84 -16.82 2.46 4.15
C TYR B 84 -17.65 1.31 3.58
N PRO B 85 -18.98 1.39 3.48
CA PRO B 85 -19.70 0.33 2.78
C PRO B 85 -19.32 0.19 1.32
N PHE B 86 -19.00 1.30 0.66
CA PHE B 86 -18.68 1.25 -0.77
C PHE B 86 -17.37 0.52 -1.02
N ALA B 87 -16.37 0.72 -0.16
CA ALA B 87 -15.10 0.03 -0.36
C ALA B 87 -15.19 -1.42 0.09
N TRP B 88 -16.06 -1.71 1.05
CA TRP B 88 -16.22 -3.09 1.51
C TRP B 88 -16.89 -3.95 0.45
N PHE B 89 -17.88 -3.42 -0.25
CA PHE B 89 -18.56 -4.19 -1.30
C PHE B 89 -17.68 -4.35 -2.52
N LEU B 90 -16.79 -3.39 -2.77
CA LEU B 90 -15.97 -3.45 -3.97
C LEU B 90 -14.91 -4.52 -3.83
N ALA B 91 -14.42 -4.75 -2.61
CA ALA B 91 -13.47 -5.82 -2.35
C ALA B 91 -14.10 -7.20 -2.37
N LYS B 92 -15.39 -7.32 -2.69
CA LYS B 92 -16.08 -8.59 -2.84
C LYS B 92 -16.62 -8.77 -4.25
N LEU B 93 -15.79 -8.49 -5.24
CA LEU B 93 -16.14 -8.61 -6.64
C LEU B 93 -15.08 -9.44 -7.34
N PRO B 94 -15.38 -9.99 -8.51
CA PRO B 94 -14.34 -10.71 -9.25
C PRO B 94 -13.15 -9.81 -9.57
N HIS B 95 -11.96 -10.40 -9.53
CA HIS B 95 -10.73 -9.64 -9.71
C HIS B 95 -10.63 -9.03 -11.09
N LYS B 96 -11.42 -9.47 -12.05
CA LYS B 96 -11.33 -8.95 -13.42
C LYS B 96 -12.11 -7.67 -13.64
N VAL B 97 -12.99 -7.29 -12.72
CA VAL B 97 -13.79 -6.07 -12.89
C VAL B 97 -13.31 -4.93 -12.00
N ARG B 98 -12.48 -5.19 -11.01
CA ARG B 98 -12.01 -4.13 -10.12
C ARG B 98 -11.28 -3.01 -10.84
N PRO B 99 -10.32 -3.26 -11.75
CA PRO B 99 -9.66 -2.13 -12.40
C PRO B 99 -10.60 -1.30 -13.26
N LEU B 100 -11.76 -1.83 -13.63
CA LEU B 100 -12.74 -1.04 -14.36
C LEU B 100 -13.49 -0.08 -13.43
N LEU B 101 -13.94 -0.56 -12.27
CA LEU B 101 -14.71 0.31 -11.39
C LEU B 101 -13.85 1.31 -10.65
N LEU B 102 -12.61 0.94 -10.31
CA LEU B 102 -11.71 1.93 -9.70
C LEU B 102 -11.36 3.05 -10.68
N PHE B 103 -11.14 2.71 -11.94
CA PHE B 103 -10.76 3.73 -12.92
C PHE B 103 -11.90 4.67 -13.23
N LEU B 104 -13.13 4.17 -13.20
CA LEU B 104 -14.30 4.97 -13.45
C LEU B 104 -14.63 5.87 -12.27
N LEU B 105 -13.91 5.72 -11.16
CA LEU B 105 -14.03 6.56 -9.98
C LEU B 105 -13.03 7.72 -9.96
N ILE B 106 -12.04 7.71 -10.85
CA ILE B 106 -11.01 8.74 -10.87
C ILE B 106 -11.12 9.64 -12.09
N VAL B 107 -11.93 9.27 -13.08
CA VAL B 107 -12.08 10.04 -14.31
C VAL B 107 -12.71 11.41 -14.10
N PRO B 108 -13.50 11.67 -13.05
CA PRO B 108 -13.97 13.06 -12.84
C PRO B 108 -12.86 14.07 -12.72
N PHE B 109 -11.70 13.71 -12.19
CA PHE B 109 -10.68 14.71 -11.90
C PHE B 109 -10.15 15.40 -13.14
N TRP B 110 -10.33 14.83 -14.33
CA TRP B 110 -9.81 15.46 -15.53
C TRP B 110 -10.73 16.56 -16.04
N THR B 111 -11.94 16.66 -15.52
CA THR B 111 -12.78 17.83 -15.69
C THR B 111 -12.53 18.80 -14.54
N ASN B 112 -12.44 20.09 -14.87
CA ASN B 112 -12.08 21.07 -13.85
C ASN B 112 -13.07 21.06 -12.70
N SER B 113 -12.53 21.08 -11.48
CA SER B 113 -13.37 20.96 -10.29
C SER B 113 -14.25 22.18 -10.12
N LEU B 114 -13.75 23.35 -10.53
CA LEU B 114 -14.48 24.60 -10.32
C LEU B 114 -15.73 24.68 -11.18
N ILE B 115 -15.80 23.89 -12.26
CA ILE B 115 -17.00 23.87 -13.09
C ILE B 115 -18.00 22.83 -12.61
N ARG B 116 -17.54 21.73 -12.01
CA ARG B 116 -18.46 20.72 -11.52
C ARG B 116 -19.34 21.25 -10.41
N ILE B 117 -18.81 22.12 -9.54
CA ILE B 117 -19.64 22.75 -8.53
C ILE B 117 -20.63 23.72 -9.16
N TYR B 118 -20.19 24.50 -10.14
CA TYR B 118 -21.11 25.38 -10.85
C TYR B 118 -22.23 24.59 -11.50
N GLY B 119 -21.92 23.39 -11.99
CA GLY B 119 -22.95 22.53 -12.52
C GLY B 119 -23.91 22.03 -11.46
N LEU B 120 -23.39 21.71 -10.28
CA LEU B 120 -24.24 21.25 -9.19
C LEU B 120 -25.11 22.38 -8.65
N LYS B 121 -24.65 23.63 -8.81
CA LYS B 121 -25.45 24.77 -8.41
C LYS B 121 -26.73 24.85 -9.22
N ILE B 122 -26.66 24.54 -10.51
CA ILE B 122 -27.86 24.52 -11.34
C ILE B 122 -28.78 23.39 -10.90
N PHE B 123 -28.20 22.24 -10.57
CA PHE B 123 -28.97 21.02 -10.42
C PHE B 123 -29.85 21.05 -9.17
N LEU B 124 -29.56 21.95 -8.24
CA LEU B 124 -30.28 22.02 -6.98
C LEU B 124 -31.06 23.31 -6.79
N SER B 125 -31.05 24.19 -7.77
CA SER B 125 -31.71 25.49 -7.65
C SER B 125 -33.22 25.32 -7.54
N THR B 126 -33.89 26.40 -7.16
CA THR B 126 -35.35 26.36 -7.02
C THR B 126 -36.03 26.18 -8.37
N LYS B 127 -35.54 26.86 -9.39
CA LYS B 127 -36.09 26.76 -10.73
C LYS B 127 -35.30 25.87 -11.66
N GLY B 128 -34.28 25.18 -11.17
CA GLY B 128 -33.47 24.32 -11.99
C GLY B 128 -34.02 22.91 -12.09
N TYR B 129 -33.16 22.00 -12.54
CA TYR B 129 -33.46 20.59 -12.60
C TYR B 129 -33.57 20.03 -11.18
N LEU B 130 -34.13 18.84 -11.06
CA LEU B 130 -34.38 18.12 -9.81
C LEU B 130 -35.42 18.83 -8.96
N ASN B 131 -35.85 20.02 -9.33
CA ASN B 131 -37.08 20.59 -8.80
C ASN B 131 -38.20 20.59 -9.82
N GLU B 132 -37.89 20.88 -11.08
CA GLU B 132 -38.89 20.74 -12.13
C GLU B 132 -39.12 19.28 -12.47
N PHE B 133 -38.04 18.48 -12.52
CA PHE B 133 -38.20 17.05 -12.73
C PHE B 133 -38.97 16.39 -11.60
N LEU B 134 -38.65 16.74 -10.36
CA LEU B 134 -39.30 16.12 -9.23
C LEU B 134 -40.64 16.79 -8.94
N LEU B 135 -40.95 17.85 -9.69
CA LEU B 135 -42.26 18.47 -9.55
C LEU B 135 -43.34 17.67 -10.26
N TRP B 136 -43.12 17.35 -11.54
CA TRP B 136 -44.23 16.80 -12.31
C TRP B 136 -44.39 15.32 -12.01
N LEU B 137 -43.44 14.72 -11.32
CA LEU B 137 -43.66 13.37 -10.78
C LEU B 137 -44.19 13.43 -9.36
N GLY B 138 -45.15 14.32 -9.10
CA GLY B 138 -45.99 14.28 -7.92
C GLY B 138 -45.41 13.81 -6.59
N VAL B 139 -44.34 14.44 -6.11
CA VAL B 139 -43.81 14.08 -4.80
C VAL B 139 -43.82 15.30 -3.88
N ILE B 140 -43.69 16.48 -4.47
CA ILE B 140 -43.69 17.71 -3.69
C ILE B 140 -44.74 18.66 -4.24
N ASP B 141 -45.24 19.52 -3.36
CA ASP B 141 -46.17 20.57 -3.74
C ASP B 141 -45.48 21.90 -4.02
N THR B 142 -44.43 22.20 -3.29
CA THR B 142 -43.63 23.41 -3.46
C THR B 142 -42.16 23.02 -3.56
N PRO B 143 -41.34 23.86 -4.20
CA PRO B 143 -39.94 23.47 -4.42
C PRO B 143 -39.16 23.28 -3.13
N ILE B 144 -37.94 22.77 -3.29
CA ILE B 144 -36.99 22.61 -2.20
C ILE B 144 -35.88 23.63 -2.41
N ARG B 145 -35.66 24.48 -1.43
CA ARG B 145 -34.63 25.50 -1.50
C ARG B 145 -33.49 25.11 -0.59
N ILE B 146 -32.36 24.74 -1.19
CA ILE B 146 -31.17 24.33 -0.45
C ILE B 146 -29.94 25.11 -0.83
N MET B 147 -30.08 26.29 -1.41
CA MET B 147 -28.93 27.16 -1.60
C MET B 147 -28.91 28.25 -0.53
N PHE B 148 -27.72 28.80 -0.32
CA PHE B 148 -27.45 29.79 0.72
C PHE B 148 -27.79 29.27 2.10
N THR B 149 -27.63 27.97 2.32
CA THR B 149 -27.90 27.29 3.59
C THR B 149 -26.72 26.42 3.95
N PRO B 150 -26.54 26.10 5.24
CA PRO B 150 -25.44 25.21 5.63
C PRO B 150 -25.43 23.87 4.92
N SER B 151 -26.60 23.41 4.49
CA SER B 151 -26.69 22.11 3.83
C SER B 151 -25.97 22.12 2.48
N ALA B 152 -26.05 23.25 1.76
CA ALA B 152 -25.45 23.30 0.44
C ALA B 152 -23.94 23.09 0.48
N VAL B 153 -23.27 23.73 1.45
CA VAL B 153 -21.81 23.66 1.48
C VAL B 153 -21.36 22.25 1.82
N ILE B 154 -22.08 21.57 2.69
CA ILE B 154 -21.73 20.20 3.06
C ILE B 154 -21.82 19.27 1.86
N ILE B 155 -22.85 19.43 1.04
CA ILE B 155 -23.00 18.60 -0.14
C ILE B 155 -21.85 18.80 -1.11
N GLY B 156 -21.46 20.06 -1.33
CA GLY B 156 -20.33 20.33 -2.19
C GLY B 156 -19.04 19.76 -1.65
N LEU B 157 -18.84 19.84 -0.33
CA LEU B 157 -17.63 19.29 0.27
C LEU B 157 -17.57 17.78 0.11
N VAL B 158 -18.69 17.09 0.33
CA VAL B 158 -18.70 15.64 0.21
C VAL B 158 -18.48 15.23 -1.23
N TYR B 159 -18.98 16.01 -2.18
CA TYR B 159 -18.97 15.60 -3.58
C TYR B 159 -17.55 15.62 -4.16
N ILE B 160 -16.73 16.57 -3.73
CA ILE B 160 -15.37 16.62 -4.26
C ILE B 160 -14.45 15.67 -3.52
N LEU B 161 -14.54 15.63 -2.20
CA LEU B 161 -13.56 14.96 -1.37
C LEU B 161 -13.90 13.50 -1.08
N LEU B 162 -14.96 12.95 -1.66
CA LEU B 162 -15.29 11.55 -1.41
C LEU B 162 -14.25 10.57 -1.94
N PRO B 163 -13.73 10.70 -3.16
CA PRO B 163 -12.70 9.74 -3.60
C PRO B 163 -11.46 9.71 -2.73
N PHE B 164 -11.16 10.78 -2.00
CA PHE B 164 -10.03 10.77 -1.11
C PHE B 164 -10.27 9.93 0.13
N MET B 165 -11.49 9.46 0.35
CA MET B 165 -11.75 8.56 1.46
C MET B 165 -11.81 7.10 1.04
N VAL B 166 -12.24 6.82 -0.19
CA VAL B 166 -12.39 5.44 -0.62
C VAL B 166 -11.04 4.77 -0.83
N MET B 167 -10.09 5.48 -1.44
CA MET B 167 -8.80 4.86 -1.74
C MET B 167 -8.05 4.44 -0.49
N PRO B 168 -7.88 5.27 0.55
CA PRO B 168 -7.20 4.78 1.76
C PRO B 168 -7.91 3.61 2.41
N LEU B 169 -9.25 3.61 2.41
CA LEU B 169 -9.98 2.50 3.04
C LEU B 169 -9.87 1.24 2.21
N TYR B 170 -9.73 1.40 0.89
CA TYR B 170 -9.66 0.24 0.00
C TYR B 170 -8.40 -0.58 0.25
N SER B 171 -7.27 0.08 0.47
CA SER B 171 -6.04 -0.64 0.73
C SER B 171 -6.12 -1.42 2.04
N SER B 172 -6.67 -0.81 3.08
CA SER B 172 -6.60 -1.43 4.39
C SER B 172 -7.65 -2.52 4.56
N ILE B 173 -8.61 -2.61 3.63
CA ILE B 173 -9.52 -3.75 3.63
C ILE B 173 -8.96 -4.88 2.77
N GLU B 174 -8.40 -4.53 1.61
CA GLU B 174 -7.81 -5.55 0.75
C GLU B 174 -6.58 -6.19 1.37
N LYS B 175 -5.93 -5.53 2.33
CA LYS B 175 -4.71 -6.04 2.93
C LYS B 175 -4.95 -6.83 4.21
N LEU B 176 -6.21 -7.11 4.54
CA LEU B 176 -6.49 -7.97 5.68
C LEU B 176 -6.10 -9.41 5.38
N ASP B 177 -5.78 -10.15 6.43
CA ASP B 177 -5.56 -11.59 6.33
C ASP B 177 -6.90 -12.28 6.42
N LYS B 178 -7.26 -13.02 5.37
CA LYS B 178 -8.50 -13.79 5.41
C LYS B 178 -8.56 -14.79 6.56
N PRO B 179 -7.48 -15.50 6.93
CA PRO B 179 -7.60 -16.46 8.05
C PRO B 179 -8.05 -15.84 9.35
N LEU B 180 -7.70 -14.59 9.62
CA LEU B 180 -8.13 -13.96 10.86
C LEU B 180 -9.64 -13.87 10.94
N LEU B 181 -10.29 -13.59 9.82
CA LEU B 181 -11.75 -13.51 9.78
C LEU B 181 -12.38 -14.89 9.93
N GLU B 182 -11.77 -15.91 9.35
CA GLU B 182 -12.29 -17.27 9.49
C GLU B 182 -12.10 -17.81 10.90
N ALA B 183 -10.99 -17.44 11.56
CA ALA B 183 -10.72 -17.96 12.89
C ALA B 183 -11.75 -17.48 13.90
N ALA B 184 -12.17 -16.23 13.80
CA ALA B 184 -13.20 -15.72 14.71
C ALA B 184 -14.50 -16.47 14.51
N ARG B 185 -14.81 -16.85 13.28
CA ARG B 185 -16.04 -17.55 12.99
C ARG B 185 -16.09 -18.89 13.71
N ASP B 186 -14.97 -19.60 13.76
CA ASP B 186 -14.92 -20.88 14.47
C ASP B 186 -15.22 -20.69 15.95
N LEU B 187 -14.64 -19.67 16.56
CA LEU B 187 -14.66 -19.58 18.01
C LEU B 187 -16.01 -19.18 18.57
N GLY B 188 -16.92 -18.71 17.73
CA GLY B 188 -18.27 -18.43 18.17
C GLY B 188 -18.70 -16.99 18.04
N ALA B 189 -18.13 -16.29 17.06
CA ALA B 189 -18.37 -14.86 16.89
C ALA B 189 -19.32 -14.63 15.73
N SER B 190 -20.37 -13.84 15.99
CA SER B 190 -21.34 -13.50 14.96
C SER B 190 -20.76 -12.44 14.03
N LYS B 191 -21.59 -11.96 13.10
CA LYS B 191 -21.11 -10.97 12.14
C LYS B 191 -20.96 -9.61 12.77
N LEU B 192 -21.60 -9.39 13.92
CA LEU B 192 -21.50 -8.09 14.56
C LEU B 192 -20.27 -8.01 15.46
N GLN B 193 -20.01 -9.06 16.25
CA GLN B 193 -18.81 -9.03 17.10
C GLN B 193 -17.54 -9.17 16.30
N THR B 194 -17.60 -9.80 15.12
CA THR B 194 -16.42 -9.82 14.26
C THR B 194 -16.09 -8.42 13.77
N PHE B 195 -17.10 -7.61 13.52
CA PHE B 195 -16.88 -6.26 13.01
C PHE B 195 -16.36 -5.34 14.11
N ILE B 196 -16.96 -5.42 15.30
CA ILE B 196 -16.61 -4.50 16.37
C ILE B 196 -15.22 -4.78 16.91
N ARG B 197 -14.86 -6.06 17.06
CA ARG B 197 -13.73 -6.43 17.87
C ARG B 197 -12.50 -6.88 17.08
N ILE B 198 -12.61 -7.07 15.76
CA ILE B 198 -11.46 -7.42 14.93
C ILE B 198 -11.30 -6.48 13.74
N ILE B 199 -12.36 -6.30 12.96
CA ILE B 199 -12.21 -5.61 11.68
C ILE B 199 -11.92 -4.13 11.89
N ILE B 200 -12.63 -3.48 12.82
CA ILE B 200 -12.39 -2.05 13.06
C ILE B 200 -10.98 -1.79 13.57
N PRO B 201 -10.47 -2.48 14.59
CA PRO B 201 -9.09 -2.22 15.01
C PRO B 201 -8.04 -2.54 13.97
N LEU B 202 -8.24 -3.56 13.13
CA LEU B 202 -7.23 -3.86 12.13
C LEU B 202 -7.17 -2.77 11.07
N THR B 203 -8.29 -2.10 10.81
CA THR B 203 -8.39 -1.12 9.75
C THR B 203 -8.39 0.32 10.27
N MET B 204 -8.08 0.52 11.55
CA MET B 204 -8.08 1.87 12.10
C MET B 204 -7.06 2.80 11.47
N PRO B 205 -5.82 2.40 11.22
CA PRO B 205 -4.89 3.32 10.54
C PRO B 205 -5.36 3.77 9.18
N GLY B 206 -6.22 3.00 8.51
CA GLY B 206 -6.78 3.46 7.25
C GLY B 206 -7.91 4.46 7.43
N ILE B 207 -8.61 4.39 8.56
CA ILE B 207 -9.65 5.37 8.85
C ILE B 207 -9.05 6.73 9.16
N ILE B 208 -8.03 6.78 10.03
CA ILE B 208 -7.44 8.05 10.41
C ILE B 208 -6.78 8.70 9.21
N ALA B 209 -6.19 7.90 8.33
CA ALA B 209 -5.58 8.45 7.13
C ALA B 209 -6.62 9.16 6.27
N GLY B 210 -7.81 8.59 6.15
CA GLY B 210 -8.85 9.22 5.37
C GLY B 210 -9.28 10.57 5.93
N CYS B 211 -9.50 10.65 7.25
CA CYS B 211 -9.90 11.91 7.84
C CYS B 211 -8.85 12.99 7.67
N LEU B 212 -7.58 12.62 7.60
CA LEU B 212 -6.54 13.60 7.30
C LEU B 212 -6.73 14.23 5.93
N LEU B 213 -7.07 13.42 4.93
CA LEU B 213 -7.21 13.94 3.57
C LEU B 213 -8.55 14.58 3.31
N VAL B 214 -9.51 14.47 4.23
CA VAL B 214 -10.82 15.04 4.03
C VAL B 214 -11.07 16.27 4.89
N MET B 215 -10.76 16.24 6.17
CA MET B 215 -11.11 17.35 7.04
C MET B 215 -10.20 18.55 6.84
N LEU B 216 -8.91 18.32 6.64
CA LEU B 216 -8.00 19.45 6.43
C LEU B 216 -8.27 20.20 5.13
N PRO B 217 -8.42 19.55 3.97
CA PRO B 217 -8.83 20.32 2.78
C PRO B 217 -10.21 20.89 2.88
N ALA B 218 -11.10 20.32 3.69
CA ALA B 218 -12.46 20.84 3.80
C ALA B 218 -12.52 22.20 4.47
N MET B 219 -11.44 22.64 5.11
CA MET B 219 -11.37 23.98 5.69
C MET B 219 -10.57 24.95 4.84
N GLY B 220 -10.24 24.57 3.61
CA GLY B 220 -9.48 25.44 2.74
C GLY B 220 -10.13 25.66 1.39
N LEU B 221 -11.19 24.90 1.11
CA LEU B 221 -11.91 25.03 -0.15
C LEU B 221 -12.82 26.24 -0.07
N PHE B 222 -12.33 27.40 -0.50
CA PHE B 222 -13.13 28.60 -0.39
C PHE B 222 -14.19 28.73 -1.47
N TYR B 223 -14.10 27.96 -2.56
CA TYR B 223 -15.04 28.19 -3.64
C TYR B 223 -16.35 27.45 -3.47
N VAL B 224 -16.43 26.47 -2.58
CA VAL B 224 -17.74 25.91 -2.24
C VAL B 224 -18.57 26.94 -1.50
N SER B 225 -17.92 27.74 -0.64
CA SER B 225 -18.64 28.79 0.07
C SER B 225 -18.91 30.00 -0.81
N ASP B 226 -18.00 30.32 -1.73
CA ASP B 226 -18.24 31.42 -2.66
C ASP B 226 -19.45 31.14 -3.55
N LEU B 227 -19.54 29.94 -4.10
CA LEU B 227 -20.57 29.64 -5.07
C LEU B 227 -21.89 29.21 -4.44
N MET B 228 -21.86 28.71 -3.21
CA MET B 228 -23.01 28.05 -2.66
C MET B 228 -23.36 28.43 -1.23
N GLY B 229 -22.47 29.09 -0.50
CA GLY B 229 -22.72 29.31 0.91
C GLY B 229 -23.49 30.57 1.19
N GLY B 230 -23.03 31.68 0.66
CA GLY B 230 -23.66 32.94 0.90
C GLY B 230 -22.92 33.78 1.92
N ALA B 231 -23.69 34.47 2.75
CA ALA B 231 -23.11 35.35 3.75
C ALA B 231 -22.97 34.70 5.10
N LYS B 232 -23.87 33.80 5.47
CA LYS B 232 -23.86 33.27 6.83
C LYS B 232 -23.04 32.00 6.96
N ASN B 233 -22.51 31.47 5.88
CA ASN B 233 -21.80 30.19 5.89
C ASN B 233 -20.44 30.38 5.24
N LEU B 234 -19.40 30.46 6.06
CA LEU B 234 -18.04 30.69 5.61
C LEU B 234 -17.14 29.57 6.12
N LEU B 235 -16.05 29.34 5.40
CA LEU B 235 -14.99 28.45 5.85
C LEU B 235 -13.77 29.29 6.19
N ILE B 236 -12.81 28.68 6.88
CA ILE B 236 -11.63 29.43 7.29
C ILE B 236 -10.84 29.90 6.08
N GLY B 237 -10.80 29.09 5.03
CA GLY B 237 -10.05 29.48 3.85
C GLY B 237 -10.46 30.82 3.27
N ASN B 238 -11.74 31.17 3.41
CA ASN B 238 -12.17 32.49 2.96
C ASN B 238 -11.55 33.60 3.78
N VAL B 239 -11.38 33.38 5.08
CA VAL B 239 -10.86 34.43 5.96
C VAL B 239 -9.42 34.76 5.59
N ILE B 240 -8.59 33.75 5.34
CA ILE B 240 -7.19 34.01 5.02
C ILE B 240 -7.06 34.67 3.66
N LYS B 241 -7.89 34.27 2.70
CA LYS B 241 -7.84 34.91 1.39
C LYS B 241 -8.21 36.38 1.49
N VAL B 242 -9.22 36.71 2.28
CA VAL B 242 -9.63 38.11 2.44
C VAL B 242 -8.52 38.92 3.09
N GLN B 243 -7.86 38.37 4.11
CA GLN B 243 -6.82 39.11 4.80
C GLN B 243 -5.59 39.30 3.95
N PHE B 244 -5.13 38.26 3.26
CA PHE B 244 -3.86 38.28 2.57
C PHE B 244 -3.90 39.03 1.24
N LEU B 245 -5.09 39.32 0.71
CA LEU B 245 -5.16 39.89 -0.63
C LEU B 245 -6.02 41.16 -0.72
N ASN B 246 -7.00 41.34 0.17
CA ASN B 246 -7.81 42.55 0.16
C ASN B 246 -7.46 43.52 1.29
N ILE B 247 -7.50 43.06 2.54
CA ILE B 247 -7.21 43.96 3.65
C ILE B 247 -5.71 44.14 3.84
N ARG B 248 -4.92 43.15 3.41
CA ARG B 248 -3.47 43.19 3.49
C ARG B 248 -2.96 43.30 4.92
N ASP B 249 -3.56 42.52 5.82
CA ASP B 249 -3.09 42.41 7.21
C ASP B 249 -2.47 41.04 7.34
N TRP B 250 -1.20 40.93 6.98
CA TRP B 250 -0.56 39.62 6.95
C TRP B 250 -0.45 38.99 8.34
N PRO B 251 -0.02 39.69 9.39
CA PRO B 251 0.05 39.04 10.70
C PRO B 251 -1.25 38.46 11.19
N PHE B 252 -2.39 39.11 10.96
CA PHE B 252 -3.64 38.49 11.40
C PHE B 252 -4.02 37.32 10.53
N GLY B 253 -3.74 37.39 9.23
CA GLY B 253 -3.99 36.27 8.36
C GLY B 253 -3.16 35.06 8.70
N ALA B 254 -1.91 35.26 9.09
CA ALA B 254 -1.08 34.15 9.51
C ALA B 254 -1.52 33.59 10.85
N ALA B 255 -1.99 34.44 11.75
CA ALA B 255 -2.43 33.96 13.06
C ALA B 255 -3.69 33.11 12.93
N THR B 256 -4.43 33.27 11.84
CA THR B 256 -5.61 32.45 11.61
C THR B 256 -5.24 31.05 11.16
N SER B 257 -4.12 30.91 10.45
CA SER B 257 -3.74 29.63 9.86
C SER B 257 -3.30 28.63 10.92
N ILE B 258 -2.98 29.09 12.12
CA ILE B 258 -2.43 28.19 13.12
C ILE B 258 -3.50 27.34 13.77
N THR B 259 -4.77 27.72 13.66
CA THR B 259 -5.83 26.81 14.07
C THR B 259 -5.90 25.59 13.19
N LEU B 260 -5.18 25.61 12.07
CA LEU B 260 -5.17 24.54 11.08
C LEU B 260 -3.94 23.66 11.20
N THR B 261 -2.84 24.20 11.74
CA THR B 261 -1.68 23.39 12.06
C THR B 261 -1.87 22.61 13.35
N ILE B 262 -2.61 23.19 14.31
CA ILE B 262 -2.88 22.48 15.56
C ILE B 262 -3.66 21.20 15.28
N VAL B 263 -4.70 21.29 14.44
CA VAL B 263 -5.49 20.10 14.14
C VAL B 263 -4.67 19.08 13.36
N MET B 264 -3.78 19.54 12.49
CA MET B 264 -2.92 18.60 11.77
C MET B 264 -2.03 17.84 12.73
N GLY B 265 -1.50 18.50 13.75
CA GLY B 265 -0.66 17.83 14.71
C GLY B 265 -1.40 16.78 15.52
N LEU B 266 -2.59 17.13 15.99
CA LEU B 266 -3.33 16.21 16.87
C LEU B 266 -3.77 14.97 16.12
N MET B 267 -4.24 15.12 14.88
CA MET B 267 -4.69 13.97 14.11
C MET B 267 -3.53 13.11 13.65
N LEU B 268 -2.34 13.69 13.48
CA LEU B 268 -1.18 12.89 13.13
C LEU B 268 -0.71 12.04 14.31
N LEU B 269 -0.85 12.57 15.54
CA LEU B 269 -0.44 11.81 16.71
C LEU B 269 -1.24 10.52 16.83
N VAL B 270 -2.55 10.58 16.56
CA VAL B 270 -3.37 9.39 16.65
C VAL B 270 -2.94 8.37 15.60
N TYR B 271 -2.38 8.84 14.48
CA TYR B 271 -1.96 7.92 13.44
C TYR B 271 -0.70 7.17 13.84
N TRP B 272 0.28 7.88 14.42
CA TRP B 272 1.48 7.20 14.89
C TRP B 272 1.16 6.23 16.01
N ARG B 273 0.31 6.63 16.95
CA ARG B 273 0.05 5.76 18.09
C ARG B 273 -0.83 4.58 17.69
N ALA B 274 -1.77 4.76 16.76
CA ALA B 274 -2.62 3.65 16.36
C ALA B 274 -1.94 2.74 15.36
N SER B 275 -0.83 3.19 14.76
CA SER B 275 -0.07 2.31 13.88
C SER B 275 0.82 1.38 14.70
N ARG B 276 1.34 1.88 15.83
CA ARG B 276 2.21 1.06 16.65
C ARG B 276 1.45 -0.07 17.33
N LEU B 277 0.20 0.17 17.70
CA LEU B 277 -0.60 -0.85 18.38
C LEU B 277 -0.79 -2.09 17.52
N LEU B 278 -0.66 -1.94 16.19
CA LEU B 278 -0.95 -3.03 15.28
C LEU B 278 0.30 -3.80 14.87
N ASN B 279 1.38 -3.10 14.56
CA ASN B 279 2.61 -3.73 14.11
C ASN B 279 3.30 -4.46 15.24
N LEU C 5 -29.76 -6.80 -6.72
CA LEU C 5 -29.49 -6.60 -5.30
C LEU C 5 -29.57 -5.14 -4.89
N LEU C 6 -29.76 -4.93 -3.59
CA LEU C 6 -29.58 -3.62 -3.00
C LEU C 6 -28.12 -3.25 -2.82
N ARG C 7 -27.23 -4.25 -2.78
CA ARG C 7 -25.80 -3.96 -2.78
C ARG C 7 -25.38 -3.29 -4.06
N GLY C 8 -25.91 -3.75 -5.20
CA GLY C 8 -25.66 -3.06 -6.45
C GLY C 8 -26.36 -1.72 -6.52
N GLY C 9 -27.46 -1.57 -5.80
CA GLY C 9 -28.12 -0.29 -5.74
C GLY C 9 -27.29 0.76 -5.03
N PHE C 10 -26.58 0.36 -3.98
CA PHE C 10 -25.71 1.30 -3.28
C PHE C 10 -24.58 1.76 -4.19
N MET C 11 -24.00 0.86 -4.97
CA MET C 11 -22.91 1.28 -5.83
C MET C 11 -23.43 2.07 -7.03
N THR C 12 -24.67 1.80 -7.43
CA THR C 12 -25.25 2.58 -8.53
C THR C 12 -25.44 4.04 -8.12
N ALA C 13 -25.88 4.28 -6.89
CA ALA C 13 -26.14 5.65 -6.45
C ALA C 13 -24.87 6.47 -6.39
N ILE C 14 -23.80 5.92 -5.77
CA ILE C 14 -22.60 6.72 -5.58
C ILE C 14 -22.01 7.14 -6.92
N TYR C 15 -22.10 6.28 -7.92
CA TYR C 15 -21.61 6.66 -9.24
C TYR C 15 -22.51 7.69 -9.90
N ALA C 16 -23.82 7.58 -9.69
CA ALA C 16 -24.74 8.58 -10.24
C ALA C 16 -24.55 9.93 -9.59
N TYR C 17 -24.29 9.94 -8.28
CA TYR C 17 -24.04 11.18 -7.56
C TYR C 17 -22.82 11.89 -8.14
N LEU C 18 -21.77 11.15 -8.45
CA LEU C 18 -20.55 11.75 -8.96
C LEU C 18 -20.63 12.10 -10.43
N TYR C 19 -21.58 11.54 -11.17
CA TYR C 19 -21.61 11.68 -12.62
C TYR C 19 -22.72 12.59 -13.14
N ILE C 20 -23.67 12.98 -12.30
CA ILE C 20 -24.73 13.87 -12.75
C ILE C 20 -24.19 15.24 -13.17
N PRO C 21 -23.41 15.96 -12.36
CA PRO C 21 -22.97 17.29 -12.80
C PRO C 21 -22.05 17.27 -14.01
N ILE C 22 -21.38 16.16 -14.28
CA ILE C 22 -20.56 16.08 -15.48
C ILE C 22 -21.44 16.08 -16.73
N ILE C 23 -22.53 15.32 -16.69
CA ILE C 23 -23.43 15.26 -17.84
C ILE C 23 -24.06 16.62 -18.09
N ILE C 24 -24.36 17.35 -17.02
CA ILE C 24 -24.96 18.68 -17.16
C ILE C 24 -24.03 19.62 -17.89
N LEU C 25 -22.73 19.57 -17.59
CA LEU C 25 -21.82 20.47 -18.28
C LEU C 25 -21.57 20.03 -19.71
N ILE C 26 -22.06 18.85 -20.08
CA ILE C 26 -22.02 18.45 -21.49
C ILE C 26 -23.33 18.80 -22.17
N VAL C 27 -24.46 18.54 -21.51
CA VAL C 27 -25.75 18.88 -22.10
C VAL C 27 -25.86 20.39 -22.31
N ASN C 28 -25.42 21.19 -21.34
CA ASN C 28 -25.54 22.63 -21.45
C ASN C 28 -24.50 23.23 -22.39
N SER C 29 -23.53 22.43 -22.85
CA SER C 29 -22.60 22.96 -23.85
C SER C 29 -23.31 23.22 -25.16
N PHE C 30 -24.23 22.36 -25.55
CA PHE C 30 -25.00 22.49 -26.78
C PHE C 30 -26.33 23.19 -26.56
N ASN C 31 -26.63 23.62 -25.34
CA ASN C 31 -27.81 24.41 -25.06
C ASN C 31 -27.63 25.81 -25.62
N SER C 32 -28.75 26.49 -25.83
CA SER C 32 -28.70 27.83 -26.44
C SER C 32 -28.97 28.94 -25.45
N SER C 33 -29.61 28.66 -24.32
CA SER C 33 -29.78 29.70 -23.31
C SER C 33 -28.44 30.00 -22.66
N ARG C 34 -28.12 31.29 -22.60
CA ARG C 34 -26.83 31.71 -22.08
C ARG C 34 -26.69 31.50 -20.59
N PHE C 35 -27.70 30.93 -19.94
CA PHE C 35 -27.71 30.83 -18.48
C PHE C 35 -27.61 29.39 -18.00
N GLY C 36 -28.44 28.50 -18.53
CA GLY C 36 -28.27 27.09 -18.28
C GLY C 36 -29.26 26.44 -17.34
N ILE C 37 -30.34 27.12 -17.00
CA ILE C 37 -31.28 26.54 -16.04
C ILE C 37 -32.23 25.57 -16.74
N ASN C 38 -32.65 25.88 -17.96
CA ASN C 38 -33.58 25.05 -18.72
C ASN C 38 -32.99 24.68 -20.07
N TRP C 39 -33.78 23.99 -20.89
CA TRP C 39 -33.35 23.54 -22.20
C TRP C 39 -34.08 24.32 -23.27
N GLN C 40 -33.33 24.93 -24.18
CA GLN C 40 -33.88 25.79 -25.23
C GLN C 40 -33.21 25.50 -26.57
N GLY C 41 -33.13 24.24 -26.95
CA GLY C 41 -32.74 23.89 -28.30
C GLY C 41 -31.27 23.51 -28.39
N PHE C 42 -30.83 23.32 -29.63
CA PHE C 42 -29.50 22.82 -29.94
C PHE C 42 -28.75 23.84 -30.75
N THR C 43 -27.44 23.94 -30.50
CA THR C 43 -26.61 24.92 -31.19
C THR C 43 -25.15 24.48 -31.11
N THR C 44 -24.38 24.89 -32.11
CA THR C 44 -22.93 24.75 -32.07
C THR C 44 -22.25 26.10 -32.11
N LYS C 45 -22.94 27.14 -31.65
CA LYS C 45 -22.39 28.50 -31.65
C LYS C 45 -21.26 28.64 -30.65
N TRP C 46 -21.40 28.01 -29.49
CA TRP C 46 -20.51 28.28 -28.36
C TRP C 46 -19.08 27.85 -28.66
N TYR C 47 -18.90 26.71 -29.33
CA TYR C 47 -17.54 26.27 -29.63
C TYR C 47 -16.86 27.26 -30.57
N SER C 48 -17.57 27.69 -31.60
CA SER C 48 -17.00 28.64 -32.54
C SER C 48 -16.67 29.95 -31.85
N LEU C 49 -17.53 30.39 -30.93
CA LEU C 49 -17.24 31.61 -30.20
C LEU C 49 -15.99 31.43 -29.34
N LEU C 50 -15.80 30.23 -28.80
CA LEU C 50 -14.56 29.93 -28.05
C LEU C 50 -13.34 30.07 -28.93
N MET C 51 -13.41 29.58 -30.17
CA MET C 51 -12.20 29.52 -30.99
C MET C 51 -11.57 30.89 -31.21
N ASN C 52 -12.34 31.97 -31.11
CA ASN C 52 -11.81 33.32 -31.29
C ASN C 52 -11.40 33.98 -29.99
N ASN C 53 -11.78 33.44 -28.84
CA ASN C 53 -11.51 34.03 -27.54
C ASN C 53 -10.02 33.98 -27.25
N ASP C 54 -9.36 35.13 -27.33
CA ASP C 54 -7.90 35.14 -27.19
C ASP C 54 -7.46 34.89 -25.76
N SER C 55 -8.09 35.55 -24.79
CA SER C 55 -7.63 35.47 -23.42
C SER C 55 -7.74 34.06 -22.88
N LEU C 56 -8.86 33.40 -23.13
CA LEU C 56 -9.07 32.07 -22.58
C LEU C 56 -8.17 31.04 -23.25
N LEU C 57 -7.88 31.23 -24.53
CA LEU C 57 -6.95 30.34 -25.22
C LEU C 57 -5.53 30.51 -24.70
N GLN C 58 -5.10 31.74 -24.47
CA GLN C 58 -3.78 31.95 -23.87
C GLN C 58 -3.71 31.33 -22.47
N ALA C 59 -4.79 31.46 -21.69
CA ALA C 59 -4.79 30.87 -20.35
C ALA C 59 -4.67 29.36 -20.42
N ALA C 60 -5.40 28.72 -21.33
CA ALA C 60 -5.28 27.27 -21.48
C ALA C 60 -3.87 26.88 -21.91
N GLN C 61 -3.26 27.67 -22.79
CA GLN C 61 -1.89 27.37 -23.21
C GLN C 61 -0.93 27.42 -22.03
N HIS C 62 -1.07 28.43 -21.17
CA HIS C 62 -0.21 28.51 -20.00
C HIS C 62 -0.44 27.33 -19.06
N SER C 63 -1.70 26.93 -18.88
CA SER C 63 -1.96 25.76 -18.04
C SER C 63 -1.25 24.53 -18.56
N LEU C 64 -1.35 24.27 -19.86
CA LEU C 64 -0.73 23.06 -20.42
C LEU C 64 0.78 23.09 -20.28
N THR C 65 1.41 24.21 -20.61
CA THR C 65 2.87 24.26 -20.52
C THR C 65 3.35 24.09 -19.08
N MET C 66 2.66 24.72 -18.13
CA MET C 66 3.09 24.57 -16.74
C MET C 66 2.91 23.14 -16.26
N ALA C 67 1.80 22.50 -16.62
CA ALA C 67 1.58 21.12 -16.22
C ALA C 67 2.65 20.20 -16.77
N VAL C 68 2.99 20.35 -18.05
CA VAL C 68 4.02 19.52 -18.64
C VAL C 68 5.35 19.68 -17.91
N PHE C 69 5.78 20.93 -17.70
CA PHE C 69 7.08 21.16 -17.09
C PHE C 69 7.13 20.61 -15.66
N SER C 70 6.12 20.94 -14.86
CA SER C 70 6.12 20.50 -13.47
C SER C 70 6.09 18.99 -13.37
N ALA C 71 5.25 18.33 -14.19
CA ALA C 71 5.17 16.88 -14.15
C ALA C 71 6.49 16.23 -14.52
N THR C 72 7.15 16.74 -15.58
CA THR C 72 8.41 16.14 -15.99
C THR C 72 9.47 16.22 -14.89
N PHE C 73 9.69 17.42 -14.34
CA PHE C 73 10.76 17.55 -13.36
C PHE C 73 10.43 16.80 -12.07
N ALA C 74 9.18 16.83 -11.64
CA ALA C 74 8.80 16.09 -10.45
C ALA C 74 9.01 14.61 -10.64
N THR C 75 8.62 14.08 -11.81
CA THR C 75 8.82 12.65 -12.06
C THR C 75 10.28 12.29 -11.98
N LEU C 76 11.14 13.09 -12.59
CA LEU C 76 12.57 12.77 -12.58
C LEU C 76 13.12 12.73 -11.15
N ILE C 77 12.91 13.80 -10.40
CA ILE C 77 13.50 13.87 -9.05
C ILE C 77 12.91 12.80 -8.14
N GLY C 78 11.60 12.62 -8.16
CA GLY C 78 10.98 11.65 -7.28
C GLY C 78 11.38 10.22 -7.62
N SER C 79 11.49 9.90 -8.91
CA SER C 79 11.92 8.57 -9.30
C SER C 79 13.33 8.29 -8.82
N LEU C 80 14.23 9.26 -8.96
CA LEU C 80 15.59 9.04 -8.46
C LEU C 80 15.59 8.86 -6.95
N THR C 81 14.76 9.61 -6.23
CA THR C 81 14.71 9.45 -4.79
C THR C 81 14.19 8.06 -4.41
N ALA C 82 13.21 7.55 -5.15
CA ALA C 82 12.69 6.23 -4.84
C ALA C 82 13.73 5.14 -5.10
N VAL C 83 14.53 5.31 -6.16
CA VAL C 83 15.64 4.40 -6.39
C VAL C 83 16.62 4.46 -5.23
N ALA C 84 16.92 5.67 -4.75
CA ALA C 84 17.85 5.82 -3.64
C ALA C 84 17.33 5.11 -2.38
N LEU C 85 16.04 5.22 -2.11
CA LEU C 85 15.50 4.56 -0.92
C LEU C 85 15.48 3.04 -1.07
N TYR C 86 15.08 2.53 -2.24
CA TYR C 86 15.01 1.09 -2.43
C TYR C 86 16.39 0.44 -2.39
N ARG C 87 17.39 1.08 -2.99
CA ARG C 87 18.69 0.45 -3.16
C ARG C 87 19.51 0.44 -1.88
N TYR C 88 19.41 1.50 -1.06
CA TYR C 88 20.27 1.66 0.10
C TYR C 88 19.46 1.53 1.38
N ARG C 89 20.15 1.17 2.46
CA ARG C 89 19.58 1.14 3.80
C ARG C 89 20.52 1.84 4.77
N PHE C 90 20.02 2.87 5.44
CA PHE C 90 20.80 3.63 6.41
C PHE C 90 19.95 3.88 7.64
N ARG C 91 20.42 4.80 8.49
CA ARG C 91 19.75 5.03 9.77
C ARG C 91 18.61 6.03 9.65
N GLY C 92 18.71 6.97 8.73
CA GLY C 92 17.71 8.02 8.62
C GLY C 92 16.52 7.69 7.75
N LYS C 93 16.39 6.45 7.29
CA LYS C 93 15.30 6.10 6.39
C LYS C 93 13.92 6.26 7.01
N PRO C 94 13.64 5.77 8.23
CA PRO C 94 12.32 6.04 8.82
C PRO C 94 12.02 7.52 8.97
N PHE C 95 13.04 8.32 9.29
CA PHE C 95 12.84 9.75 9.43
C PHE C 95 12.42 10.38 8.11
N VAL C 96 13.06 9.98 7.01
CA VAL C 96 12.71 10.55 5.70
C VAL C 96 11.33 10.08 5.27
N SER C 97 10.98 8.83 5.58
CA SER C 97 9.62 8.37 5.29
C SER C 97 8.58 9.19 6.04
N GLY C 98 8.83 9.46 7.32
CA GLY C 98 7.92 10.31 8.08
C GLY C 98 7.84 11.72 7.51
N MET C 99 8.98 12.27 7.07
CA MET C 99 8.97 13.59 6.46
C MET C 99 8.06 13.63 5.24
N LEU C 100 8.19 12.62 4.37
CA LEU C 100 7.35 12.59 3.17
C LEU C 100 5.87 12.44 3.53
N PHE C 101 5.57 11.59 4.51
CA PHE C 101 4.18 11.41 4.91
C PHE C 101 3.60 12.72 5.45
N VAL C 102 4.36 13.43 6.27
CA VAL C 102 3.85 14.68 6.84
C VAL C 102 3.68 15.73 5.76
N VAL C 103 4.59 15.77 4.79
CA VAL C 103 4.43 16.71 3.67
C VAL C 103 3.17 16.39 2.89
N MET C 104 2.89 15.11 2.67
CA MET C 104 1.72 14.76 1.89
C MET C 104 0.43 15.02 2.66
N MET C 105 0.47 14.90 3.98
CA MET C 105 -0.67 15.25 4.82
C MET C 105 -0.69 16.73 5.17
N SER C 106 -0.56 17.61 4.18
CA SER C 106 -0.43 19.00 4.57
C SER C 106 -1.51 19.85 3.90
N PRO C 107 -2.04 20.84 4.61
CA PRO C 107 -3.06 21.71 4.01
C PRO C 107 -2.47 22.54 2.89
N ASP C 108 -3.31 22.83 1.89
CA ASP C 108 -2.82 23.56 0.72
C ASP C 108 -2.80 25.06 0.95
N ILE C 109 -3.71 25.57 1.77
CA ILE C 109 -3.74 27.00 2.03
C ILE C 109 -2.50 27.44 2.80
N VAL C 110 -2.05 26.59 3.74
CA VAL C 110 -0.83 26.90 4.49
C VAL C 110 0.37 26.90 3.56
N MET C 111 0.44 25.94 2.65
CA MET C 111 1.50 25.93 1.66
C MET C 111 1.49 27.19 0.80
N ALA C 112 0.30 27.63 0.37
CA ALA C 112 0.22 28.83 -0.46
C ALA C 112 0.75 30.04 0.29
N ILE C 113 0.28 30.25 1.52
CA ILE C 113 0.70 31.44 2.25
C ILE C 113 2.19 31.39 2.59
N SER C 114 2.70 30.20 2.90
CA SER C 114 4.11 30.06 3.22
C SER C 114 4.98 30.39 2.02
N LEU C 115 4.60 29.89 0.84
CA LEU C 115 5.40 30.19 -0.34
C LEU C 115 5.28 31.65 -0.71
N LEU C 116 4.15 32.28 -0.42
CA LEU C 116 4.05 33.72 -0.64
C LEU C 116 5.05 34.49 0.21
N VAL C 117 5.09 34.19 1.52
CA VAL C 117 6.02 34.93 2.37
C VAL C 117 7.46 34.62 2.00
N LEU C 118 7.75 33.38 1.60
CA LEU C 118 9.13 33.04 1.22
C LEU C 118 9.56 33.81 -0.01
N PHE C 119 8.70 33.88 -1.03
CA PHE C 119 9.09 34.58 -2.23
C PHE C 119 9.10 36.09 -2.02
N MET C 120 8.35 36.57 -1.02
CA MET C 120 8.38 38.00 -0.74
C MET C 120 9.64 38.41 0.00
N LEU C 121 10.14 37.57 0.91
CA LEU C 121 11.32 37.95 1.67
C LEU C 121 12.58 37.91 0.82
N LEU C 122 12.76 36.85 0.04
CA LEU C 122 13.95 36.75 -0.79
C LEU C 122 13.99 37.81 -1.88
N GLY C 123 12.85 38.12 -2.49
CA GLY C 123 12.81 39.13 -3.52
C GLY C 123 12.75 38.60 -4.94
N ILE C 124 11.87 37.63 -5.19
CA ILE C 124 11.63 37.10 -6.52
C ILE C 124 10.21 37.48 -6.94
N GLN C 125 10.09 38.06 -8.12
CA GLN C 125 8.79 38.52 -8.60
C GLN C 125 7.85 37.34 -8.81
N LEU C 126 6.56 37.59 -8.64
CA LEU C 126 5.58 36.54 -8.82
C LEU C 126 5.29 36.36 -10.31
N GLY C 127 5.24 35.10 -10.74
CA GLY C 127 5.05 34.79 -12.14
C GLY C 127 5.25 33.34 -12.51
N PHE C 128 6.10 33.11 -13.50
CA PHE C 128 6.34 31.77 -14.03
C PHE C 128 7.09 30.89 -13.05
N TRP C 129 8.23 31.37 -12.55
CA TRP C 129 9.11 30.53 -11.76
C TRP C 129 8.46 30.10 -10.45
N SER C 130 7.78 31.03 -9.78
CA SER C 130 7.18 30.71 -8.50
C SER C 130 6.15 29.59 -8.67
N LEU C 131 5.34 29.67 -9.71
CA LEU C 131 4.34 28.66 -9.96
C LEU C 131 5.00 27.31 -10.26
N LEU C 132 6.09 27.34 -11.03
CA LEU C 132 6.82 26.11 -11.31
C LEU C 132 7.28 25.43 -10.02
N PHE C 133 7.94 26.19 -9.16
CA PHE C 133 8.49 25.61 -7.94
C PHE C 133 7.39 25.08 -7.03
N SER C 134 6.29 25.82 -6.90
CA SER C 134 5.19 25.36 -6.06
C SER C 134 4.60 24.07 -6.59
N HIS C 135 4.40 24.00 -7.92
CA HIS C 135 3.81 22.80 -8.50
C HIS C 135 4.70 21.57 -8.28
N ILE C 136 6.01 21.72 -8.49
CA ILE C 136 6.93 20.61 -8.21
C ILE C 136 6.83 20.20 -6.75
N THR C 137 6.77 21.19 -5.86
CA THR C 137 6.78 20.91 -4.43
C THR C 137 5.58 20.07 -4.02
N PHE C 138 4.39 20.38 -4.51
CA PHE C 138 3.29 19.56 -4.05
C PHE C 138 3.01 18.37 -4.97
N CYS C 139 3.79 18.18 -6.03
CA CYS C 139 3.65 16.97 -6.82
C CYS C 139 4.64 15.86 -6.45
N LEU C 140 5.79 16.19 -5.84
CA LEU C 140 6.80 15.16 -5.57
C LEU C 140 6.31 13.95 -4.78
N PRO C 141 5.62 14.09 -3.64
CA PRO C 141 5.39 12.92 -2.79
C PRO C 141 4.64 11.79 -3.47
N PHE C 142 3.67 12.10 -4.33
CA PHE C 142 2.90 11.05 -4.99
C PHE C 142 3.78 10.25 -5.95
N VAL C 143 4.66 10.94 -6.68
CA VAL C 143 5.62 10.26 -7.54
C VAL C 143 6.50 9.33 -6.71
N VAL C 144 7.02 9.83 -5.58
CA VAL C 144 7.90 9.02 -4.75
C VAL C 144 7.17 7.76 -4.28
N VAL C 145 5.95 7.92 -3.77
CA VAL C 145 5.22 6.79 -3.23
C VAL C 145 4.94 5.78 -4.33
N THR C 146 4.52 6.24 -5.51
CA THR C 146 4.18 5.32 -6.58
C THR C 146 5.40 4.50 -7.01
N VAL C 147 6.51 5.16 -7.31
CA VAL C 147 7.67 4.42 -7.79
C VAL C 147 8.21 3.49 -6.72
N TYR C 148 8.26 3.95 -5.46
CA TYR C 148 8.80 3.11 -4.40
C TYR C 148 7.91 1.89 -4.16
N SER C 149 6.59 2.06 -4.18
CA SER C 149 5.72 0.92 -3.97
C SER C 149 5.81 -0.05 -5.14
N ARG C 150 6.04 0.45 -6.36
CA ARG C 150 6.27 -0.46 -7.47
C ARG C 150 7.53 -1.29 -7.24
N LEU C 151 8.61 -0.64 -6.85
CA LEU C 151 9.89 -1.35 -6.73
C LEU C 151 9.92 -2.27 -5.53
N LYS C 152 9.11 -1.99 -4.51
CA LYS C 152 9.18 -2.74 -3.26
C LYS C 152 8.66 -4.17 -3.42
N GLY C 153 8.05 -4.51 -4.54
CA GLY C 153 7.57 -5.84 -4.79
C GLY C 153 8.55 -6.77 -5.46
N PHE C 154 9.84 -6.45 -5.45
CA PHE C 154 10.86 -7.28 -6.05
C PHE C 154 11.99 -7.52 -5.05
N ASP C 155 12.73 -8.60 -5.28
CA ASP C 155 13.84 -8.93 -4.41
C ASP C 155 14.96 -7.91 -4.55
N VAL C 156 15.56 -7.53 -3.42
CA VAL C 156 16.69 -6.62 -3.47
C VAL C 156 17.99 -7.36 -3.76
N ARG C 157 18.00 -8.68 -3.59
CA ARG C 157 19.20 -9.47 -3.80
C ARG C 157 19.66 -9.46 -5.25
N MET C 158 18.79 -9.03 -6.17
CA MET C 158 19.18 -8.93 -7.57
C MET C 158 20.40 -8.06 -7.74
N LEU C 159 20.49 -6.98 -6.97
CA LEU C 159 21.57 -6.03 -7.15
C LEU C 159 22.90 -6.62 -6.71
N GLU C 160 22.91 -7.34 -5.59
CA GLU C 160 24.11 -8.07 -5.20
C GLU C 160 24.48 -9.12 -6.23
N ALA C 161 23.48 -9.83 -6.76
CA ALA C 161 23.77 -10.86 -7.77
C ALA C 161 24.38 -10.23 -9.01
N ALA C 162 23.88 -9.04 -9.39
CA ALA C 162 24.43 -8.33 -10.54
C ALA C 162 25.86 -7.88 -10.27
N LYS C 163 26.15 -7.43 -9.05
CA LYS C 163 27.53 -7.06 -8.73
C LYS C 163 28.46 -8.26 -8.81
N ASP C 164 28.02 -9.41 -8.28
CA ASP C 164 28.87 -10.60 -8.32
C ASP C 164 29.15 -11.06 -9.74
N LEU C 165 28.23 -10.80 -10.67
CA LEU C 165 28.41 -11.25 -12.04
C LEU C 165 29.31 -10.34 -12.84
N GLY C 166 29.72 -9.20 -12.30
CA GLY C 166 30.69 -8.34 -12.98
C GLY C 166 30.09 -7.12 -13.63
N ALA C 167 29.23 -6.41 -12.92
CA ALA C 167 28.49 -5.28 -13.48
C ALA C 167 28.81 -4.02 -12.69
N SER C 168 28.98 -2.90 -13.41
CA SER C 168 29.23 -1.63 -12.78
C SER C 168 27.97 -1.09 -12.11
N GLU C 169 28.13 0.05 -11.43
CA GLU C 169 27.00 0.65 -10.73
C GLU C 169 26.05 1.36 -11.68
N PHE C 170 26.54 1.74 -12.86
CA PHE C 170 25.69 2.45 -13.82
C PHE C 170 24.95 1.48 -14.74
N THR C 171 25.56 0.33 -15.03
CA THR C 171 24.90 -0.66 -15.87
C THR C 171 23.71 -1.28 -15.16
N ILE C 172 23.73 -1.30 -13.83
CA ILE C 172 22.59 -1.83 -13.10
C ILE C 172 21.36 -0.96 -13.32
N LEU C 173 21.57 0.36 -13.43
CA LEU C 173 20.44 1.26 -13.64
C LEU C 173 19.82 1.06 -15.01
N ARG C 174 20.64 0.96 -16.06
CA ARG C 174 20.10 0.87 -17.41
C ARG C 174 19.46 -0.49 -17.67
N LYS C 175 20.03 -1.56 -17.13
CA LYS C 175 19.63 -2.91 -17.55
C LYS C 175 18.74 -3.64 -16.55
N ILE C 176 18.71 -3.21 -15.30
CA ILE C 176 17.89 -3.91 -14.30
C ILE C 176 16.82 -2.99 -13.74
N ILE C 177 17.24 -1.90 -13.11
CA ILE C 177 16.31 -1.12 -12.30
C ILE C 177 15.32 -0.35 -13.18
N LEU C 178 15.83 0.31 -14.23
CA LEU C 178 14.96 1.15 -15.04
C LEU C 178 13.87 0.36 -15.76
N PRO C 179 14.15 -0.77 -16.42
CA PRO C 179 13.06 -1.55 -17.02
C PRO C 179 12.00 -1.98 -16.04
N LEU C 180 12.36 -2.34 -14.81
CA LEU C 180 11.38 -2.74 -13.82
C LEU C 180 10.52 -1.59 -13.33
N ALA C 181 10.91 -0.35 -13.59
CA ALA C 181 10.26 0.81 -12.99
C ALA C 181 9.46 1.65 -13.98
N MET C 182 9.60 1.40 -15.29
CA MET C 182 8.92 2.24 -16.27
C MET C 182 7.41 2.21 -16.14
N PRO C 183 6.75 1.09 -15.87
CA PRO C 183 5.29 1.12 -15.68
C PRO C 183 4.83 1.99 -14.53
N ALA C 184 5.69 2.33 -13.58
CA ALA C 184 5.28 3.24 -12.52
C ALA C 184 5.81 4.65 -12.73
N VAL C 185 6.87 4.80 -13.51
CA VAL C 185 7.33 6.15 -13.87
C VAL C 185 6.27 6.86 -14.69
N ALA C 186 5.68 6.16 -15.66
CA ALA C 186 4.64 6.76 -16.48
C ALA C 186 3.40 7.09 -15.66
N ALA C 187 3.02 6.23 -14.72
CA ALA C 187 1.85 6.50 -13.91
C ALA C 187 2.06 7.70 -13.01
N GLY C 188 3.31 8.06 -12.71
CA GLY C 188 3.57 9.26 -11.95
C GLY C 188 3.54 10.54 -12.77
N TRP C 189 3.99 10.47 -14.01
CA TRP C 189 3.93 11.62 -14.90
C TRP C 189 2.49 12.02 -15.18
N VAL C 190 1.61 11.05 -15.40
CA VAL C 190 0.21 11.33 -15.69
C VAL C 190 -0.49 11.85 -14.45
N LEU C 191 -0.18 11.28 -13.28
CA LEU C 191 -0.76 11.75 -12.03
C LEU C 191 -0.30 13.16 -11.71
N SER C 192 0.96 13.48 -11.97
CA SER C 192 1.44 14.84 -11.74
C SER C 192 0.84 15.82 -12.74
N PHE C 193 0.64 15.37 -13.98
CA PHE C 193 0.00 16.22 -14.98
C PHE C 193 -1.43 16.56 -14.58
N THR C 194 -2.14 15.59 -14.01
CA THR C 194 -3.53 15.82 -13.62
C THR C 194 -3.63 16.90 -12.55
N LEU C 195 -2.79 16.84 -11.51
CA LEU C 195 -2.91 17.78 -10.40
C LEU C 195 -2.61 19.20 -10.84
N SER C 196 -1.61 19.39 -11.68
CA SER C 196 -1.20 20.73 -12.06
C SER C 196 -2.19 21.42 -12.97
N MET C 197 -3.19 20.66 -13.39
CA MET C 197 -4.23 21.12 -14.25
C MET C 197 -5.32 21.76 -13.42
N ASP C 198 -5.81 21.00 -12.45
CA ASP C 198 -6.89 21.51 -11.62
C ASP C 198 -6.47 21.98 -10.24
N ASP C 199 -5.32 22.62 -10.13
CA ASP C 199 -4.92 23.15 -8.84
C ASP C 199 -5.45 24.55 -8.81
N VAL C 200 -6.11 24.94 -7.73
CA VAL C 200 -6.66 26.28 -7.67
C VAL C 200 -6.12 27.07 -6.49
N VAL C 201 -5.98 26.43 -5.33
CA VAL C 201 -5.64 27.17 -4.11
C VAL C 201 -4.27 27.81 -4.21
N VAL C 202 -3.26 27.05 -4.67
CA VAL C 202 -1.90 27.59 -4.70
C VAL C 202 -1.77 28.65 -5.79
N SER C 203 -2.31 28.37 -6.97
CA SER C 203 -2.17 29.28 -8.09
C SER C 203 -2.80 30.63 -7.78
N SER C 204 -3.94 30.63 -7.10
CA SER C 204 -4.60 31.88 -6.75
C SER C 204 -3.72 32.78 -5.91
N PHE C 205 -2.72 32.24 -5.23
CA PHE C 205 -1.86 33.00 -4.33
C PHE C 205 -0.51 33.34 -4.93
N VAL C 206 0.08 32.43 -5.72
CA VAL C 206 1.49 32.58 -6.04
C VAL C 206 1.73 32.88 -7.52
N THR C 207 0.72 33.40 -8.22
CA THR C 207 0.95 33.85 -9.59
C THR C 207 0.52 35.30 -9.72
N GLY C 208 1.02 35.95 -10.77
CA GLY C 208 0.70 37.34 -11.03
C GLY C 208 0.01 37.54 -12.37
N PRO C 209 -0.21 38.81 -12.75
CA PRO C 209 -0.88 39.18 -14.00
C PRO C 209 -0.12 38.69 -15.23
N SER C 210 1.21 38.70 -15.16
CA SER C 210 2.04 38.26 -16.28
C SER C 210 1.64 36.87 -16.78
N TYR C 211 1.80 35.87 -15.93
CA TYR C 211 1.46 34.51 -16.28
C TYR C 211 0.12 34.11 -15.67
N GLU C 212 -0.94 34.15 -16.47
CA GLU C 212 -2.27 33.80 -16.00
C GLU C 212 -2.60 32.39 -16.43
N ILE C 213 -3.27 31.63 -15.56
CA ILE C 213 -3.62 30.25 -15.88
C ILE C 213 -5.10 30.00 -15.60
N LEU C 214 -5.64 28.92 -16.18
CA LEU C 214 -7.07 28.68 -16.36
C LEU C 214 -7.93 28.74 -15.11
N PRO C 215 -7.53 28.16 -13.96
CA PRO C 215 -8.41 28.26 -12.80
C PRO C 215 -8.83 29.68 -12.47
N LEU C 216 -7.89 30.62 -12.57
CA LEU C 216 -8.19 32.01 -12.24
C LEU C 216 -9.17 32.62 -13.22
N LYS C 217 -9.00 32.35 -14.52
CA LYS C 217 -9.92 32.89 -15.51
C LYS C 217 -11.29 32.25 -15.42
N ILE C 218 -11.35 30.97 -15.10
CA ILE C 218 -12.62 30.29 -14.98
C ILE C 218 -13.37 30.78 -13.75
N TYR C 219 -12.64 31.17 -12.71
CA TYR C 219 -13.26 31.62 -11.47
C TYR C 219 -14.15 32.84 -11.68
N SER C 220 -13.64 33.84 -12.40
CA SER C 220 -14.40 35.05 -12.72
C SER C 220 -15.66 34.71 -13.49
N MET C 221 -15.52 33.93 -14.56
CA MET C 221 -16.66 33.60 -15.40
C MET C 221 -17.70 32.82 -14.63
N VAL C 222 -17.26 31.92 -13.75
CA VAL C 222 -18.20 31.12 -12.98
C VAL C 222 -18.98 31.98 -12.01
N LYS C 223 -18.33 32.97 -11.39
CA LYS C 223 -19.09 33.87 -10.52
C LYS C 223 -20.07 34.72 -11.32
N VAL C 224 -19.64 35.30 -12.43
CA VAL C 224 -20.53 36.10 -13.27
C VAL C 224 -21.62 35.20 -13.83
N GLY C 225 -21.23 34.03 -14.33
CA GLY C 225 -22.18 33.02 -14.74
C GLY C 225 -23.01 33.34 -15.96
N VAL C 226 -22.39 33.78 -17.05
CA VAL C 226 -23.12 34.19 -18.25
C VAL C 226 -22.55 33.55 -19.50
N SER C 227 -21.32 33.06 -19.42
CA SER C 227 -20.59 32.59 -20.61
C SER C 227 -20.50 31.08 -20.64
N PRO C 228 -21.28 30.40 -21.48
CA PRO C 228 -21.14 28.94 -21.59
C PRO C 228 -20.00 28.50 -22.47
N GLU C 229 -19.06 29.39 -22.82
CA GLU C 229 -17.84 28.95 -23.46
C GLU C 229 -17.06 28.09 -22.50
N VAL C 230 -17.23 28.36 -21.21
CA VAL C 230 -16.56 27.60 -20.16
C VAL C 230 -16.94 26.12 -20.25
N ASN C 231 -18.25 25.84 -20.39
CA ASN C 231 -18.68 24.45 -20.50
C ASN C 231 -18.05 23.77 -21.70
N ALA C 232 -17.87 24.51 -22.79
CA ALA C 232 -17.29 23.92 -23.99
C ALA C 232 -15.80 23.69 -23.84
N LEU C 233 -15.11 24.59 -23.15
CA LEU C 233 -13.68 24.39 -22.90
C LEU C 233 -13.43 23.21 -21.99
N ALA C 234 -14.39 22.87 -21.14
CA ALA C 234 -14.22 21.74 -20.23
C ALA C 234 -14.26 20.41 -20.96
N THR C 235 -15.18 20.27 -21.92
CA THR C 235 -15.34 18.98 -22.59
C THR C 235 -14.19 18.68 -23.53
N ILE C 236 -13.48 19.70 -24.01
CA ILE C 236 -12.30 19.45 -24.83
C ILE C 236 -11.17 18.89 -23.97
N LEU C 237 -10.98 19.44 -22.77
CA LEU C 237 -9.88 19.00 -21.93
C LEU C 237 -10.10 17.61 -21.37
N LEU C 238 -11.36 17.16 -21.31
CA LEU C 238 -11.61 15.79 -20.89
C LEU C 238 -11.20 14.81 -21.98
N VAL C 239 -11.52 15.12 -23.24
CA VAL C 239 -11.09 14.27 -24.34
C VAL C 239 -9.57 14.25 -24.45
N LEU C 240 -8.94 15.42 -24.35
CA LEU C 240 -7.48 15.48 -24.40
C LEU C 240 -6.83 14.79 -23.21
N SER C 241 -7.51 14.69 -22.07
CA SER C 241 -6.94 13.95 -20.95
C SER C 241 -7.07 12.44 -21.14
N LEU C 242 -8.12 11.98 -21.79
CA LEU C 242 -8.30 10.54 -21.96
C LEU C 242 -7.38 9.97 -23.03
N VAL C 243 -6.84 10.81 -23.91
CA VAL C 243 -5.88 10.28 -24.89
C VAL C 243 -4.50 10.10 -24.30
N MET C 244 -4.13 10.88 -23.27
CA MET C 244 -2.83 10.67 -22.63
C MET C 244 -2.82 9.41 -21.78
N VAL C 245 -3.92 9.10 -21.11
CA VAL C 245 -3.98 7.87 -20.32
C VAL C 245 -3.81 6.66 -21.23
N ILE C 246 -4.46 6.68 -22.40
CA ILE C 246 -4.29 5.59 -23.35
C ILE C 246 -2.89 5.59 -23.94
N ALA C 247 -2.40 6.77 -24.35
CA ALA C 247 -1.09 6.83 -24.99
C ALA C 247 0.02 6.43 -24.02
N SER C 248 -0.14 6.74 -22.73
CA SER C 248 0.88 6.39 -21.75
C SER C 248 1.06 4.87 -21.66
N GLN C 249 -0.05 4.13 -21.69
CA GLN C 249 0.05 2.68 -21.56
C GLN C 249 0.82 2.06 -22.71
N LEU C 250 0.60 2.54 -23.94
CA LEU C 250 1.35 2.00 -25.07
C LEU C 250 2.84 2.32 -24.97
N ILE C 251 3.17 3.56 -24.60
CA ILE C 251 4.57 3.95 -24.52
C ILE C 251 5.26 3.25 -23.36
N ALA C 252 4.57 3.11 -22.23
CA ALA C 252 5.19 2.54 -21.03
C ALA C 252 5.63 1.10 -21.27
N ARG C 253 4.81 0.31 -21.93
CA ARG C 253 5.16 -1.07 -22.25
C ARG C 253 6.16 -1.12 -23.41
N PRO D 16 -19.08 -44.31 17.12
CA PRO D 16 -18.76 -43.34 16.08
C PRO D 16 -19.00 -41.91 16.53
N LEU D 17 -18.12 -41.01 16.11
CA LEU D 17 -18.25 -39.59 16.46
C LEU D 17 -18.78 -38.78 15.29
N VAL D 18 -18.14 -38.90 14.13
CA VAL D 18 -18.56 -38.20 12.92
C VAL D 18 -18.71 -39.24 11.81
N GLN D 19 -19.87 -39.22 11.16
CA GLN D 19 -20.13 -40.08 10.00
C GLN D 19 -20.27 -39.18 8.79
N LEU D 20 -19.73 -39.60 7.67
CA LEU D 20 -19.84 -38.85 6.43
C LEU D 20 -20.54 -39.75 5.43
N ALA D 21 -21.56 -39.23 4.76
CA ALA D 21 -22.37 -40.01 3.83
C ALA D 21 -22.53 -39.25 2.52
N GLY D 22 -21.83 -39.69 1.48
CA GLY D 22 -22.03 -39.18 0.15
C GLY D 22 -21.77 -37.69 -0.03
N ILE D 23 -20.61 -37.22 0.44
CA ILE D 23 -20.26 -35.82 0.29
C ILE D 23 -19.82 -35.54 -1.13
N ARG D 24 -20.29 -34.44 -1.69
CA ARG D 24 -19.78 -33.89 -2.93
C ARG D 24 -19.54 -32.41 -2.74
N LYS D 25 -18.55 -31.87 -3.47
CA LYS D 25 -18.26 -30.46 -3.42
C LYS D 25 -17.56 -30.07 -4.71
N CYS D 26 -17.98 -28.95 -5.30
CA CYS D 26 -17.46 -28.46 -6.56
C CYS D 26 -16.94 -27.05 -6.37
N PHE D 27 -15.90 -26.71 -7.12
CA PHE D 27 -15.25 -25.41 -7.00
C PHE D 27 -14.93 -24.89 -8.39
N ASP D 28 -15.60 -23.80 -8.78
CA ASP D 28 -15.41 -23.18 -10.09
C ASP D 28 -15.66 -24.15 -11.23
N GLY D 29 -16.58 -25.10 -11.04
CA GLY D 29 -16.91 -26.06 -12.06
C GLY D 29 -16.03 -27.28 -12.10
N LYS D 30 -14.89 -27.26 -11.42
CA LYS D 30 -14.00 -28.41 -11.34
C LYS D 30 -14.26 -29.16 -10.04
N GLU D 31 -14.26 -30.48 -10.11
CA GLU D 31 -14.59 -31.32 -8.96
C GLU D 31 -13.35 -31.49 -8.10
N VAL D 32 -13.55 -31.51 -6.78
CA VAL D 32 -12.45 -31.75 -5.85
C VAL D 32 -12.78 -32.89 -4.90
N ILE D 33 -14.06 -33.17 -4.68
CA ILE D 33 -14.46 -34.32 -3.87
C ILE D 33 -15.57 -35.08 -4.57
N PRO D 34 -15.26 -36.13 -5.31
CA PRO D 34 -16.30 -36.92 -5.98
C PRO D 34 -17.29 -37.59 -5.03
N GLN D 35 -16.78 -38.48 -4.18
CA GLN D 35 -17.62 -39.28 -3.28
C GLN D 35 -16.73 -39.67 -2.10
N LEU D 36 -17.24 -39.52 -0.88
CA LEU D 36 -16.51 -39.98 0.30
C LEU D 36 -17.49 -40.51 1.33
N ASP D 37 -17.19 -41.68 1.85
CA ASP D 37 -17.87 -42.24 3.02
C ASP D 37 -16.80 -42.63 4.02
N LEU D 38 -16.77 -41.95 5.15
CA LEU D 38 -15.69 -42.10 6.11
C LEU D 38 -16.28 -41.97 7.50
N THR D 39 -15.85 -42.83 8.40
CA THR D 39 -16.31 -42.82 9.79
C THR D 39 -15.13 -42.51 10.69
N ILE D 40 -15.38 -41.70 11.72
CA ILE D 40 -14.37 -41.28 12.68
C ILE D 40 -14.86 -41.70 14.06
N ASN D 41 -14.03 -42.43 14.78
CA ASN D 41 -14.43 -43.02 16.05
C ASN D 41 -14.17 -42.03 17.19
N ASN D 42 -14.30 -42.50 18.42
CA ASN D 42 -14.19 -41.67 19.61
C ASN D 42 -12.91 -42.02 20.35
N GLY D 43 -11.95 -41.11 20.33
CA GLY D 43 -10.72 -41.28 21.08
C GLY D 43 -9.59 -41.89 20.29
N GLU D 44 -9.32 -41.36 19.10
CA GLU D 44 -8.28 -41.90 18.23
C GLU D 44 -7.55 -40.74 17.57
N PHE D 45 -6.36 -41.03 17.06
CA PHE D 45 -5.49 -40.02 16.48
C PHE D 45 -5.40 -40.31 14.99
N LEU D 46 -6.24 -39.66 14.20
CA LEU D 46 -6.39 -39.94 12.78
C LEU D 46 -5.61 -38.92 11.97
N THR D 47 -4.97 -39.37 10.90
CA THR D 47 -4.17 -38.51 10.04
C THR D 47 -4.57 -38.72 8.59
N LEU D 48 -4.63 -37.65 7.83
CA LEU D 48 -4.89 -37.71 6.40
C LEU D 48 -3.63 -37.30 5.66
N LEU D 49 -3.11 -38.20 4.83
CA LEU D 49 -1.85 -38.01 4.13
C LEU D 49 -2.06 -38.11 2.64
N GLY D 50 -1.41 -37.22 1.90
CA GLY D 50 -1.53 -37.23 0.46
C GLY D 50 -0.68 -36.17 -0.20
N PRO D 51 -0.69 -36.15 -1.53
CA PRO D 51 0.07 -35.13 -2.26
C PRO D 51 -0.57 -33.75 -2.10
N SER D 52 0.16 -32.75 -2.58
CA SER D 52 -0.27 -31.37 -2.42
C SER D 52 -1.56 -31.11 -3.20
N GLY D 53 -2.50 -30.43 -2.55
CA GLY D 53 -3.76 -30.07 -3.17
C GLY D 53 -4.57 -31.26 -3.62
N CYS D 54 -5.04 -32.07 -2.67
CA CYS D 54 -5.86 -33.24 -2.99
C CYS D 54 -7.17 -33.23 -2.21
N GLY D 55 -7.58 -32.09 -1.68
CA GLY D 55 -8.87 -31.99 -1.04
C GLY D 55 -8.91 -32.36 0.43
N LYS D 56 -7.76 -32.57 1.06
CA LYS D 56 -7.74 -32.76 2.50
C LYS D 56 -8.24 -31.50 3.21
N THR D 57 -7.79 -30.33 2.74
CA THR D 57 -8.20 -29.08 3.35
C THR D 57 -9.70 -28.87 3.25
N THR D 58 -10.30 -29.23 2.12
CA THR D 58 -11.73 -29.06 1.96
C THR D 58 -12.52 -29.94 2.91
N VAL D 59 -12.07 -31.19 3.10
CA VAL D 59 -12.76 -32.08 4.03
C VAL D 59 -12.64 -31.54 5.44
N LEU D 60 -11.45 -31.05 5.80
CA LEU D 60 -11.27 -30.46 7.12
C LEU D 60 -12.19 -29.26 7.32
N ARG D 61 -12.31 -28.41 6.31
CA ARG D 61 -13.16 -27.23 6.45
C ARG D 61 -14.63 -27.62 6.53
N LEU D 62 -15.05 -28.64 5.79
CA LEU D 62 -16.43 -29.10 5.89
C LEU D 62 -16.75 -29.63 7.28
N ILE D 63 -15.81 -30.38 7.88
CA ILE D 63 -16.05 -30.84 9.25
C ILE D 63 -16.09 -29.66 10.20
N ALA D 64 -15.17 -28.71 10.02
CA ALA D 64 -15.13 -27.52 10.87
C ALA D 64 -16.34 -26.62 10.70
N GLY D 65 -16.83 -26.47 9.47
CA GLY D 65 -18.01 -25.68 9.22
C GLY D 65 -17.82 -24.45 8.37
N LEU D 66 -16.62 -24.23 7.85
CA LEU D 66 -16.37 -23.01 7.11
C LEU D 66 -16.76 -23.12 5.64
N GLU D 67 -17.29 -24.27 5.21
CA GLU D 67 -17.82 -24.43 3.87
C GLU D 67 -19.05 -25.32 3.93
N THR D 68 -19.91 -25.19 2.92
CA THR D 68 -21.19 -25.86 2.89
C THR D 68 -21.21 -26.86 1.73
N VAL D 69 -21.79 -28.03 1.98
CA VAL D 69 -21.72 -29.14 1.04
C VAL D 69 -22.71 -28.94 -0.10
N ASP D 70 -22.47 -29.63 -1.21
CA ASP D 70 -23.39 -29.67 -2.34
C ASP D 70 -24.36 -30.84 -2.27
N SER D 71 -23.99 -31.91 -1.60
CA SER D 71 -24.85 -33.08 -1.41
C SER D 71 -24.21 -33.96 -0.37
N GLY D 72 -25.04 -34.58 0.47
CA GLY D 72 -24.55 -35.45 1.50
C GLY D 72 -25.13 -35.11 2.86
N ARG D 73 -24.42 -35.60 3.88
CA ARG D 73 -24.89 -35.54 5.24
C ARG D 73 -23.71 -35.74 6.18
N ILE D 74 -23.67 -34.92 7.23
CA ILE D 74 -22.64 -35.00 8.26
C ILE D 74 -23.35 -35.16 9.60
N MET D 75 -22.96 -36.18 10.36
CA MET D 75 -23.67 -36.49 11.59
C MET D 75 -22.69 -36.55 12.75
N LEU D 76 -23.10 -36.01 13.89
CA LEU D 76 -22.24 -35.92 15.07
C LEU D 76 -23.01 -36.46 16.27
N ASP D 77 -22.69 -37.68 16.67
CA ASP D 77 -23.48 -38.45 17.65
C ASP D 77 -24.94 -38.57 17.23
N ASN D 78 -25.17 -38.71 15.92
CA ASN D 78 -26.48 -38.95 15.32
C ASN D 78 -27.39 -37.72 15.34
N GLU D 79 -26.85 -36.54 15.62
CA GLU D 79 -27.56 -35.29 15.37
C GLU D 79 -27.03 -34.68 14.08
N ASP D 80 -27.93 -34.40 13.15
CA ASP D 80 -27.52 -33.89 11.85
C ASP D 80 -26.97 -32.49 12.00
N ILE D 81 -25.82 -32.23 11.39
CA ILE D 81 -25.16 -30.94 11.49
C ILE D 81 -24.82 -30.44 10.09
N THR D 82 -25.54 -30.93 9.10
CA THR D 82 -25.22 -30.59 7.72
C THR D 82 -25.35 -29.10 7.45
N HIS D 83 -26.39 -28.46 8.00
CA HIS D 83 -26.64 -27.05 7.76
C HIS D 83 -26.62 -26.20 9.01
N VAL D 84 -26.07 -26.69 10.11
CA VAL D 84 -25.82 -25.81 11.26
C VAL D 84 -24.71 -24.83 10.90
N PRO D 85 -24.77 -23.57 11.32
CA PRO D 85 -23.69 -22.64 10.99
C PRO D 85 -22.41 -22.98 11.73
N ALA D 86 -21.32 -22.39 11.26
CA ALA D 86 -20.01 -22.69 11.81
C ALA D 86 -19.85 -22.25 13.25
N GLU D 87 -20.60 -21.25 13.69
CA GLU D 87 -20.38 -20.71 15.03
C GLU D 87 -21.16 -21.48 16.10
N ASN D 88 -21.87 -22.53 15.71
CA ASN D 88 -22.68 -23.29 16.65
C ASN D 88 -22.22 -24.73 16.83
N ARG D 89 -21.35 -25.23 15.98
CA ARG D 89 -20.86 -26.59 16.12
C ARG D 89 -19.88 -26.68 17.29
N TYR D 90 -19.69 -27.89 17.79
CA TYR D 90 -18.62 -28.16 18.75
C TYR D 90 -17.40 -28.79 18.07
N VAL D 91 -16.80 -28.07 17.12
CA VAL D 91 -15.55 -28.44 16.50
C VAL D 91 -14.67 -27.20 16.42
N ASN D 92 -13.41 -27.32 16.82
CA ASN D 92 -12.48 -26.20 16.79
C ASN D 92 -11.28 -26.54 15.92
N THR D 93 -10.68 -25.50 15.34
CA THR D 93 -9.69 -25.67 14.29
C THR D 93 -8.43 -24.90 14.61
N VAL D 94 -7.28 -25.45 14.22
CA VAL D 94 -5.98 -24.81 14.36
C VAL D 94 -5.45 -24.57 12.96
N PHE D 95 -4.88 -23.38 12.73
CA PHE D 95 -4.55 -22.96 11.38
C PHE D 95 -3.06 -23.07 11.12
N GLN D 96 -2.73 -23.02 9.83
CA GLN D 96 -1.34 -23.20 9.44
C GLN D 96 -0.49 -22.01 9.83
N SER D 97 -1.08 -20.82 9.82
CA SER D 97 -0.36 -19.58 10.08
C SER D 97 -0.62 -19.01 11.46
N TYR D 98 -1.21 -19.78 12.36
CA TYR D 98 -1.41 -19.38 13.76
C TYR D 98 -2.16 -18.05 13.82
N ALA D 99 -3.45 -18.09 13.48
CA ALA D 99 -4.23 -16.86 13.24
C ALA D 99 -3.83 -15.71 14.15
N LEU D 100 -4.01 -15.87 15.46
CA LEU D 100 -3.37 -15.03 16.48
C LEU D 100 -3.51 -13.53 16.18
N PHE D 101 -4.73 -13.05 16.39
CA PHE D 101 -5.03 -11.62 16.37
C PHE D 101 -3.91 -10.82 16.99
N PRO D 102 -3.35 -9.83 16.30
CA PRO D 102 -2.11 -9.20 16.78
C PRO D 102 -2.28 -8.23 17.92
N HIS D 103 -3.47 -7.72 18.19
CA HIS D 103 -3.65 -6.61 19.10
C HIS D 103 -4.11 -7.02 20.49
N MET D 104 -4.11 -8.31 20.80
CA MET D 104 -4.58 -8.79 22.09
C MET D 104 -3.53 -9.68 22.71
N THR D 105 -3.42 -9.60 24.03
CA THR D 105 -2.46 -10.41 24.76
C THR D 105 -2.83 -11.89 24.65
N VAL D 106 -1.95 -12.74 25.17
CA VAL D 106 -2.19 -14.18 25.12
C VAL D 106 -3.47 -14.51 25.90
N PHE D 107 -3.69 -13.83 27.02
CA PHE D 107 -4.83 -14.12 27.86
C PHE D 107 -6.14 -13.85 27.14
N GLU D 108 -6.25 -12.69 26.49
CA GLU D 108 -7.49 -12.38 25.79
C GLU D 108 -7.67 -13.23 24.54
N ASN D 109 -6.58 -13.57 23.86
CA ASN D 109 -6.68 -14.50 22.75
C ASN D 109 -7.29 -15.81 23.19
N VAL D 110 -6.86 -16.33 24.35
CA VAL D 110 -7.46 -17.57 24.83
C VAL D 110 -8.90 -17.34 25.28
N ALA D 111 -9.19 -16.21 25.91
CA ALA D 111 -10.51 -15.98 26.50
C ALA D 111 -11.55 -15.55 25.48
N PHE D 112 -11.17 -15.34 24.22
CA PHE D 112 -12.13 -14.94 23.20
C PHE D 112 -13.31 -15.89 23.14
N GLY D 113 -13.03 -17.19 23.02
CA GLY D 113 -14.12 -18.15 22.86
C GLY D 113 -15.03 -18.18 24.06
N LEU D 114 -14.46 -18.07 25.26
CA LEU D 114 -15.27 -18.05 26.46
C LEU D 114 -16.16 -16.83 26.51
N ARG D 115 -15.62 -15.67 26.16
CA ARG D 115 -16.43 -14.45 26.17
C ARG D 115 -17.57 -14.53 25.17
N MET D 116 -17.31 -15.07 23.98
CA MET D 116 -18.35 -15.08 22.97
C MET D 116 -19.42 -16.12 23.21
N GLN D 117 -19.24 -17.02 24.17
CA GLN D 117 -20.24 -18.02 24.50
C GLN D 117 -20.97 -17.71 25.80
N LYS D 118 -20.93 -16.46 26.25
CA LYS D 118 -21.64 -16.01 27.45
C LYS D 118 -21.22 -16.82 28.67
N THR D 119 -19.92 -16.97 28.82
CA THR D 119 -19.49 -17.62 30.05
C THR D 119 -19.56 -16.64 31.21
N PRO D 120 -20.08 -17.04 32.36
CA PRO D 120 -20.07 -16.16 33.53
C PRO D 120 -18.65 -15.72 33.86
N ALA D 121 -18.52 -14.47 34.29
CA ALA D 121 -17.21 -13.85 34.46
C ALA D 121 -16.43 -14.41 35.63
N ALA D 122 -17.04 -15.25 36.46
CA ALA D 122 -16.38 -15.74 37.66
C ALA D 122 -15.29 -16.77 37.35
N GLU D 123 -15.41 -17.50 36.25
CA GLU D 123 -14.54 -18.64 35.99
C GLU D 123 -13.65 -18.47 34.77
N ILE D 124 -13.62 -17.30 34.16
CA ILE D 124 -12.79 -17.11 32.97
C ILE D 124 -11.32 -17.24 33.33
N THR D 125 -10.90 -16.60 34.41
CA THR D 125 -9.49 -16.63 34.76
C THR D 125 -8.99 -18.04 35.07
N PRO D 126 -9.65 -18.84 35.92
CA PRO D 126 -9.13 -20.19 36.16
C PRO D 126 -9.09 -21.06 34.92
N ARG D 127 -10.11 -21.00 34.07
CA ARG D 127 -10.12 -21.86 32.89
C ARG D 127 -9.01 -21.48 31.94
N VAL D 128 -8.82 -20.18 31.72
CA VAL D 128 -7.76 -19.73 30.83
C VAL D 128 -6.39 -20.13 31.40
N MET D 129 -6.23 -20.01 32.71
CA MET D 129 -4.93 -20.35 33.30
C MET D 129 -4.66 -21.84 33.22
N GLU D 130 -5.68 -22.68 33.42
CA GLU D 130 -5.51 -24.12 33.27
C GLU D 130 -5.15 -24.47 31.84
N ALA D 131 -5.86 -23.90 30.87
CA ALA D 131 -5.55 -24.18 29.46
C ALA D 131 -4.14 -23.72 29.12
N LEU D 132 -3.71 -22.59 29.68
CA LEU D 132 -2.36 -22.12 29.42
C LEU D 132 -1.33 -23.02 30.09
N ARG D 133 -1.70 -23.68 31.18
CA ARG D 133 -0.80 -24.61 31.85
C ARG D 133 -0.69 -25.93 31.10
N MET D 134 -1.73 -26.33 30.39
CA MET D 134 -1.66 -27.60 29.66
C MET D 134 -0.53 -27.60 28.65
N VAL D 135 -0.08 -26.42 28.23
CA VAL D 135 0.85 -26.30 27.11
C VAL D 135 2.14 -25.60 27.56
N GLN D 136 2.32 -25.38 28.86
CA GLN D 136 3.49 -24.72 29.44
C GLN D 136 3.64 -23.30 28.92
N LEU D 137 2.62 -22.47 29.19
CA LEU D 137 2.69 -21.04 28.94
C LEU D 137 2.10 -20.24 30.09
N GLU D 138 2.44 -20.62 31.32
CA GLU D 138 1.89 -19.93 32.49
C GLU D 138 2.39 -18.49 32.59
N THR D 139 3.69 -18.29 32.40
CA THR D 139 4.28 -16.97 32.67
C THR D 139 4.02 -15.97 31.57
N PHE D 140 3.93 -16.40 30.31
CA PHE D 140 3.74 -15.49 29.18
C PHE D 140 2.27 -15.12 29.02
N ALA D 141 1.64 -14.65 30.08
CA ALA D 141 0.21 -14.38 30.01
C ALA D 141 -0.08 -12.97 29.55
N GLN D 142 0.87 -12.04 29.74
CA GLN D 142 0.71 -10.66 29.33
C GLN D 142 1.89 -10.34 28.42
N ARG D 143 1.80 -10.76 27.17
CA ARG D 143 2.84 -10.52 26.18
C ARG D 143 2.17 -10.61 24.82
N LYS D 144 2.31 -9.58 24.00
CA LYS D 144 1.61 -9.55 22.74
C LYS D 144 2.18 -10.59 21.77
N PRO D 145 1.39 -11.06 20.82
CA PRO D 145 1.82 -12.12 19.91
C PRO D 145 2.74 -11.65 18.77
N HIS D 146 3.71 -10.82 19.12
CA HIS D 146 4.84 -10.56 18.24
C HIS D 146 6.16 -10.61 18.97
N GLN D 147 6.14 -10.60 20.29
CA GLN D 147 7.30 -10.82 21.13
C GLN D 147 7.34 -12.23 21.70
N LEU D 148 6.73 -13.18 21.00
CA LEU D 148 6.97 -14.60 21.20
C LEU D 148 7.62 -15.19 19.96
N SER D 149 8.27 -16.33 20.14
CA SER D 149 8.91 -17.04 19.03
C SER D 149 7.88 -17.94 18.35
N GLY D 150 8.35 -18.69 17.35
CA GLY D 150 7.42 -19.49 16.55
C GLY D 150 6.73 -20.58 17.35
N GLY D 151 7.50 -21.33 18.11
CA GLY D 151 6.90 -22.41 18.87
C GLY D 151 5.88 -21.93 19.87
N GLN D 152 6.17 -20.81 20.54
CA GLN D 152 5.22 -20.27 21.50
C GLN D 152 3.93 -19.83 20.83
N GLN D 153 4.02 -19.29 19.61
CA GLN D 153 2.82 -18.94 18.87
C GLN D 153 1.99 -20.19 18.56
N GLN D 154 2.65 -21.26 18.13
CA GLN D 154 1.96 -22.53 17.94
C GLN D 154 1.21 -22.95 19.19
N ARG D 155 1.88 -22.84 20.34
CA ARG D 155 1.25 -23.27 21.59
C ARG D 155 0.05 -22.40 21.93
N VAL D 156 0.14 -21.09 21.69
CA VAL D 156 -0.99 -20.21 21.98
C VAL D 156 -2.19 -20.59 21.13
N ALA D 157 -1.96 -20.89 19.86
CA ALA D 157 -3.07 -21.29 19.00
C ALA D 157 -3.71 -22.59 19.49
N ILE D 158 -2.90 -23.57 19.86
CA ILE D 158 -3.46 -24.84 20.33
C ILE D 158 -4.27 -24.62 21.60
N ALA D 159 -3.74 -23.81 22.52
CA ALA D 159 -4.44 -23.55 23.78
C ALA D 159 -5.74 -22.82 23.54
N ARG D 160 -5.77 -21.90 22.57
CA ARG D 160 -7.01 -21.24 22.19
C ARG D 160 -8.03 -22.26 21.69
N ALA D 161 -7.57 -23.22 20.90
CA ALA D 161 -8.48 -24.23 20.36
C ALA D 161 -9.04 -25.12 21.47
N VAL D 162 -8.22 -25.46 22.47
CA VAL D 162 -8.61 -26.49 23.42
C VAL D 162 -9.48 -25.98 24.57
N VAL D 163 -9.44 -24.68 24.87
CA VAL D 163 -10.08 -24.19 26.09
C VAL D 163 -11.59 -24.32 26.06
N ASN D 164 -12.20 -24.42 24.89
CA ASN D 164 -13.64 -24.43 24.78
C ASN D 164 -14.24 -25.80 25.06
N LYS D 165 -13.41 -26.81 25.30
CA LYS D 165 -13.78 -28.22 25.41
C LYS D 165 -14.50 -28.70 24.15
N PRO D 166 -13.82 -28.75 23.02
CA PRO D 166 -14.44 -29.27 21.81
C PRO D 166 -14.45 -30.78 21.80
N ARG D 167 -15.21 -31.34 20.87
CA ARG D 167 -15.32 -32.78 20.72
C ARG D 167 -14.43 -33.34 19.63
N LEU D 168 -13.69 -32.50 18.93
CA LEU D 168 -12.85 -32.90 17.82
C LEU D 168 -11.90 -31.76 17.48
N LEU D 169 -10.59 -32.01 17.48
CA LEU D 169 -9.62 -30.99 17.17
C LEU D 169 -9.05 -31.26 15.79
N LEU D 170 -9.13 -30.26 14.92
CA LEU D 170 -8.60 -30.34 13.56
C LEU D 170 -7.30 -29.58 13.49
N LEU D 171 -6.22 -30.27 13.18
CA LEU D 171 -4.91 -29.65 12.99
C LEU D 171 -4.59 -29.66 11.51
N ASP D 172 -4.05 -28.55 11.00
CA ASP D 172 -3.84 -28.36 9.57
C ASP D 172 -2.43 -27.89 9.30
N GLN D 173 -1.55 -28.82 8.90
CA GLN D 173 -0.13 -28.55 8.79
C GLN D 173 0.37 -27.82 10.01
N SER D 174 0.18 -28.41 11.18
CA SER D 174 0.33 -27.67 12.42
C SER D 174 1.79 -27.33 12.71
N LEU D 175 2.70 -28.27 12.48
CA LEU D 175 4.09 -28.12 12.90
C LEU D 175 5.04 -27.99 11.71
N SER D 176 4.65 -27.24 10.70
CA SER D 176 5.38 -27.31 9.44
C SER D 176 6.50 -26.28 9.34
N ALA D 177 6.40 -25.17 10.04
CA ALA D 177 7.36 -24.08 9.90
C ALA D 177 8.51 -24.17 10.87
N LEU D 178 8.50 -25.15 11.77
CA LEU D 178 9.49 -25.25 12.83
C LEU D 178 10.69 -26.06 12.35
N ASP D 179 11.79 -25.97 13.09
CA ASP D 179 13.02 -26.64 12.70
C ASP D 179 12.93 -28.12 13.04
N TYR D 180 14.05 -28.84 12.90
CA TYR D 180 14.03 -30.28 12.92
C TYR D 180 14.19 -30.90 14.31
N LYS D 181 14.41 -30.10 15.34
CA LYS D 181 14.43 -30.64 16.70
C LYS D 181 13.17 -30.28 17.46
N LEU D 182 12.67 -29.06 17.25
CA LEU D 182 11.42 -28.68 17.87
C LEU D 182 10.27 -29.54 17.36
N ARG D 183 10.30 -29.95 16.10
CA ARG D 183 9.23 -30.82 15.61
C ARG D 183 9.25 -32.15 16.33
N LYS D 184 10.45 -32.70 16.55
CA LYS D 184 10.56 -33.96 17.28
C LYS D 184 10.06 -33.83 18.72
N GLN D 185 10.30 -32.69 19.36
CA GLN D 185 9.76 -32.51 20.70
C GLN D 185 8.24 -32.36 20.67
N MET D 186 7.73 -31.51 19.78
CA MET D 186 6.32 -31.17 19.81
C MET D 186 5.41 -32.29 19.32
N GLN D 187 5.91 -33.20 18.48
CA GLN D 187 5.09 -34.35 18.11
C GLN D 187 4.75 -35.19 19.33
N ASN D 188 5.76 -35.48 20.16
CA ASN D 188 5.52 -36.23 21.39
C ASN D 188 4.65 -35.43 22.35
N GLU D 189 4.85 -34.10 22.39
CA GLU D 189 4.01 -33.29 23.27
C GLU D 189 2.54 -33.39 22.89
N LEU D 190 2.23 -33.29 21.60
CA LEU D 190 0.85 -33.45 21.15
C LEU D 190 0.33 -34.85 21.45
N LYS D 191 1.17 -35.86 21.26
CA LYS D 191 0.74 -37.22 21.55
C LYS D 191 0.36 -37.38 23.01
N ALA D 192 1.11 -36.76 23.93
CA ALA D 192 0.76 -36.84 25.35
C ALA D 192 -0.51 -36.05 25.66
N LEU D 193 -0.64 -34.88 25.06
CA LEU D 193 -1.84 -34.06 25.29
C LEU D 193 -3.09 -34.79 24.88
N GLN D 194 -3.03 -35.52 23.75
CA GLN D 194 -4.20 -36.23 23.27
C GLN D 194 -4.65 -37.30 24.25
N ARG D 195 -3.71 -38.04 24.82
CA ARG D 195 -4.07 -39.05 25.80
C ARG D 195 -4.64 -38.41 27.05
N LYS D 196 -4.07 -37.28 27.47
CA LYS D 196 -4.54 -36.66 28.71
C LYS D 196 -5.94 -36.08 28.56
N LEU D 197 -6.29 -35.58 27.38
CA LEU D 197 -7.63 -35.01 27.19
C LEU D 197 -8.67 -36.08 26.95
N GLY D 198 -8.54 -36.84 25.86
CA GLY D 198 -9.47 -37.91 25.56
C GLY D 198 -10.41 -37.65 24.41
N ILE D 199 -10.00 -36.88 23.41
CA ILE D 199 -10.85 -36.53 22.29
C ILE D 199 -10.08 -36.71 21.00
N THR D 200 -10.83 -36.91 19.92
CA THR D 200 -10.23 -37.24 18.63
C THR D 200 -9.42 -36.08 18.09
N PHE D 201 -8.31 -36.40 17.44
CA PHE D 201 -7.46 -35.44 16.76
C PHE D 201 -7.40 -35.81 15.29
N VAL D 202 -7.80 -34.89 14.42
CA VAL D 202 -7.69 -35.05 12.98
C VAL D 202 -6.57 -34.16 12.49
N PHE D 203 -5.66 -34.73 11.73
CA PHE D 203 -4.40 -34.11 11.36
C PHE D 203 -4.28 -34.16 9.85
N VAL D 204 -3.82 -33.07 9.25
CA VAL D 204 -3.59 -33.01 7.81
C VAL D 204 -2.11 -32.76 7.58
N THR D 205 -1.47 -33.59 6.77
CA THR D 205 -0.04 -33.52 6.60
C THR D 205 0.35 -33.99 5.21
N HIS D 206 1.56 -33.59 4.79
CA HIS D 206 2.16 -34.08 3.56
C HIS D 206 3.44 -34.85 3.79
N ASP D 207 3.88 -35.00 5.04
CA ASP D 207 5.13 -35.69 5.35
C ASP D 207 4.83 -37.13 5.76
N GLN D 208 5.76 -38.03 5.40
CA GLN D 208 5.55 -39.45 5.64
C GLN D 208 5.96 -39.86 7.04
N GLU D 209 7.15 -39.44 7.48
CA GLU D 209 7.67 -39.86 8.77
C GLU D 209 6.76 -39.40 9.90
N GLU D 210 6.29 -38.16 9.82
CA GLU D 210 5.42 -37.62 10.86
C GLU D 210 4.11 -38.37 10.92
N ALA D 211 3.56 -38.69 9.75
CA ALA D 211 2.32 -39.46 9.69
C ALA D 211 2.52 -40.85 10.29
N LEU D 212 3.67 -41.46 10.06
CA LEU D 212 3.92 -42.79 10.60
C LEU D 212 4.13 -42.76 12.10
N THR D 213 4.82 -41.75 12.61
CA THR D 213 5.22 -41.76 14.00
C THR D 213 4.16 -41.22 14.94
N MET D 214 3.28 -40.35 14.49
CA MET D 214 2.38 -39.68 15.40
C MET D 214 0.99 -40.29 15.48
N SER D 215 0.64 -41.21 14.59
CA SER D 215 -0.75 -41.58 14.34
C SER D 215 -1.13 -42.92 14.96
N ASP D 216 -2.44 -43.16 15.02
CA ASP D 216 -3.02 -44.46 15.34
C ASP D 216 -3.85 -45.05 14.22
N ARG D 217 -4.05 -44.32 13.13
CA ARG D 217 -4.80 -44.77 11.98
C ARG D 217 -4.57 -43.77 10.85
N ILE D 218 -4.39 -44.28 9.64
CA ILE D 218 -4.01 -43.45 8.50
C ILE D 218 -5.03 -43.63 7.38
N VAL D 219 -5.41 -42.53 6.75
CA VAL D 219 -6.23 -42.53 5.55
C VAL D 219 -5.46 -41.81 4.46
N VAL D 220 -5.12 -42.52 3.40
CA VAL D 220 -4.30 -41.99 2.32
C VAL D 220 -5.24 -41.58 1.18
N MET D 221 -5.11 -40.33 0.74
CA MET D 221 -6.05 -39.74 -0.20
C MET D 221 -5.31 -39.21 -1.42
N ARG D 222 -5.85 -39.49 -2.59
CA ARG D 222 -5.29 -38.95 -3.82
C ARG D 222 -6.43 -38.44 -4.68
N ASP D 223 -6.44 -37.12 -4.94
CA ASP D 223 -7.42 -36.49 -5.79
C ASP D 223 -8.85 -36.78 -5.34
N GLY D 224 -9.09 -36.68 -4.05
CA GLY D 224 -10.46 -36.72 -3.56
C GLY D 224 -11.07 -38.09 -3.43
N ARG D 225 -10.27 -39.14 -3.40
CA ARG D 225 -10.78 -40.47 -3.10
C ARG D 225 -9.85 -41.15 -2.11
N ILE D 226 -10.43 -42.00 -1.28
CA ILE D 226 -9.67 -42.76 -0.30
C ILE D 226 -9.05 -43.97 -0.99
N GLU D 227 -7.74 -44.11 -0.85
CA GLU D 227 -7.01 -45.24 -1.43
C GLU D 227 -6.88 -46.39 -0.45
N GLN D 228 -6.34 -46.14 0.75
CA GLN D 228 -6.21 -47.16 1.77
C GLN D 228 -6.51 -46.54 3.12
N ASP D 229 -6.93 -47.38 4.06
CA ASP D 229 -7.37 -46.94 5.37
C ASP D 229 -7.01 -48.00 6.39
N GLY D 230 -5.97 -47.74 7.18
CA GLY D 230 -5.56 -48.70 8.18
C GLY D 230 -4.39 -48.20 8.99
N THR D 231 -4.00 -49.02 9.96
CA THR D 231 -2.92 -48.68 10.87
C THR D 231 -1.59 -48.64 10.12
N PRO D 232 -0.58 -47.93 10.66
CA PRO D 232 0.69 -47.79 9.92
C PRO D 232 1.35 -49.10 9.55
N ARG D 233 1.30 -50.10 10.44
CA ARG D 233 1.91 -51.39 10.14
C ARG D 233 1.36 -51.94 8.84
N GLU D 234 0.04 -51.87 8.68
CA GLU D 234 -0.60 -52.44 7.50
C GLU D 234 -0.18 -51.69 6.24
N ILE D 235 -0.10 -50.36 6.30
CA ILE D 235 0.16 -49.61 5.09
C ILE D 235 1.62 -49.75 4.68
N TYR D 236 2.53 -49.73 5.64
CA TYR D 236 3.95 -49.83 5.28
C TYR D 236 4.36 -51.25 4.92
N GLU D 237 3.80 -52.25 5.60
CA GLU D 237 4.20 -53.63 5.33
C GLU D 237 3.40 -54.28 4.21
N GLU D 238 2.09 -54.07 4.17
CA GLU D 238 1.21 -54.72 3.20
C GLU D 238 0.36 -53.69 2.48
N PRO D 239 0.96 -52.99 1.52
CA PRO D 239 0.21 -51.99 0.76
C PRO D 239 -0.91 -52.61 -0.06
N LYS D 240 -1.59 -51.76 -0.81
CA LYS D 240 -2.68 -52.22 -1.66
C LYS D 240 -2.50 -51.87 -3.13
N ASN D 241 -1.59 -50.98 -3.48
CA ASN D 241 -1.33 -50.68 -4.88
C ASN D 241 0.02 -50.00 -5.03
N LEU D 242 0.25 -49.43 -6.21
CA LEU D 242 1.55 -48.85 -6.54
C LEU D 242 1.68 -47.41 -6.08
N PHE D 243 0.57 -46.67 -6.01
CA PHE D 243 0.64 -45.31 -5.47
C PHE D 243 0.95 -45.32 -3.98
N VAL D 244 0.21 -46.10 -3.21
CA VAL D 244 0.46 -46.17 -1.78
C VAL D 244 1.86 -46.69 -1.52
N ALA D 245 2.22 -47.81 -2.14
CA ALA D 245 3.56 -48.37 -2.01
C ALA D 245 4.49 -47.59 -2.92
N GLY D 246 4.97 -46.48 -2.41
CA GLY D 246 5.75 -45.58 -3.22
C GLY D 246 5.47 -44.14 -2.84
N PHE D 247 4.35 -43.92 -2.15
CA PHE D 247 4.14 -42.62 -1.53
C PHE D 247 4.86 -42.53 -0.19
N ILE D 248 4.70 -43.52 0.68
CA ILE D 248 5.45 -43.56 1.93
C ILE D 248 6.51 -44.64 1.81
N GLY D 249 7.73 -44.28 2.21
CA GLY D 249 8.86 -45.17 2.06
C GLY D 249 9.28 -45.27 0.61
N GLU D 250 10.58 -45.47 0.42
CA GLU D 250 11.15 -45.67 -0.89
C GLU D 250 10.95 -47.13 -1.26
N ILE D 251 10.60 -47.38 -2.52
CA ILE D 251 10.26 -48.73 -2.94
C ILE D 251 10.95 -49.03 -4.26
N ASN D 252 11.22 -50.30 -4.49
CA ASN D 252 11.87 -50.77 -5.69
C ASN D 252 10.90 -51.66 -6.46
N MET D 253 10.65 -51.32 -7.72
CA MET D 253 9.69 -52.03 -8.54
C MET D 253 10.45 -52.84 -9.56
N PHE D 254 10.19 -54.14 -9.60
CA PHE D 254 10.83 -55.05 -10.54
C PHE D 254 9.77 -55.70 -11.43
N ASN D 255 10.01 -55.67 -12.73
CA ASN D 255 9.09 -56.24 -13.70
C ASN D 255 9.32 -57.75 -13.80
N ALA D 256 8.24 -58.52 -13.69
CA ALA D 256 8.32 -59.97 -13.64
C ALA D 256 7.35 -60.59 -14.64
N THR D 257 7.77 -61.71 -15.22
CA THR D 257 6.93 -62.53 -16.09
C THR D 257 7.01 -63.95 -15.60
N VAL D 258 5.85 -64.59 -15.45
CA VAL D 258 5.78 -65.91 -14.83
C VAL D 258 6.02 -66.99 -15.88
N ILE D 259 6.76 -68.03 -15.49
CA ILE D 259 7.06 -69.17 -16.35
C ILE D 259 6.17 -70.36 -16.00
N GLU D 260 6.26 -70.85 -14.77
CA GLU D 260 5.50 -72.01 -14.35
C GLU D 260 5.33 -71.95 -12.83
N ARG D 261 4.43 -72.78 -12.32
CA ARG D 261 4.13 -72.83 -10.91
C ARG D 261 4.93 -73.95 -10.27
N LEU D 262 5.43 -73.71 -9.06
CA LEU D 262 6.15 -74.75 -8.34
C LEU D 262 5.30 -75.42 -7.26
N ASP D 263 4.62 -74.64 -6.44
CA ASP D 263 3.65 -75.17 -5.49
C ASP D 263 2.71 -74.03 -5.10
N GLU D 264 1.96 -74.22 -4.02
CA GLU D 264 0.97 -73.23 -3.63
C GLU D 264 1.58 -72.03 -2.92
N GLN D 265 2.87 -72.08 -2.55
CA GLN D 265 3.51 -70.95 -1.89
C GLN D 265 4.62 -70.33 -2.74
N ARG D 266 5.23 -71.13 -3.61
CA ARG D 266 6.32 -70.65 -4.44
C ARG D 266 5.90 -70.66 -5.91
N VAL D 267 6.46 -69.72 -6.68
CA VAL D 267 6.22 -69.62 -8.11
C VAL D 267 7.56 -69.36 -8.79
N ARG D 268 7.66 -69.74 -10.05
CA ARG D 268 8.87 -69.59 -10.83
C ARG D 268 8.66 -68.43 -11.79
N ALA D 269 9.67 -67.58 -11.95
CA ALA D 269 9.53 -66.41 -12.82
C ALA D 269 10.89 -65.86 -13.16
N ASN D 270 10.90 -64.93 -14.11
CA ASN D 270 12.09 -64.19 -14.53
C ASN D 270 11.92 -62.74 -14.09
N VAL D 271 12.90 -62.22 -13.36
CA VAL D 271 12.88 -60.85 -12.90
C VAL D 271 14.20 -60.18 -13.27
N GLU D 272 14.12 -59.18 -14.14
CA GLU D 272 15.27 -58.37 -14.56
C GLU D 272 16.41 -59.24 -15.11
N GLY D 273 16.04 -60.32 -15.80
CA GLY D 273 17.00 -61.16 -16.48
C GLY D 273 17.43 -62.42 -15.76
N ARG D 274 17.28 -62.48 -14.44
CA ARG D 274 17.59 -63.68 -13.67
C ARG D 274 16.29 -64.42 -13.38
N GLU D 275 16.34 -65.74 -13.40
CA GLU D 275 15.16 -66.57 -13.24
C GLU D 275 15.29 -67.34 -11.93
N CYS D 276 14.54 -66.92 -10.92
CA CYS D 276 14.44 -67.65 -9.67
C CYS D 276 12.99 -67.69 -9.21
N ASN D 277 12.78 -68.17 -8.00
CA ASN D 277 11.45 -68.44 -7.47
C ASN D 277 11.01 -67.30 -6.55
N ILE D 278 9.78 -66.83 -6.75
CA ILE D 278 9.20 -65.75 -5.96
C ILE D 278 7.92 -66.24 -5.29
N TYR D 279 7.79 -65.95 -4.01
CA TYR D 279 6.61 -66.34 -3.24
C TYR D 279 5.43 -65.51 -3.73
N VAL D 280 4.36 -66.18 -4.12
CA VAL D 280 3.15 -65.52 -4.61
C VAL D 280 1.94 -66.26 -4.05
N ASN D 281 0.92 -65.52 -3.61
CA ASN D 281 -0.24 -66.12 -2.98
C ASN D 281 -1.54 -65.72 -3.69
N PHE D 282 -1.58 -65.81 -5.02
CA PHE D 282 -2.81 -65.69 -5.77
C PHE D 282 -2.67 -66.45 -7.07
N ALA D 283 -3.81 -66.76 -7.70
CA ALA D 283 -3.83 -67.65 -8.84
C ALA D 283 -3.18 -66.99 -10.06
N VAL D 284 -2.29 -67.73 -10.71
CA VAL D 284 -1.57 -67.23 -11.88
C VAL D 284 -1.65 -68.26 -12.99
N GLU D 285 -1.43 -67.79 -14.22
CA GLU D 285 -1.32 -68.62 -15.41
C GLU D 285 -0.06 -68.22 -16.17
N PRO D 286 0.55 -69.16 -16.89
CA PRO D 286 1.82 -68.86 -17.56
C PRO D 286 1.71 -67.66 -18.49
N GLY D 287 2.78 -66.87 -18.54
CA GLY D 287 2.83 -65.68 -19.36
C GLY D 287 2.36 -64.42 -18.68
N GLN D 288 1.80 -64.51 -17.48
CA GLN D 288 1.29 -63.34 -16.78
C GLN D 288 2.43 -62.42 -16.38
N LYS D 289 2.16 -61.12 -16.37
CA LYS D 289 3.13 -60.13 -15.95
C LYS D 289 2.84 -59.71 -14.51
N LEU D 290 3.86 -59.74 -13.66
CA LEU D 290 3.69 -59.39 -12.25
C LEU D 290 4.67 -58.29 -11.87
N HIS D 291 4.32 -57.59 -10.80
CA HIS D 291 5.11 -56.49 -10.24
C HIS D 291 5.75 -56.97 -8.95
N VAL D 292 7.03 -56.67 -8.77
CA VAL D 292 7.79 -57.10 -7.60
C VAL D 292 8.21 -55.86 -6.82
N LEU D 293 7.94 -55.86 -5.51
CA LEU D 293 8.23 -54.73 -4.64
C LEU D 293 9.12 -55.16 -3.48
N LEU D 294 10.10 -54.32 -3.17
CA LEU D 294 11.06 -54.60 -2.11
C LEU D 294 11.47 -53.29 -1.44
N ARG D 295 11.52 -53.30 -0.11
CA ARG D 295 12.03 -52.12 0.56
C ARG D 295 13.56 -52.13 0.57
N PRO D 296 14.17 -50.95 0.53
CA PRO D 296 15.64 -50.91 0.48
C PRO D 296 16.32 -51.53 1.68
N GLU D 297 15.69 -51.54 2.84
CA GLU D 297 16.34 -52.11 4.02
C GLU D 297 16.31 -53.63 4.01
N ASP D 298 15.41 -54.26 3.27
CA ASP D 298 15.25 -55.70 3.27
C ASP D 298 16.01 -56.36 2.12
N LEU D 299 17.15 -55.81 1.74
CA LEU D 299 17.83 -56.21 0.52
C LEU D 299 19.31 -56.32 0.82
N ARG D 300 19.87 -57.52 0.68
CA ARG D 300 21.24 -57.81 1.05
C ARG D 300 22.17 -57.65 -0.14
N VAL D 301 23.42 -57.32 0.17
CA VAL D 301 24.41 -56.91 -0.83
C VAL D 301 25.76 -57.48 -0.43
N GLU D 302 26.56 -57.87 -1.42
CA GLU D 302 27.87 -58.45 -1.17
C GLU D 302 28.79 -58.19 -2.35
N GLU D 303 29.95 -57.61 -2.07
CA GLU D 303 30.93 -57.26 -3.09
C GLU D 303 31.53 -58.50 -3.72
N ILE D 304 31.84 -58.40 -5.02
CA ILE D 304 32.52 -59.48 -5.72
C ILE D 304 33.78 -58.95 -6.40
N ASN D 305 34.94 -59.42 -5.96
CA ASN D 305 36.20 -59.10 -6.61
C ASN D 305 36.71 -60.27 -7.45
N ASP D 306 36.40 -61.49 -7.03
CA ASP D 306 36.85 -62.68 -7.75
C ASP D 306 36.03 -62.88 -9.03
N ASP D 307 36.42 -63.88 -9.80
CA ASP D 307 35.76 -64.16 -11.07
C ASP D 307 34.46 -64.93 -10.90
N ASN D 308 34.12 -65.36 -9.68
CA ASN D 308 32.88 -66.09 -9.45
C ASN D 308 31.69 -65.16 -9.42
N HIS D 309 31.00 -65.00 -10.56
CA HIS D 309 29.85 -64.12 -10.68
C HIS D 309 28.60 -64.99 -10.68
N ALA D 310 27.94 -65.07 -9.52
CA ALA D 310 26.74 -65.87 -9.39
C ALA D 310 25.96 -65.42 -8.16
N GLU D 311 24.82 -66.07 -7.93
CA GLU D 311 23.97 -65.82 -6.78
C GLU D 311 23.50 -64.37 -6.71
N GLY D 312 22.73 -63.96 -7.71
CA GLY D 312 22.13 -62.63 -7.72
C GLY D 312 22.42 -61.89 -9.00
N LEU D 313 21.74 -60.75 -9.14
CA LEU D 313 21.92 -59.90 -10.30
C LEU D 313 23.30 -59.24 -10.25
N ILE D 314 23.64 -58.53 -11.31
CA ILE D 314 24.99 -58.01 -11.42
C ILE D 314 25.10 -56.68 -10.70
N GLY D 315 24.42 -55.66 -11.19
CA GLY D 315 24.45 -54.34 -10.59
C GLY D 315 25.84 -53.71 -10.64
N TYR D 316 25.92 -52.53 -10.04
CA TYR D 316 27.15 -51.75 -9.93
C TYR D 316 26.96 -50.80 -8.76
N VAL D 317 27.79 -49.76 -8.65
CA VAL D 317 27.54 -48.70 -7.69
C VAL D 317 27.86 -47.36 -8.32
N ARG D 318 26.90 -46.42 -8.21
CA ARG D 318 27.11 -45.10 -8.79
C ARG D 318 27.18 -44.02 -7.72
N GLU D 319 26.73 -44.30 -6.50
CA GLU D 319 26.69 -43.29 -5.45
C GLU D 319 26.58 -43.98 -4.09
N ARG D 320 27.20 -43.39 -3.07
CA ARG D 320 27.10 -43.84 -1.67
C ARG D 320 26.90 -42.67 -0.75
N ASN D 321 26.15 -42.85 0.34
CA ASN D 321 25.90 -41.76 1.26
C ASN D 321 25.94 -42.17 2.73
N TYR D 322 26.91 -41.65 3.47
CA TYR D 322 27.03 -41.94 4.89
C TYR D 322 25.91 -41.22 5.64
N LYS D 323 24.98 -42.00 6.18
CA LYS D 323 23.85 -41.43 6.89
C LYS D 323 24.11 -41.21 8.37
N GLY D 324 25.29 -41.51 8.87
CA GLY D 324 25.41 -41.61 10.31
C GLY D 324 25.05 -43.00 10.76
N MET D 325 23.79 -43.20 11.07
CA MET D 325 23.29 -44.51 11.48
C MET D 325 23.49 -45.56 10.41
N THR D 326 23.24 -45.24 9.14
CA THR D 326 23.19 -46.23 8.08
C THR D 326 24.07 -45.80 6.93
N LEU D 327 24.13 -46.64 5.89
CA LEU D 327 24.83 -46.30 4.65
C LEU D 327 23.89 -46.62 3.50
N GLU D 328 23.73 -45.67 2.58
CA GLU D 328 22.78 -45.79 1.47
C GLU D 328 23.53 -45.73 0.15
N SER D 329 23.29 -46.71 -0.73
CA SER D 329 23.95 -46.79 -2.01
C SER D 329 22.94 -46.78 -3.13
N VAL D 330 23.35 -46.31 -4.30
CA VAL D 330 22.53 -46.37 -5.51
C VAL D 330 23.27 -47.25 -6.50
N VAL D 331 22.63 -48.33 -6.93
CA VAL D 331 23.25 -49.30 -7.83
C VAL D 331 22.55 -49.26 -9.18
N GLU D 332 23.21 -49.82 -10.20
CA GLU D 332 22.68 -49.86 -11.55
C GLU D 332 22.89 -51.25 -12.12
N LEU D 333 21.79 -51.92 -12.46
CA LEU D 333 21.86 -53.29 -12.95
C LEU D 333 22.37 -53.32 -14.39
N GLU D 334 22.37 -54.49 -14.99
CA GLU D 334 22.76 -54.58 -16.40
C GLU D 334 21.76 -53.88 -17.31
N ASN D 335 20.47 -53.94 -16.98
CA ASN D 335 19.47 -53.25 -17.80
C ASN D 335 19.65 -51.74 -17.75
N GLY D 336 19.96 -51.18 -16.59
CA GLY D 336 20.07 -49.74 -16.47
C GLY D 336 19.06 -49.16 -15.50
N LYS D 337 18.75 -49.89 -14.43
CA LYS D 337 17.75 -49.49 -13.47
C LYS D 337 18.38 -49.32 -12.10
N MET D 338 17.86 -48.36 -11.33
CA MET D 338 18.39 -48.03 -10.02
C MET D 338 17.63 -48.78 -8.93
N VAL D 339 18.33 -49.17 -7.87
CA VAL D 339 17.73 -50.04 -6.86
C VAL D 339 17.83 -49.44 -5.46
N MET D 340 18.87 -48.66 -5.17
CA MET D 340 18.95 -47.84 -3.96
C MET D 340 18.80 -48.67 -2.68
N VAL D 341 19.85 -49.44 -2.39
CA VAL D 341 19.84 -50.30 -1.21
C VAL D 341 20.35 -49.54 0.01
N SER D 342 19.94 -50.01 1.20
CA SER D 342 20.33 -49.41 2.47
C SER D 342 20.85 -50.50 3.41
N GLU D 343 21.82 -50.12 4.26
CA GLU D 343 22.53 -51.07 5.09
C GLU D 343 22.75 -50.51 6.48
N PHE D 344 22.88 -51.40 7.46
CA PHE D 344 23.04 -51.04 8.87
C PHE D 344 24.46 -51.31 9.34
N PHE D 345 24.79 -50.77 10.51
CA PHE D 345 26.09 -50.96 11.14
C PHE D 345 25.91 -51.89 12.34
N ASN D 346 26.42 -53.10 12.24
CA ASN D 346 26.28 -54.10 13.29
C ASN D 346 27.62 -54.30 14.00
N GLU D 347 27.62 -55.11 15.05
CA GLU D 347 28.86 -55.41 15.76
C GLU D 347 29.87 -56.12 14.88
N ASP D 348 29.42 -57.07 14.07
CA ASP D 348 30.33 -57.78 13.17
C ASP D 348 30.74 -56.93 11.97
N ASP D 349 30.07 -55.82 11.72
CA ASP D 349 30.52 -55.00 10.63
C ASP D 349 30.47 -53.51 10.86
N PRO D 350 31.33 -53.01 11.76
CA PRO D 350 31.37 -51.56 12.04
C PRO D 350 32.30 -50.83 11.07
N ASP D 351 31.95 -49.59 10.73
CA ASP D 351 32.72 -48.69 9.84
C ASP D 351 32.80 -49.00 8.32
N PHE D 352 32.32 -50.18 7.90
CA PHE D 352 32.35 -50.58 6.49
C PHE D 352 31.80 -49.54 5.51
N ASP D 353 32.57 -49.37 4.43
CA ASP D 353 32.40 -48.34 3.36
C ASP D 353 32.57 -48.93 1.94
N HIS D 354 32.03 -48.26 0.90
CA HIS D 354 32.17 -48.72 -0.48
C HIS D 354 33.06 -47.77 -1.26
N SER D 355 33.56 -48.25 -2.40
CA SER D 355 34.20 -47.38 -3.36
C SER D 355 33.22 -47.08 -4.48
N LEU D 356 33.65 -46.44 -5.54
CA LEU D 356 32.79 -46.18 -6.68
C LEU D 356 33.12 -47.18 -7.79
N ASP D 357 32.10 -47.53 -8.56
CA ASP D 357 32.23 -48.47 -9.66
C ASP D 357 32.78 -49.81 -9.18
N GLN D 358 32.21 -50.30 -8.10
CA GLN D 358 32.57 -51.59 -7.52
C GLN D 358 31.52 -52.62 -7.92
N LYS D 359 31.97 -53.66 -8.60
CA LYS D 359 31.05 -54.69 -9.08
C LYS D 359 30.42 -55.39 -7.88
N MET D 360 29.13 -55.69 -8.00
CA MET D 360 28.33 -55.96 -6.82
C MET D 360 27.48 -57.21 -7.08
N ALA D 361 26.72 -57.63 -6.07
CA ALA D 361 25.85 -58.81 -6.16
C ALA D 361 24.65 -58.59 -5.25
N ILE D 362 23.45 -58.58 -5.81
CA ILE D 362 22.24 -58.19 -5.11
C ILE D 362 21.34 -59.40 -4.90
N ASN D 363 20.81 -59.54 -3.68
CA ASN D 363 19.89 -60.61 -3.36
C ASN D 363 19.01 -60.16 -2.19
N TRP D 364 17.83 -60.77 -2.07
CA TRP D 364 16.93 -60.36 -1.01
C TRP D 364 16.68 -61.52 -0.05
N VAL D 365 15.73 -61.34 0.86
CA VAL D 365 15.69 -62.06 2.12
C VAL D 365 14.52 -63.02 2.21
N GLU D 366 14.14 -63.66 1.11
CA GLU D 366 13.33 -64.87 1.20
C GLU D 366 11.94 -64.67 1.80
N SER D 367 11.00 -64.13 1.03
CA SER D 367 9.59 -63.91 1.32
C SER D 367 9.30 -62.57 2.00
N TRP D 368 10.24 -61.64 2.03
CA TRP D 368 9.92 -60.28 2.47
C TRP D 368 9.61 -59.39 1.27
N GLU D 369 8.67 -59.80 0.44
CA GLU D 369 8.30 -59.03 -0.74
C GLU D 369 6.79 -59.09 -0.91
N VAL D 370 6.28 -58.16 -1.70
CA VAL D 370 4.87 -58.16 -2.09
C VAL D 370 4.79 -58.11 -3.61
N VAL D 371 3.91 -58.92 -4.18
CA VAL D 371 3.74 -59.04 -5.62
C VAL D 371 2.30 -58.72 -5.96
N LEU D 372 2.11 -57.94 -7.03
CA LEU D 372 0.80 -57.40 -7.37
C LEU D 372 0.38 -57.83 -8.77
N ALA D 373 -0.89 -57.58 -9.08
CA ALA D 373 -1.46 -57.91 -10.37
C ALA D 373 -1.04 -56.91 -11.43
N ASN E 26 3.50 46.45 -32.26
CA ASN E 26 3.06 45.06 -32.28
C ASN E 26 3.02 44.49 -30.87
N ASN E 27 3.07 45.38 -29.88
CA ASN E 27 3.04 44.95 -28.49
C ASN E 27 1.62 44.58 -28.08
N THR E 28 1.41 44.36 -26.79
CA THR E 28 0.09 44.00 -26.28
C THR E 28 -0.18 44.75 -24.98
N LEU E 29 -1.45 44.85 -24.62
CA LEU E 29 -1.86 45.61 -23.45
C LEU E 29 -2.72 44.74 -22.53
N TYR E 30 -2.74 45.12 -21.26
CA TYR E 30 -3.51 44.45 -20.22
C TYR E 30 -4.64 45.37 -19.78
N PHE E 31 -5.86 44.90 -19.88
CA PHE E 31 -7.06 45.68 -19.66
C PHE E 31 -7.77 45.12 -18.43
N TYR E 32 -7.83 45.91 -17.37
CA TYR E 32 -8.37 45.41 -16.10
C TYR E 32 -9.63 46.23 -15.83
N ASN E 33 -10.78 45.57 -15.84
CA ASN E 33 -12.06 46.26 -15.94
C ASN E 33 -13.07 45.57 -15.01
N TRP E 34 -14.34 45.94 -15.14
CA TRP E 34 -15.40 45.43 -14.29
C TRP E 34 -15.94 44.12 -14.84
N THR E 35 -17.05 43.64 -14.28
CA THR E 35 -17.53 42.31 -14.63
C THR E 35 -18.21 42.31 -15.99
N GLU E 36 -19.30 43.04 -16.13
CA GLU E 36 -20.17 42.81 -17.29
C GLU E 36 -20.27 44.02 -18.20
N TYR E 37 -19.14 44.66 -18.51
CA TYR E 37 -19.13 45.78 -19.44
C TYR E 37 -18.82 45.29 -20.85
N VAL E 38 -17.65 44.72 -21.07
CA VAL E 38 -17.25 44.27 -22.40
C VAL E 38 -18.05 43.02 -22.77
N PRO E 39 -18.81 43.05 -23.85
CA PRO E 39 -19.54 41.88 -24.28
C PRO E 39 -18.70 41.03 -25.22
N PRO E 40 -18.99 39.74 -25.31
CA PRO E 40 -18.14 38.87 -26.14
C PRO E 40 -18.09 39.28 -27.59
N GLY E 41 -16.89 39.56 -28.08
CA GLY E 41 -16.68 39.92 -29.47
C GLY E 41 -16.04 41.27 -29.65
N LEU E 42 -16.27 42.17 -28.68
CA LEU E 42 -15.82 43.54 -28.82
C LEU E 42 -14.30 43.63 -28.92
N LEU E 43 -13.58 42.90 -28.09
CA LEU E 43 -12.13 42.94 -28.14
C LEU E 43 -11.58 42.19 -29.34
N GLU E 44 -12.37 41.29 -29.94
CA GLU E 44 -11.94 40.64 -31.17
C GLU E 44 -11.93 41.63 -32.32
N GLN E 45 -12.82 42.63 -32.30
CA GLN E 45 -12.81 43.66 -33.32
C GLN E 45 -11.52 44.46 -33.26
N PHE E 46 -11.07 44.81 -32.06
CA PHE E 46 -9.93 45.71 -31.92
C PHE E 46 -8.68 45.11 -32.52
N THR E 47 -8.48 43.80 -32.34
CA THR E 47 -7.25 43.17 -32.78
C THR E 47 -7.11 43.24 -34.30
N LYS E 48 -8.16 42.89 -35.02
CA LYS E 48 -8.08 42.86 -36.48
C LYS E 48 -7.97 44.23 -37.09
N GLU E 49 -7.87 45.28 -36.28
CA GLU E 49 -7.78 46.64 -36.79
C GLU E 49 -6.44 47.29 -36.52
N THR E 50 -5.76 46.93 -35.44
CA THR E 50 -4.49 47.54 -35.08
C THR E 50 -3.34 46.56 -34.95
N GLY E 51 -3.60 45.26 -35.01
CA GLY E 51 -2.58 44.25 -34.82
C GLY E 51 -2.21 44.01 -33.38
N ILE E 52 -2.88 44.66 -32.44
CA ILE E 52 -2.52 44.54 -31.03
C ILE E 52 -3.42 43.50 -30.39
N LYS E 53 -2.84 42.66 -29.53
CA LYS E 53 -3.58 41.68 -28.78
C LYS E 53 -3.84 42.21 -27.38
N VAL E 54 -5.01 41.88 -26.83
CA VAL E 54 -5.48 42.46 -25.58
C VAL E 54 -5.88 41.33 -24.63
N ILE E 55 -5.34 41.35 -23.42
CA ILE E 55 -5.69 40.40 -22.38
C ILE E 55 -6.59 41.10 -21.38
N TYR E 56 -7.56 40.37 -20.85
CA TYR E 56 -8.68 40.95 -20.13
C TYR E 56 -8.84 40.25 -18.79
N SER E 57 -9.16 41.03 -17.75
CA SER E 57 -9.45 40.51 -16.42
C SER E 57 -10.59 41.32 -15.81
N THR E 58 -11.06 40.94 -14.62
CA THR E 58 -12.25 41.56 -14.08
C THR E 58 -12.10 41.88 -12.60
N TYR E 59 -12.89 42.87 -12.15
CA TYR E 59 -12.95 43.36 -10.77
C TYR E 59 -14.11 42.67 -10.06
N GLU E 60 -14.43 43.12 -8.86
CA GLU E 60 -15.79 43.00 -8.36
C GLU E 60 -16.18 44.25 -7.60
N SER E 61 -15.19 45.09 -7.25
CA SER E 61 -15.41 46.27 -6.44
C SER E 61 -14.19 47.18 -6.52
N ASN E 62 -14.26 48.30 -5.82
CA ASN E 62 -13.16 49.25 -5.81
C ASN E 62 -12.03 48.84 -4.89
N GLU E 63 -12.33 48.24 -3.74
CA GLU E 63 -11.28 47.85 -2.82
C GLU E 63 -10.42 46.74 -3.39
N THR E 64 -11.00 45.81 -4.14
CA THR E 64 -10.21 44.78 -4.81
C THR E 64 -9.31 45.37 -5.87
N MET E 65 -9.80 46.34 -6.64
CA MET E 65 -8.95 46.99 -7.62
C MET E 65 -7.80 47.72 -6.95
N TYR E 66 -8.07 48.38 -5.82
CA TYR E 66 -7.04 49.12 -5.10
C TYR E 66 -5.92 48.21 -4.65
N ALA E 67 -6.26 47.10 -4.00
CA ALA E 67 -5.24 46.21 -3.45
C ALA E 67 -4.40 45.58 -4.53
N LYS E 68 -5.02 45.24 -5.66
CA LYS E 68 -4.27 44.60 -6.75
C LYS E 68 -3.18 45.53 -7.27
N LEU E 69 -3.47 46.81 -7.40
CA LEU E 69 -2.51 47.72 -8.01
C LEU E 69 -1.34 48.02 -7.10
N LYS E 70 -1.47 47.80 -5.80
CA LYS E 70 -0.37 48.12 -4.89
C LYS E 70 0.51 46.92 -4.58
N THR E 71 -0.04 45.70 -4.58
CA THR E 71 0.79 44.52 -4.44
C THR E 71 1.72 44.37 -5.63
N TYR E 72 1.15 44.16 -6.82
CA TYR E 72 1.93 43.92 -8.03
C TYR E 72 2.29 45.27 -8.66
N LYS E 73 3.02 46.07 -7.90
CA LYS E 73 3.34 47.41 -8.35
C LYS E 73 4.33 47.39 -9.50
N ASP E 74 4.57 48.58 -10.07
CA ASP E 74 5.51 48.78 -11.16
C ASP E 74 5.18 47.95 -12.40
N GLY E 75 4.06 48.22 -13.05
CA GLY E 75 3.84 47.77 -14.41
C GLY E 75 3.10 46.47 -14.58
N ALA E 76 2.02 46.25 -13.83
CA ALA E 76 1.27 45.00 -13.95
C ALA E 76 0.11 45.16 -14.94
N TYR E 77 -0.28 46.42 -15.14
CA TYR E 77 -1.48 46.69 -15.94
C TYR E 77 -1.29 47.95 -16.77
N ASP E 78 -2.12 48.12 -17.80
CA ASP E 78 -2.00 49.28 -18.67
C ASP E 78 -3.21 50.18 -18.67
N LEU E 79 -4.37 49.72 -18.21
CA LEU E 79 -5.57 50.53 -18.29
C LEU E 79 -6.58 50.09 -17.25
N VAL E 80 -6.62 50.79 -16.12
CA VAL E 80 -7.55 50.53 -15.03
C VAL E 80 -8.85 51.28 -15.32
N VAL E 81 -9.94 50.89 -14.68
CA VAL E 81 -11.20 51.64 -14.78
C VAL E 81 -11.70 52.00 -13.38
N PRO E 82 -11.21 53.08 -12.79
CA PRO E 82 -11.65 53.45 -11.44
C PRO E 82 -13.04 54.05 -11.46
N SER E 83 -13.64 54.10 -10.29
CA SER E 83 -14.83 54.92 -10.11
C SER E 83 -14.40 56.34 -9.82
N THR E 84 -15.26 57.30 -10.16
CA THR E 84 -14.87 58.70 -10.08
C THR E 84 -14.50 59.12 -8.67
N TYR E 85 -15.07 58.47 -7.67
CA TYR E 85 -14.77 58.90 -6.31
C TYR E 85 -13.50 58.26 -5.79
N TYR E 86 -12.76 57.57 -6.64
CA TYR E 86 -11.36 57.31 -6.34
C TYR E 86 -10.38 58.01 -7.27
N VAL E 87 -10.83 58.69 -8.32
CA VAL E 87 -9.87 59.37 -9.18
C VAL E 87 -9.11 60.43 -8.41
N ASP E 88 -9.75 61.06 -7.43
CA ASP E 88 -9.05 62.03 -6.60
C ASP E 88 -8.10 61.33 -5.62
N LYS E 89 -8.56 60.26 -4.99
CA LYS E 89 -7.71 59.54 -4.04
C LYS E 89 -6.51 58.95 -4.72
N MET E 90 -6.69 58.37 -5.90
CA MET E 90 -5.62 57.64 -6.55
C MET E 90 -4.57 58.59 -7.13
N ARG E 91 -4.89 59.87 -7.23
CA ARG E 91 -3.91 60.84 -7.71
C ARG E 91 -2.78 61.04 -6.71
N LYS E 92 -3.12 61.24 -5.44
CA LYS E 92 -2.13 61.70 -4.47
C LYS E 92 -1.20 60.57 -4.04
N GLU E 93 -1.70 59.33 -4.04
CA GLU E 93 -0.80 58.21 -3.82
C GLU E 93 0.13 57.99 -5.01
N GLY E 94 -0.25 58.46 -6.19
CA GLY E 94 0.62 58.36 -7.34
C GLY E 94 0.47 57.08 -8.12
N MET E 95 -0.74 56.78 -8.56
CA MET E 95 -1.00 55.55 -9.31
C MET E 95 -1.63 55.88 -10.64
N ILE E 96 -2.03 57.13 -10.83
CA ILE E 96 -2.51 57.62 -12.12
C ILE E 96 -1.48 58.61 -12.65
N GLN E 97 -1.45 58.76 -13.97
CA GLN E 97 -0.54 59.71 -14.61
C GLN E 97 -1.31 60.55 -15.61
N LYS E 98 -0.59 61.53 -16.18
CA LYS E 98 -1.12 62.38 -17.23
C LYS E 98 -1.67 61.56 -18.37
N ILE E 99 -2.76 62.01 -18.97
CA ILE E 99 -3.26 61.46 -20.22
C ILE E 99 -3.00 62.48 -21.31
N ASP E 100 -2.16 62.12 -22.28
CA ASP E 100 -1.93 63.02 -23.42
C ASP E 100 -3.21 63.12 -24.23
N LYS E 101 -3.67 64.34 -24.45
CA LYS E 101 -5.03 64.58 -24.90
C LYS E 101 -5.09 65.00 -26.37
N SER E 102 -3.98 64.89 -27.09
CA SER E 102 -3.93 65.22 -28.51
C SER E 102 -4.25 64.04 -29.40
N LYS E 103 -3.73 62.85 -29.09
CA LYS E 103 -4.04 61.67 -29.86
C LYS E 103 -5.43 61.13 -29.59
N LEU E 104 -6.03 61.51 -28.46
CA LEU E 104 -7.43 61.16 -28.19
C LEU E 104 -8.31 62.07 -29.04
N THR E 105 -8.39 61.73 -30.32
CA THR E 105 -9.03 62.59 -31.31
C THR E 105 -10.51 62.32 -31.45
N ASN E 106 -11.13 61.69 -30.46
CA ASN E 106 -12.56 61.46 -30.52
C ASN E 106 -13.26 61.93 -29.26
N PHE E 107 -12.68 62.90 -28.55
CA PHE E 107 -13.23 63.32 -27.27
C PHE E 107 -14.54 64.09 -27.44
N SER E 108 -14.71 64.79 -28.55
CA SER E 108 -15.77 65.78 -28.70
C SER E 108 -17.16 65.18 -28.59
N ASN E 109 -17.31 63.92 -29.03
CA ASN E 109 -18.63 63.31 -29.12
C ASN E 109 -19.27 63.09 -27.76
N LEU E 110 -18.49 63.27 -26.71
CA LEU E 110 -18.97 63.02 -25.35
C LEU E 110 -19.87 64.16 -24.90
N ASP E 111 -20.74 63.86 -23.95
CA ASP E 111 -21.64 64.85 -23.39
C ASP E 111 -20.85 65.91 -22.62
N PRO E 112 -20.97 67.19 -22.95
CA PRO E 112 -20.32 68.24 -22.16
C PRO E 112 -20.94 68.45 -20.80
N ASP E 113 -22.11 67.87 -20.52
CA ASP E 113 -22.76 68.04 -19.23
C ASP E 113 -21.93 67.43 -18.10
N MET E 114 -21.50 66.18 -18.26
CA MET E 114 -20.79 65.42 -17.23
C MET E 114 -19.29 65.49 -17.44
N LEU E 115 -18.78 66.64 -17.88
CA LEU E 115 -17.44 66.71 -18.43
C LEU E 115 -16.52 67.66 -17.65
N ASN E 116 -17.05 68.42 -16.70
CA ASN E 116 -16.20 69.26 -15.85
C ASN E 116 -16.80 69.23 -14.45
N LYS E 117 -16.21 68.41 -13.59
CA LYS E 117 -16.66 68.24 -12.22
C LYS E 117 -15.45 68.30 -11.31
N PRO E 118 -15.64 68.62 -10.02
CA PRO E 118 -14.50 69.01 -9.17
C PRO E 118 -13.40 67.97 -9.03
N PHE E 119 -13.73 66.68 -9.12
CA PHE E 119 -12.74 65.63 -8.88
C PHE E 119 -11.60 65.69 -9.89
N ASP E 120 -11.91 65.89 -11.16
CA ASP E 120 -10.90 66.08 -12.19
C ASP E 120 -11.28 67.28 -13.04
N PRO E 121 -10.69 68.46 -12.79
CA PRO E 121 -11.15 69.68 -13.46
C PRO E 121 -10.98 69.71 -14.97
N ASN E 122 -9.75 69.52 -15.45
CA ASN E 122 -9.40 69.71 -16.85
C ASN E 122 -9.40 68.40 -17.63
N ASN E 123 -9.83 67.31 -17.00
CA ASN E 123 -9.81 65.98 -17.58
C ASN E 123 -8.43 65.61 -18.13
N ASP E 124 -7.41 65.72 -17.29
CA ASP E 124 -6.10 65.19 -17.61
C ASP E 124 -5.84 63.85 -16.96
N TYR E 125 -6.85 63.27 -16.30
CA TYR E 125 -6.68 62.06 -15.51
C TYR E 125 -7.67 60.95 -15.81
N SER E 126 -8.83 61.25 -16.37
CA SER E 126 -9.83 60.22 -16.63
C SER E 126 -10.75 60.69 -17.75
N ILE E 127 -11.46 59.73 -18.33
CA ILE E 127 -12.43 60.00 -19.38
C ILE E 127 -13.70 59.23 -19.02
N PRO E 128 -14.87 59.86 -18.98
CA PRO E 128 -16.08 59.16 -18.58
C PRO E 128 -16.38 57.94 -19.45
N TYR E 129 -16.77 56.84 -18.82
CA TYR E 129 -17.00 55.61 -19.56
C TYR E 129 -18.47 55.20 -19.53
N ILE E 130 -19.03 54.96 -18.34
CA ILE E 130 -20.40 54.52 -18.18
C ILE E 130 -20.89 54.88 -16.79
N TRP E 131 -22.06 55.48 -16.68
CA TRP E 131 -22.69 55.78 -15.41
C TRP E 131 -23.86 54.83 -15.21
N GLY E 132 -24.60 55.01 -14.13
CA GLY E 132 -25.72 54.14 -13.85
C GLY E 132 -26.34 54.44 -12.50
N ALA E 133 -27.27 53.57 -12.10
CA ALA E 133 -28.08 53.80 -10.91
C ALA E 133 -28.24 52.50 -10.15
N THR E 134 -28.98 52.58 -9.03
CA THR E 134 -29.14 51.46 -8.11
C THR E 134 -30.39 51.68 -7.29
N ALA E 135 -31.40 50.84 -7.48
CA ALA E 135 -32.65 50.98 -6.77
C ALA E 135 -33.20 49.61 -6.43
N ILE E 136 -34.32 49.61 -5.70
CA ILE E 136 -34.89 48.35 -5.25
C ILE E 136 -35.37 47.54 -6.45
N GLY E 137 -35.07 46.26 -6.42
CA GLY E 137 -35.59 45.32 -7.41
C GLY E 137 -36.59 44.39 -6.74
N VAL E 138 -37.58 43.96 -7.52
CA VAL E 138 -38.66 43.13 -6.99
C VAL E 138 -39.13 42.19 -8.09
N ASN E 139 -39.65 41.04 -7.68
CA ASN E 139 -40.12 40.02 -8.61
C ASN E 139 -41.64 40.03 -8.63
N GLY E 140 -42.21 40.21 -9.82
CA GLY E 140 -43.64 40.34 -9.93
C GLY E 140 -44.40 39.07 -9.58
N ASP E 141 -43.86 37.91 -9.96
CA ASP E 141 -44.58 36.67 -9.76
C ASP E 141 -44.72 36.30 -8.30
N ALA E 142 -43.92 36.88 -7.42
CA ALA E 142 -44.00 36.54 -6.00
C ALA E 142 -44.44 37.72 -5.16
N VAL E 143 -43.75 38.84 -5.27
CA VAL E 143 -44.05 40.00 -4.42
C VAL E 143 -44.62 41.13 -5.27
N ASP E 144 -45.68 41.75 -4.79
CA ASP E 144 -46.28 42.88 -5.51
C ASP E 144 -45.28 44.04 -5.57
N PRO E 145 -45.06 44.63 -6.73
CA PRO E 145 -44.12 45.76 -6.81
C PRO E 145 -44.63 47.02 -6.12
N LYS E 146 -45.78 46.93 -5.48
CA LYS E 146 -46.30 48.07 -4.72
C LYS E 146 -46.21 47.90 -3.22
N SER E 147 -45.99 46.69 -2.71
CA SER E 147 -45.94 46.50 -1.26
C SER E 147 -44.66 47.03 -0.65
N VAL E 148 -43.64 47.34 -1.45
CA VAL E 148 -42.42 47.97 -0.97
C VAL E 148 -42.16 49.22 -1.81
N THR E 149 -41.90 50.34 -1.13
CA THR E 149 -41.69 51.61 -1.82
C THR E 149 -40.58 52.48 -1.25
N SER E 150 -39.89 52.07 -0.17
CA SER E 150 -38.84 52.87 0.42
C SER E 150 -37.75 51.96 0.96
N TRP E 151 -36.57 52.53 1.22
CA TRP E 151 -35.49 51.76 1.80
C TRP E 151 -35.87 51.18 3.15
N ALA E 152 -36.70 51.88 3.92
CA ALA E 152 -37.04 51.43 5.26
C ALA E 152 -37.87 50.16 5.28
N ASP E 153 -38.53 49.82 4.18
CA ASP E 153 -39.35 48.61 4.16
C ASP E 153 -38.52 47.34 4.23
N LEU E 154 -37.22 47.42 3.93
CA LEU E 154 -36.34 46.28 4.03
C LEU E 154 -36.04 45.89 5.48
N TRP E 155 -36.06 46.86 6.39
CA TRP E 155 -35.83 46.58 7.81
C TRP E 155 -37.00 45.86 8.47
N LYS E 156 -38.11 45.68 7.76
CA LYS E 156 -39.26 45.02 8.35
C LYS E 156 -38.88 43.63 8.84
N PRO E 157 -39.43 43.16 9.94
CA PRO E 157 -39.06 41.84 10.45
C PRO E 157 -39.79 40.69 9.77
N GLU E 158 -40.45 40.97 8.65
CA GLU E 158 -41.14 39.94 7.88
C GLU E 158 -40.31 39.40 6.73
N TYR E 159 -39.07 39.87 6.58
CA TYR E 159 -38.19 39.40 5.52
C TYR E 159 -36.92 38.82 6.11
N LYS E 160 -37.05 38.00 7.14
CA LYS E 160 -35.88 37.36 7.73
C LYS E 160 -35.26 36.38 6.75
N GLY E 161 -33.96 36.54 6.51
CA GLY E 161 -33.22 35.59 5.72
C GLY E 161 -33.56 35.53 4.25
N SER E 162 -34.04 36.64 3.69
CA SER E 162 -34.19 36.71 2.24
C SER E 162 -34.06 38.13 1.71
N LEU E 163 -32.84 38.53 1.35
CA LEU E 163 -32.59 39.85 0.81
C LEU E 163 -31.22 39.89 0.16
N LEU E 164 -31.16 40.12 -1.14
CA LEU E 164 -29.87 40.33 -1.77
C LEU E 164 -29.41 41.77 -1.59
N LEU E 165 -28.13 41.92 -1.28
CA LEU E 165 -27.52 43.23 -1.11
C LEU E 165 -26.25 43.30 -1.93
N THR E 166 -25.95 44.47 -2.47
CA THR E 166 -24.72 44.63 -3.21
C THR E 166 -23.54 44.66 -2.24
N ASP E 167 -22.34 44.53 -2.78
CA ASP E 167 -21.13 44.31 -2.00
C ASP E 167 -20.14 45.46 -2.14
N ASP E 168 -20.64 46.70 -2.11
CA ASP E 168 -19.80 47.89 -2.11
C ASP E 168 -20.04 48.65 -0.82
N ALA E 169 -18.95 49.09 -0.19
CA ALA E 169 -19.08 49.73 1.11
C ALA E 169 -19.94 50.99 1.04
N ARG E 170 -19.77 51.78 -0.01
CA ARG E 170 -20.48 53.05 -0.09
C ARG E 170 -21.98 52.84 -0.30
N GLU E 171 -22.33 51.95 -1.22
CA GLU E 171 -23.73 51.67 -1.52
C GLU E 171 -24.50 51.18 -0.31
N VAL E 172 -23.93 50.22 0.42
CA VAL E 172 -24.58 49.67 1.60
C VAL E 172 -24.68 50.72 2.69
N PHE E 173 -23.82 51.73 2.67
CA PHE E 173 -23.87 52.76 3.70
C PHE E 173 -24.70 53.97 3.28
N GLN E 174 -24.76 54.28 1.98
CA GLN E 174 -25.59 55.40 1.57
C GLN E 174 -27.02 54.87 1.38
N MET E 175 -27.46 54.13 2.31
CA MET E 175 -28.84 53.69 2.42
C MET E 175 -29.38 53.89 3.81
N ALA E 176 -28.56 53.64 4.83
CA ALA E 176 -28.96 53.96 6.19
C ALA E 176 -28.84 55.46 6.44
N LEU E 177 -27.85 56.11 5.83
CA LEU E 177 -27.71 57.55 5.99
C LEU E 177 -28.91 58.28 5.43
N ARG E 178 -29.40 57.85 4.27
CA ARG E 178 -30.60 58.44 3.70
C ARG E 178 -31.86 57.94 4.37
N LYS E 179 -31.76 56.95 5.24
CA LYS E 179 -32.92 56.52 6.00
C LYS E 179 -33.10 57.37 7.25
N LEU E 180 -32.08 57.46 8.08
CA LEU E 180 -32.11 58.34 9.24
C LEU E 180 -32.29 59.78 8.80
N GLY E 181 -31.62 60.15 7.70
CA GLY E 181 -31.70 61.47 7.13
C GLY E 181 -30.39 62.21 7.30
N TYR E 182 -29.56 62.18 6.27
CA TYR E 182 -28.23 62.76 6.29
C TYR E 182 -27.77 62.91 4.86
N SER E 183 -26.54 63.40 4.69
CA SER E 183 -25.93 63.45 3.37
C SER E 183 -25.10 62.20 3.18
N GLY E 184 -25.29 61.54 2.05
CA GLY E 184 -24.54 60.32 1.77
C GLY E 184 -23.05 60.56 1.78
N ASN E 185 -22.62 61.72 1.32
CA ASN E 185 -21.21 62.10 1.34
C ASN E 185 -20.92 62.80 2.66
N THR E 186 -20.65 62.01 3.69
CA THR E 186 -20.48 62.50 5.05
C THR E 186 -19.10 62.13 5.55
N THR E 187 -18.48 63.05 6.28
CA THR E 187 -17.15 62.82 6.83
C THR E 187 -17.14 63.07 8.33
N ASP E 188 -18.21 62.65 9.02
CA ASP E 188 -18.39 62.95 10.44
C ASP E 188 -18.46 61.65 11.20
N PRO E 189 -17.53 61.38 12.13
CA PRO E 189 -17.54 60.10 12.85
C PRO E 189 -18.73 59.88 13.75
N LYS E 190 -19.73 60.76 13.75
CA LYS E 190 -20.92 60.53 14.56
C LYS E 190 -22.12 60.08 13.74
N GLU E 191 -22.15 60.39 12.46
CA GLU E 191 -23.21 59.90 11.60
C GLU E 191 -22.84 58.58 10.95
N ILE E 192 -21.56 58.38 10.65
CA ILE E 192 -21.09 57.09 10.18
C ILE E 192 -21.28 56.04 11.25
N GLU E 193 -20.98 56.37 12.50
CA GLU E 193 -21.22 55.45 13.59
C GLU E 193 -22.70 55.32 13.91
N ALA E 194 -23.52 56.27 13.46
CA ALA E 194 -24.97 56.11 13.56
C ALA E 194 -25.48 55.15 12.49
N ALA E 195 -24.78 55.07 11.36
CA ALA E 195 -25.16 54.12 10.32
C ALA E 195 -24.90 52.68 10.76
N TYR E 196 -23.70 52.42 11.28
CA TYR E 196 -23.34 51.07 11.68
C TYR E 196 -24.32 50.50 12.69
N ASN E 197 -24.62 51.27 13.73
CA ASN E 197 -25.52 50.76 14.76
C ASN E 197 -26.89 50.45 14.22
N GLU E 198 -27.30 51.13 13.15
CA GLU E 198 -28.64 50.92 12.61
C GLU E 198 -28.61 49.93 11.45
N LEU E 199 -27.51 49.91 10.70
CA LEU E 199 -27.37 48.98 9.60
C LEU E 199 -27.05 47.58 10.07
N LYS E 200 -26.73 47.41 11.35
CA LYS E 200 -26.43 46.12 11.94
C LYS E 200 -27.67 45.40 12.43
N LYS E 201 -28.84 46.04 12.31
CA LYS E 201 -30.10 45.38 12.57
C LYS E 201 -30.75 44.84 11.31
N LEU E 202 -30.19 45.14 10.13
CA LEU E 202 -30.66 44.61 8.86
C LEU E 202 -30.02 43.29 8.51
N MET E 203 -28.85 43.00 9.07
CA MET E 203 -28.15 41.76 8.78
C MET E 203 -28.98 40.50 9.05
N PRO E 204 -29.86 40.44 10.07
CA PRO E 204 -30.70 39.24 10.23
C PRO E 204 -31.61 38.96 9.05
N ASN E 205 -31.56 39.79 8.01
CA ASN E 205 -32.36 39.58 6.81
C ASN E 205 -31.54 39.28 5.56
N VAL E 206 -30.25 39.59 5.56
CA VAL E 206 -29.42 39.36 4.38
C VAL E 206 -29.16 37.87 4.20
N ALA E 207 -29.22 37.41 2.95
CA ALA E 207 -28.87 36.05 2.58
C ALA E 207 -27.67 35.96 1.65
N ALA E 208 -27.36 37.02 0.92
CA ALA E 208 -26.24 36.99 -0.01
C ALA E 208 -25.64 38.39 -0.14
N PHE E 209 -24.42 38.42 -0.64
CA PHE E 209 -23.65 39.65 -0.85
C PHE E 209 -23.03 39.53 -2.24
N ASN E 210 -23.78 39.95 -3.26
CA ASN E 210 -23.40 39.70 -4.64
C ASN E 210 -23.08 41.01 -5.33
N SER E 211 -21.93 41.07 -6.00
CA SER E 211 -21.53 42.24 -6.75
C SER E 211 -20.91 41.89 -8.09
N ASP E 212 -21.09 40.67 -8.55
CA ASP E 212 -20.62 40.24 -9.87
C ASP E 212 -21.73 40.18 -10.89
N ASN E 213 -22.89 39.65 -10.51
CA ASN E 213 -24.08 39.66 -11.36
C ASN E 213 -25.30 39.59 -10.44
N PRO E 214 -25.71 40.73 -9.91
CA PRO E 214 -26.74 40.70 -8.88
C PRO E 214 -28.09 40.22 -9.38
N ALA E 215 -28.17 39.83 -10.65
CA ALA E 215 -29.41 39.33 -11.21
C ALA E 215 -29.53 37.81 -11.14
N ASN E 216 -28.43 37.11 -10.92
CA ASN E 216 -28.48 35.65 -10.93
C ASN E 216 -29.32 35.08 -9.82
N PRO E 217 -29.20 35.51 -8.57
CA PRO E 217 -30.10 34.96 -7.53
C PRO E 217 -31.57 35.19 -7.83
N TYR E 218 -31.92 36.27 -8.52
CA TYR E 218 -33.29 36.46 -8.98
C TYR E 218 -33.67 35.49 -10.09
N MET E 219 -32.80 35.31 -11.08
CA MET E 219 -33.08 34.45 -12.21
C MET E 219 -33.01 32.97 -11.85
N GLU E 220 -32.36 32.62 -10.75
CA GLU E 220 -32.30 31.24 -10.32
C GLU E 220 -33.43 30.87 -9.38
N GLY E 221 -34.08 31.85 -8.77
CA GLY E 221 -35.23 31.62 -7.95
C GLY E 221 -35.00 31.57 -6.46
N GLU E 222 -33.97 32.24 -5.95
CA GLU E 222 -33.61 32.16 -4.53
C GLU E 222 -33.97 33.42 -3.76
N VAL E 223 -33.66 34.61 -4.27
CA VAL E 223 -34.06 35.84 -3.64
C VAL E 223 -35.14 36.49 -4.48
N ASN E 224 -36.03 37.25 -3.82
CA ASN E 224 -37.13 37.91 -4.50
C ASN E 224 -37.28 39.37 -4.10
N LEU E 225 -36.25 39.95 -3.45
CA LEU E 225 -36.32 41.34 -3.02
C LEU E 225 -34.95 41.82 -2.58
N GLY E 226 -34.52 42.98 -3.07
CA GLY E 226 -33.26 43.53 -2.59
C GLY E 226 -32.67 44.51 -3.58
N MET E 227 -31.49 45.01 -3.22
CA MET E 227 -30.80 45.96 -4.06
C MET E 227 -30.45 45.35 -5.40
N ILE E 228 -30.48 46.15 -6.45
CA ILE E 228 -30.16 45.67 -7.78
C ILE E 228 -29.66 46.82 -8.61
N TRP E 229 -28.69 46.54 -9.47
CA TRP E 229 -28.29 47.56 -10.42
C TRP E 229 -29.29 47.57 -11.57
N ASN E 230 -29.58 48.77 -12.06
CA ASN E 230 -30.63 48.91 -13.07
C ASN E 230 -30.26 48.23 -14.37
N GLY E 231 -28.99 48.31 -14.77
CA GLY E 231 -28.56 47.66 -15.99
C GLY E 231 -28.65 46.15 -15.95
N SER E 232 -28.37 45.54 -14.80
CA SER E 232 -28.49 44.10 -14.67
C SER E 232 -29.93 43.63 -14.73
N ALA E 233 -30.87 44.44 -14.24
CA ALA E 233 -32.28 44.07 -14.35
C ALA E 233 -32.75 44.10 -15.79
N PHE E 234 -32.10 44.93 -16.62
CA PHE E 234 -32.40 44.93 -18.05
C PHE E 234 -32.10 43.58 -18.67
N VAL E 235 -30.95 43.00 -18.33
CA VAL E 235 -30.55 41.75 -18.96
C VAL E 235 -31.46 40.61 -18.53
N ALA E 236 -32.03 40.69 -17.33
CA ALA E 236 -32.95 39.66 -16.88
C ALA E 236 -34.37 39.86 -17.40
N ARG E 237 -34.70 41.03 -17.95
CA ARG E 237 -35.97 41.23 -18.63
C ARG E 237 -35.88 40.93 -20.12
N GLN E 238 -34.70 41.04 -20.70
CA GLN E 238 -34.45 40.56 -22.06
C GLN E 238 -34.31 39.05 -22.08
N ALA E 239 -34.28 38.42 -20.90
CA ALA E 239 -34.48 36.99 -20.76
C ALA E 239 -35.78 36.83 -19.98
N GLY E 240 -36.14 35.64 -19.55
CA GLY E 240 -37.45 35.48 -18.94
C GLY E 240 -37.50 35.66 -17.45
N THR E 241 -37.84 36.88 -17.00
CA THR E 241 -38.16 37.20 -15.62
C THR E 241 -38.66 38.65 -15.52
N PRO E 242 -39.72 38.89 -14.78
CA PRO E 242 -40.20 40.28 -14.57
C PRO E 242 -39.56 40.95 -13.36
N ILE E 243 -38.35 41.45 -13.52
CA ILE E 243 -37.69 42.22 -12.47
C ILE E 243 -38.00 43.69 -12.71
N ASP E 244 -38.70 44.31 -11.76
CA ASP E 244 -39.09 45.71 -11.84
C ASP E 244 -38.24 46.54 -10.89
N VAL E 245 -37.68 47.63 -11.41
CA VAL E 245 -36.86 48.53 -10.62
C VAL E 245 -37.74 49.58 -9.96
N VAL E 246 -38.26 49.30 -8.78
CA VAL E 246 -38.99 50.32 -8.04
C VAL E 246 -38.01 51.30 -7.40
N TRP E 247 -38.18 52.60 -7.71
CA TRP E 247 -37.34 53.62 -7.11
C TRP E 247 -37.78 53.88 -5.68
N PRO E 248 -36.85 54.09 -4.75
CA PRO E 248 -37.24 54.38 -3.38
C PRO E 248 -37.52 55.86 -3.18
N LYS E 249 -38.40 56.15 -2.21
CA LYS E 249 -38.74 57.55 -1.96
C LYS E 249 -37.58 58.30 -1.35
N GLU E 250 -36.75 57.63 -0.54
CA GLU E 250 -35.60 58.29 0.04
C GLU E 250 -34.54 58.67 -0.98
N GLY E 251 -34.73 58.36 -2.25
CA GLY E 251 -33.78 58.78 -3.26
C GLY E 251 -33.38 57.70 -4.24
N GLY E 252 -32.07 57.63 -4.52
CA GLY E 252 -31.54 56.69 -5.48
C GLY E 252 -30.05 56.91 -5.61
N ILE E 253 -29.28 55.84 -5.67
CA ILE E 253 -27.83 55.95 -5.62
C ILE E 253 -27.28 56.01 -7.03
N PHE E 254 -26.56 57.09 -7.35
CA PHE E 254 -26.02 57.30 -8.68
C PHE E 254 -24.50 57.31 -8.64
N TRP E 255 -23.88 56.86 -9.72
CA TRP E 255 -22.44 56.70 -9.79
C TRP E 255 -21.99 56.77 -11.24
N MET E 256 -20.69 56.95 -11.43
CA MET E 256 -20.11 56.99 -12.76
C MET E 256 -18.70 56.44 -12.70
N ASP E 257 -18.24 55.85 -13.80
CA ASP E 257 -16.92 55.24 -13.90
C ASP E 257 -16.14 55.88 -15.03
N SER E 258 -14.83 55.90 -14.88
CA SER E 258 -13.94 56.56 -15.83
C SER E 258 -12.71 55.71 -16.09
N LEU E 259 -12.06 55.97 -17.22
CA LEU E 259 -10.89 55.23 -17.66
C LEU E 259 -9.60 55.96 -17.31
N ALA E 260 -8.59 55.22 -16.89
CA ALA E 260 -7.35 55.83 -16.42
C ALA E 260 -6.17 54.96 -16.80
N ILE E 261 -4.98 55.56 -16.77
CA ILE E 261 -3.76 54.90 -17.19
C ILE E 261 -2.81 54.86 -15.99
N PRO E 262 -2.41 53.69 -15.50
CA PRO E 262 -1.56 53.64 -14.32
C PRO E 262 -0.18 54.20 -14.59
N ALA E 263 0.47 54.63 -13.52
CA ALA E 263 1.69 55.43 -13.60
C ALA E 263 2.79 54.71 -14.37
N ASN E 264 3.10 53.48 -13.97
CA ASN E 264 4.14 52.70 -14.62
C ASN E 264 3.46 51.71 -15.56
N ALA E 265 3.43 52.05 -16.84
CA ALA E 265 2.90 51.19 -17.88
C ALA E 265 3.86 51.19 -19.06
N LYS E 266 3.83 50.10 -19.83
CA LYS E 266 4.74 49.93 -20.96
C LYS E 266 4.06 50.34 -22.26
N ASN E 267 2.85 49.86 -22.52
CA ASN E 267 2.12 50.24 -23.72
C ASN E 267 1.35 51.54 -23.45
N LYS E 268 2.11 52.62 -23.28
CA LYS E 268 1.52 53.94 -23.16
C LYS E 268 0.73 54.32 -24.40
N GLU E 269 1.28 54.04 -25.59
CA GLU E 269 0.56 54.31 -26.81
C GLU E 269 -0.68 53.43 -26.92
N GLY E 270 -0.56 52.16 -26.54
CA GLY E 270 -1.69 51.26 -26.66
C GLY E 270 -2.86 51.63 -25.76
N ALA E 271 -2.57 52.15 -24.57
CA ALA E 271 -3.65 52.52 -23.67
C ALA E 271 -4.51 53.63 -24.27
N LEU E 272 -3.87 54.62 -24.91
CA LEU E 272 -4.63 55.69 -25.55
C LEU E 272 -5.44 55.16 -26.73
N LYS E 273 -4.86 54.27 -27.53
CA LYS E 273 -5.53 53.82 -28.73
C LYS E 273 -6.72 52.93 -28.44
N LEU E 274 -6.91 52.50 -27.20
CA LEU E 274 -8.12 51.78 -26.85
C LEU E 274 -9.21 52.69 -26.32
N ILE E 275 -8.84 53.76 -25.62
CA ILE E 275 -9.84 54.73 -25.20
C ILE E 275 -10.42 55.43 -26.42
N ASN E 276 -9.57 55.76 -27.39
CA ASN E 276 -9.99 56.39 -28.63
C ASN E 276 -10.90 55.49 -29.45
N PHE E 277 -10.92 54.19 -29.18
CA PHE E 277 -11.81 53.27 -29.87
C PHE E 277 -13.14 53.09 -29.17
N LEU E 278 -13.19 53.27 -27.85
CA LEU E 278 -14.43 53.16 -27.09
C LEU E 278 -15.21 54.45 -27.06
N LEU E 279 -14.66 55.54 -27.58
CA LEU E 279 -15.37 56.79 -27.68
C LEU E 279 -16.06 56.96 -29.02
N ARG E 280 -15.91 56.01 -29.93
CA ARG E 280 -16.59 56.08 -31.20
C ARG E 280 -18.09 55.89 -30.99
N PRO E 281 -18.94 56.45 -31.86
CA PRO E 281 -20.39 56.27 -31.68
C PRO E 281 -20.86 54.85 -31.93
N ASP E 282 -20.46 54.24 -33.04
CA ASP E 282 -20.96 52.91 -33.39
C ASP E 282 -20.52 51.88 -32.36
N VAL E 283 -19.28 51.97 -31.91
CA VAL E 283 -18.77 51.03 -30.91
C VAL E 283 -19.56 51.19 -29.61
N ALA E 284 -19.81 52.44 -29.21
CA ALA E 284 -20.45 52.71 -27.94
C ALA E 284 -21.93 52.39 -27.94
N LYS E 285 -22.55 52.21 -29.10
CA LYS E 285 -23.96 51.87 -29.11
C LYS E 285 -24.17 50.36 -29.24
N GLN E 286 -23.26 49.66 -29.91
CA GLN E 286 -23.39 48.22 -29.98
C GLN E 286 -23.29 47.59 -28.61
N VAL E 287 -22.37 48.09 -27.78
CA VAL E 287 -22.26 47.62 -26.41
C VAL E 287 -23.42 48.12 -25.58
N ALA E 288 -23.84 49.38 -25.79
CA ALA E 288 -24.86 49.98 -24.94
C ALA E 288 -26.20 49.27 -25.08
N GLU E 289 -26.48 48.72 -26.25
CA GLU E 289 -27.76 48.04 -26.44
C GLU E 289 -27.76 46.67 -25.80
N THR E 290 -26.61 45.98 -25.79
CA THR E 290 -26.54 44.61 -25.30
C THR E 290 -26.54 44.53 -23.78
N ILE E 291 -25.95 45.50 -23.11
CA ILE E 291 -25.75 45.44 -21.66
C ILE E 291 -26.74 46.33 -20.91
N GLY E 292 -27.25 47.36 -21.57
CA GLY E 292 -28.29 48.18 -20.99
C GLY E 292 -27.85 49.16 -19.93
N TYR E 293 -26.57 49.47 -19.84
CA TYR E 293 -26.10 50.44 -18.88
C TYR E 293 -26.02 51.79 -19.54
N PRO E 294 -26.64 52.83 -18.98
CA PRO E 294 -26.72 54.12 -19.65
C PRO E 294 -25.37 54.66 -20.10
N THR E 295 -25.32 55.18 -21.30
CA THR E 295 -24.07 55.67 -21.84
C THR E 295 -23.95 57.18 -21.69
N PRO E 296 -22.78 57.68 -21.31
CA PRO E 296 -22.55 59.14 -21.32
C PRO E 296 -22.07 59.69 -22.66
N ASN E 297 -22.10 58.90 -23.73
CA ASN E 297 -21.71 59.39 -25.04
C ASN E 297 -22.92 60.06 -25.69
N LEU E 298 -22.89 61.39 -25.77
CA LEU E 298 -24.03 62.12 -26.33
C LEU E 298 -24.26 61.79 -27.79
N ALA E 299 -23.18 61.64 -28.57
CA ALA E 299 -23.34 61.39 -30.00
C ALA E 299 -24.11 60.10 -30.26
N ALA E 300 -23.78 59.04 -29.53
CA ALA E 300 -24.49 57.78 -29.64
C ALA E 300 -25.71 57.72 -28.74
N ARG E 301 -25.91 58.72 -27.87
CA ARG E 301 -27.08 58.72 -27.01
C ARG E 301 -28.37 58.84 -27.80
N LYS E 302 -28.27 59.32 -29.04
CA LYS E 302 -29.45 59.46 -29.89
C LYS E 302 -29.67 58.22 -30.75
N LEU E 303 -28.61 57.73 -31.40
CA LEU E 303 -28.75 56.58 -32.28
C LEU E 303 -28.97 55.31 -31.47
N LEU E 304 -30.22 54.98 -31.23
CA LEU E 304 -30.56 53.88 -30.32
C LEU E 304 -31.99 53.45 -30.62
N SER E 305 -32.38 52.35 -30.00
CA SER E 305 -33.69 51.73 -30.10
C SER E 305 -34.69 52.44 -29.20
N PRO E 306 -35.98 52.37 -29.51
CA PRO E 306 -37.00 52.95 -28.64
C PRO E 306 -37.25 52.17 -27.36
N GLU E 307 -36.59 51.03 -27.15
CA GLU E 307 -36.70 50.33 -25.88
C GLU E 307 -35.48 50.53 -24.98
N VAL E 308 -34.33 50.89 -25.55
CA VAL E 308 -33.15 51.15 -24.76
C VAL E 308 -33.06 52.61 -24.35
N ALA E 309 -33.21 53.52 -25.31
CA ALA E 309 -33.09 54.96 -25.07
C ALA E 309 -34.37 55.59 -24.58
N ASN E 310 -35.29 54.81 -24.03
CA ASN E 310 -36.58 55.37 -23.65
C ASN E 310 -37.01 54.90 -22.27
N ASP E 311 -36.52 53.74 -21.85
CA ASP E 311 -37.05 53.11 -20.65
C ASP E 311 -36.77 53.97 -19.43
N LYS E 312 -37.77 54.10 -18.56
CA LYS E 312 -37.67 55.01 -17.43
C LYS E 312 -36.62 54.59 -16.42
N THR E 313 -36.21 53.33 -16.43
CA THR E 313 -35.24 52.84 -15.46
C THR E 313 -33.81 52.92 -15.93
N LEU E 314 -33.57 52.87 -17.23
CA LEU E 314 -32.23 53.11 -17.75
C LEU E 314 -31.94 54.59 -17.84
N TYR E 315 -32.68 55.31 -18.67
CA TYR E 315 -32.54 56.76 -18.74
C TYR E 315 -33.74 57.41 -18.07
N PRO E 316 -33.61 57.94 -16.87
CA PRO E 316 -34.79 58.44 -16.15
C PRO E 316 -35.12 59.87 -16.51
N ASP E 317 -36.09 60.45 -15.80
CA ASP E 317 -36.48 61.83 -16.00
C ASP E 317 -35.43 62.76 -15.40
N ALA E 318 -35.72 64.05 -15.35
CA ALA E 318 -34.82 64.99 -14.67
C ALA E 318 -35.30 65.22 -13.24
N GLU E 319 -36.41 64.59 -12.86
CA GLU E 319 -36.93 64.77 -11.51
C GLU E 319 -36.37 63.73 -10.56
N THR E 320 -35.99 62.56 -11.09
CA THR E 320 -35.46 61.50 -10.23
C THR E 320 -33.96 61.65 -10.01
N ILE E 321 -33.23 62.06 -11.05
CA ILE E 321 -31.80 62.32 -10.89
C ILE E 321 -31.53 63.40 -9.85
N LYS E 322 -32.46 64.31 -9.64
CA LYS E 322 -32.28 65.38 -8.66
C LYS E 322 -33.01 65.09 -7.36
N ASN E 323 -33.51 63.87 -7.16
CA ASN E 323 -34.07 63.46 -5.87
C ASN E 323 -33.16 62.49 -5.13
N GLY E 324 -32.13 61.93 -5.79
CA GLY E 324 -31.18 61.07 -5.13
C GLY E 324 -29.79 61.67 -5.21
N GLU E 325 -28.88 61.10 -4.43
CA GLU E 325 -27.55 61.69 -4.29
C GLU E 325 -26.51 60.90 -5.06
N TRP E 326 -25.65 61.64 -5.73
CA TRP E 326 -24.52 61.08 -6.45
C TRP E 326 -23.44 60.67 -5.46
N GLN E 327 -22.49 59.86 -5.94
CA GLN E 327 -21.40 59.37 -5.09
C GLN E 327 -20.19 60.26 -5.28
N ASN E 328 -19.98 61.15 -4.33
CA ASN E 328 -18.85 62.07 -4.35
C ASN E 328 -17.73 61.55 -3.47
N ASP E 329 -16.60 62.24 -3.55
CA ASP E 329 -15.45 61.90 -2.73
C ASP E 329 -15.75 62.15 -1.25
N VAL E 330 -15.14 61.33 -0.41
CA VAL E 330 -15.16 61.54 1.02
C VAL E 330 -13.84 62.07 1.54
N GLY E 331 -12.72 61.62 0.99
CA GLY E 331 -11.42 62.17 1.37
C GLY E 331 -10.58 61.21 2.16
N ALA E 332 -10.45 61.46 3.46
CA ALA E 332 -9.65 60.62 4.33
C ALA E 332 -10.49 59.82 5.31
N ALA E 333 -11.80 59.98 5.31
CA ALA E 333 -12.67 59.10 6.07
C ALA E 333 -13.03 57.84 5.29
N SER E 334 -12.22 57.48 4.29
CA SER E 334 -12.44 56.25 3.54
C SER E 334 -12.34 55.05 4.45
N SER E 335 -11.34 55.04 5.34
CA SER E 335 -11.08 53.88 6.17
C SER E 335 -12.24 53.58 7.10
N ILE E 336 -12.90 54.61 7.61
CA ILE E 336 -13.97 54.41 8.57
C ILE E 336 -15.13 53.67 7.90
N TYR E 337 -15.46 54.04 6.66
CA TYR E 337 -16.48 53.32 5.92
C TYR E 337 -16.10 51.86 5.72
N GLU E 338 -14.84 51.62 5.36
CA GLU E 338 -14.38 50.27 5.07
C GLU E 338 -14.25 49.42 6.32
N GLU E 339 -13.66 49.98 7.37
CA GLU E 339 -13.35 49.19 8.56
C GLU E 339 -14.61 48.74 9.27
N TYR E 340 -15.65 49.58 9.24
CA TYR E 340 -16.94 49.17 9.79
C TYR E 340 -17.63 48.15 8.91
N TYR E 341 -17.46 48.27 7.60
CA TYR E 341 -18.08 47.34 6.67
C TYR E 341 -17.60 45.92 6.90
N GLN E 342 -16.29 45.74 7.03
CA GLN E 342 -15.72 44.41 7.14
C GLN E 342 -16.08 43.73 8.45
N LYS E 343 -16.56 44.48 9.44
CA LYS E 343 -17.07 43.86 10.65
C LYS E 343 -18.55 43.55 10.56
N LEU E 344 -19.25 44.21 9.66
CA LEU E 344 -20.68 43.94 9.47
C LEU E 344 -20.89 42.59 8.83
N LYS E 345 -20.01 42.21 7.91
CA LYS E 345 -20.15 40.95 7.16
C LYS E 345 -20.09 39.75 8.09
N ALA E 346 -19.09 39.72 8.98
CA ALA E 346 -18.91 38.62 9.91
C ALA E 346 -19.99 38.71 10.98
N GLY E 347 -21.12 38.07 10.71
CA GLY E 347 -22.21 38.02 11.66
C GLY E 347 -22.89 36.67 11.72
N1 SPD F . -21.49 45.14 -12.96
C2 SPD F . -21.26 46.27 -13.82
C3 SPD F . -20.41 47.28 -13.07
C4 SPD F . -21.31 48.41 -12.60
C5 SPD F . -20.86 48.89 -11.22
N6 SPD F . -19.61 49.63 -11.32
C7 SPD F . -19.65 50.80 -10.45
C8 SPD F . -20.13 50.43 -9.06
C9 SPD F . -19.77 51.54 -8.08
N10 SPD F . -20.37 51.24 -6.79
#